data_2RGK
#
_entry.id   2RGK
#
_cell.length_a   245.870
_cell.length_b   142.158
_cell.length_c   94.591
_cell.angle_alpha   90.00
_cell.angle_beta   107.61
_cell.angle_gamma   90.00
#
_symmetry.space_group_name_H-M   'C 1 2 1'
#
loop_
_entity.id
_entity.type
_entity.pdbx_description
1 polymer 'Uncharacterized sugar isomerase yihS'
2 non-polymer '4-(2-HYDROXYETHYL)-1-PIPERAZINE ETHANESULFONIC ACID'
3 water water
#
_entity_poly.entity_id   1
_entity_poly.type   'polypeptide(L)'
_entity_poly.pdbx_seq_one_letter_code
;MKWFNTLSHNRWLEQETDRIFDFGKNSVVPTGFGWLGNKGQIKEEMGTHLWITARMLHVYSVAAAMGRPGAYSLVDHGIK
AMNGALRDKKYGGWYACVNDEGVVDASKQGYQHFFALLGAASAVTTGHPEARKLLDYTIEIIEKYFWSEEEQMCLESWDE
AFSKTEEYRGGNANMHAVEAFLIVYDVTHDKKWLDRAIRVASVIIHDVARNNHYRVNEHFDTQWNPLPDYNKDNPAHRFR
AFGGTPGHWIEWGRLMLHIHAALEARCEQPPAWLLEDAKGLFNATVRDAWAPDGADGIVYTVDWEGKPVVRERVRWPIVE
AMGTAYALYTVTGDRQYETWYQTWWEYCIKYLMDYENGSWWQELDADNKVTTKVWDGKQDIYHLLHCLVIPRIPLAPGMA
PAVAAGLLDINAKLEHHHHHH
;
_entity_poly.pdbx_strand_id   A,B,C,D,E,F
#
# COMPACT_ATOMS: atom_id res chain seq x y z
N MET A 1 2.26 0.85 -24.46
CA MET A 1 0.88 0.83 -23.89
C MET A 1 0.68 -0.38 -22.99
N LYS A 2 0.52 -0.15 -21.70
CA LYS A 2 0.31 -1.27 -20.80
C LYS A 2 -1.03 -1.22 -20.10
N TRP A 3 -1.68 -2.37 -19.99
CA TRP A 3 -2.98 -2.49 -19.34
C TRP A 3 -2.93 -3.52 -18.22
N PHE A 4 -2.27 -4.64 -18.47
CA PHE A 4 -2.17 -5.70 -17.48
C PHE A 4 -1.65 -5.18 -16.15
N ASN A 5 -2.36 -5.50 -15.09
CA ASN A 5 -1.95 -5.11 -13.75
C ASN A 5 -1.99 -3.62 -13.45
N THR A 6 -2.87 -2.89 -14.14
CA THR A 6 -3.05 -1.47 -13.89
C THR A 6 -4.47 -1.35 -13.35
N LEU A 7 -4.63 -0.71 -12.22
CA LEU A 7 -5.93 -0.55 -11.61
C LEU A 7 -6.95 0.11 -12.52
N SER A 8 -6.51 1.05 -13.34
CA SER A 8 -7.42 1.74 -14.25
C SER A 8 -8.06 0.77 -15.22
N HIS A 9 -7.25 -0.08 -15.84
CA HIS A 9 -7.79 -1.07 -16.78
C HIS A 9 -8.70 -2.06 -16.07
N ASN A 10 -8.25 -2.53 -14.91
CA ASN A 10 -9.02 -3.50 -14.14
C ASN A 10 -10.37 -2.93 -13.68
N ARG A 11 -10.43 -1.63 -13.43
CA ARG A 11 -11.69 -1.02 -13.02
C ARG A 11 -12.64 -1.08 -14.20
N TRP A 12 -12.09 -0.90 -15.40
CA TRP A 12 -12.90 -0.96 -16.60
C TRP A 12 -13.42 -2.38 -16.79
N LEU A 13 -12.60 -3.36 -16.44
CA LEU A 13 -12.99 -4.76 -16.56
C LEU A 13 -14.12 -5.08 -15.58
N GLU A 14 -13.94 -4.66 -14.32
CA GLU A 14 -14.96 -4.92 -13.31
C GLU A 14 -16.30 -4.28 -13.67
N GLN A 15 -16.25 -3.04 -14.14
CA GLN A 15 -17.46 -2.33 -14.52
C GLN A 15 -18.17 -3.05 -15.67
N GLU A 16 -17.41 -3.66 -16.57
CA GLU A 16 -17.99 -4.41 -17.67
C GLU A 16 -18.50 -5.76 -17.13
N THR A 17 -17.80 -6.28 -16.13
CA THR A 17 -18.16 -7.53 -15.49
C THR A 17 -19.56 -7.38 -14.89
N ASP A 18 -19.78 -6.26 -14.19
CA ASP A 18 -21.08 -6.00 -13.59
C ASP A 18 -22.18 -5.95 -14.63
N ARG A 19 -21.88 -5.36 -15.78
CA ARG A 19 -22.87 -5.26 -16.86
C ARG A 19 -23.25 -6.66 -17.31
N ILE A 20 -22.26 -7.56 -17.30
CA ILE A 20 -22.49 -8.96 -17.69
C ILE A 20 -23.23 -9.72 -16.61
N PHE A 21 -22.92 -9.45 -15.34
CA PHE A 21 -23.60 -10.11 -14.24
C PHE A 21 -25.08 -9.76 -14.30
N ASP A 22 -25.36 -8.50 -14.55
CA ASP A 22 -26.74 -8.02 -14.61
C ASP A 22 -27.54 -8.66 -15.74
N PHE A 23 -26.93 -8.78 -16.91
CA PHE A 23 -27.62 -9.38 -18.05
C PHE A 23 -28.14 -10.78 -17.74
N GLY A 24 -27.33 -11.58 -17.06
CA GLY A 24 -27.72 -12.94 -16.75
C GLY A 24 -28.74 -13.13 -15.64
N LYS A 25 -28.97 -12.09 -14.84
CA LYS A 25 -29.91 -12.19 -13.74
C LYS A 25 -31.32 -12.59 -14.16
N ASN A 26 -31.66 -12.30 -15.41
CA ASN A 26 -32.99 -12.60 -15.91
C ASN A 26 -33.19 -14.01 -16.46
N SER A 27 -32.13 -14.79 -16.51
CA SER A 27 -32.23 -16.17 -17.01
C SER A 27 -32.89 -17.07 -15.98
N VAL A 28 -33.07 -16.56 -14.77
CA VAL A 28 -33.70 -17.34 -13.71
C VAL A 28 -35.08 -17.87 -14.08
N VAL A 29 -35.27 -19.17 -13.83
CA VAL A 29 -36.53 -19.83 -14.08
C VAL A 29 -36.70 -20.84 -12.94
N PRO A 30 -37.92 -21.36 -12.75
CA PRO A 30 -38.18 -22.33 -11.68
C PRO A 30 -37.20 -23.51 -11.61
N THR A 31 -36.96 -24.13 -12.75
CA THR A 31 -36.08 -25.29 -12.82
C THR A 31 -34.60 -24.99 -12.97
N GLY A 32 -34.21 -23.72 -12.86
CA GLY A 32 -32.80 -23.40 -12.99
C GLY A 32 -32.57 -22.12 -13.77
N PHE A 33 -31.70 -22.19 -14.77
CA PHE A 33 -31.40 -21.02 -15.59
C PHE A 33 -31.77 -21.29 -17.05
N GLY A 34 -32.41 -20.30 -17.67
CA GLY A 34 -32.85 -20.45 -19.04
C GLY A 34 -31.96 -19.89 -20.13
N TRP A 35 -32.48 -19.92 -21.35
CA TRP A 35 -31.77 -19.45 -22.54
C TRP A 35 -32.09 -17.99 -22.87
N LEU A 36 -31.13 -17.10 -22.65
CA LEU A 36 -31.31 -15.68 -22.92
C LEU A 36 -31.18 -15.32 -24.40
N GLY A 37 -32.07 -14.45 -24.87
CA GLY A 37 -32.06 -14.05 -26.27
C GLY A 37 -31.30 -12.76 -26.52
N ASN A 38 -31.31 -12.32 -27.78
CA ASN A 38 -30.60 -11.10 -28.17
C ASN A 38 -30.98 -9.85 -27.38
N LYS A 39 -32.00 -9.96 -26.55
CA LYS A 39 -32.46 -8.83 -25.74
C LYS A 39 -32.49 -9.18 -24.27
N GLY A 40 -31.82 -10.27 -23.89
CA GLY A 40 -31.80 -10.68 -22.50
C GLY A 40 -33.12 -11.25 -22.00
N GLN A 41 -34.03 -11.52 -22.92
CA GLN A 41 -35.33 -12.10 -22.58
C GLN A 41 -35.17 -13.61 -22.62
N ILE A 42 -36.01 -14.33 -21.89
CA ILE A 42 -35.92 -15.78 -21.85
C ILE A 42 -36.56 -16.43 -23.07
N LYS A 43 -35.80 -17.28 -23.75
CA LYS A 43 -36.31 -18.00 -24.92
C LYS A 43 -36.87 -19.31 -24.41
N GLU A 44 -37.99 -19.19 -23.69
CA GLU A 44 -38.70 -20.31 -23.09
C GLU A 44 -38.74 -21.62 -23.89
N GLU A 45 -38.63 -21.55 -25.21
CA GLU A 45 -38.67 -22.77 -26.02
C GLU A 45 -37.41 -23.62 -25.86
N MET A 46 -36.28 -22.97 -25.63
CA MET A 46 -35.01 -23.70 -25.48
C MET A 46 -35.00 -24.51 -24.19
N GLY A 47 -35.87 -24.17 -23.25
CA GLY A 47 -35.94 -24.91 -22.01
C GLY A 47 -34.81 -24.62 -21.04
N THR A 48 -34.57 -25.56 -20.13
CA THR A 48 -33.53 -25.40 -19.13
C THR A 48 -32.42 -26.43 -19.34
N HIS A 49 -31.29 -25.97 -19.88
CA HIS A 49 -30.17 -26.84 -20.12
C HIS A 49 -29.28 -27.01 -18.89
N LEU A 50 -28.74 -28.20 -18.75
CA LEU A 50 -27.84 -28.53 -17.65
C LEU A 50 -26.58 -27.68 -17.74
N TRP A 51 -25.93 -27.67 -18.91
CA TRP A 51 -24.72 -26.90 -19.03
C TRP A 51 -24.92 -25.42 -18.69
N ILE A 52 -26.04 -24.85 -19.13
CA ILE A 52 -26.33 -23.45 -18.83
C ILE A 52 -26.50 -23.22 -17.32
N THR A 53 -27.33 -24.04 -16.68
CA THR A 53 -27.57 -23.92 -15.24
C THR A 53 -26.27 -24.11 -14.47
N ALA A 54 -25.45 -25.06 -14.91
CA ALA A 54 -24.18 -25.33 -14.26
C ALA A 54 -23.25 -24.13 -14.40
N ARG A 55 -23.19 -23.55 -15.59
CA ARG A 55 -22.31 -22.40 -15.81
C ARG A 55 -22.73 -21.23 -14.94
N MET A 56 -24.01 -20.88 -14.99
CA MET A 56 -24.55 -19.77 -14.19
C MET A 56 -24.22 -19.95 -12.71
N LEU A 57 -24.43 -21.15 -12.19
CA LEU A 57 -24.12 -21.43 -10.79
C LEU A 57 -22.66 -21.06 -10.53
N HIS A 58 -21.81 -21.36 -11.50
CA HIS A 58 -20.39 -21.07 -11.41
C HIS A 58 -20.13 -19.57 -11.50
N VAL A 59 -20.80 -18.92 -12.45
CA VAL A 59 -20.64 -17.49 -12.65
C VAL A 59 -21.02 -16.66 -11.42
N TYR A 60 -22.15 -16.98 -10.80
CA TYR A 60 -22.57 -16.20 -9.65
C TYR A 60 -21.82 -16.52 -8.37
N SER A 61 -21.12 -17.65 -8.35
CA SER A 61 -20.31 -17.97 -7.17
C SER A 61 -19.21 -16.91 -7.19
N VAL A 62 -18.75 -16.56 -8.38
CA VAL A 62 -17.70 -15.57 -8.55
C VAL A 62 -18.21 -14.17 -8.22
N ALA A 63 -19.42 -13.86 -8.68
CA ALA A 63 -20.03 -12.56 -8.43
C ALA A 63 -20.24 -12.36 -6.93
N ALA A 64 -20.55 -13.46 -6.26
CA ALA A 64 -20.79 -13.43 -4.82
C ALA A 64 -19.51 -13.15 -4.07
N ALA A 65 -18.41 -13.73 -4.53
CA ALA A 65 -17.13 -13.51 -3.88
C ALA A 65 -16.69 -12.06 -4.15
N MET A 66 -17.33 -11.43 -5.13
CA MET A 66 -17.01 -10.06 -5.50
C MET A 66 -17.86 -9.05 -4.73
N GLY A 67 -18.67 -9.54 -3.80
CA GLY A 67 -19.49 -8.65 -2.98
C GLY A 67 -20.75 -8.09 -3.60
N ARG A 68 -21.24 -8.71 -4.66
CA ARG A 68 -22.46 -8.25 -5.32
C ARG A 68 -23.72 -8.87 -4.71
N PRO A 69 -24.57 -8.07 -4.06
CA PRO A 69 -25.78 -8.66 -3.49
C PRO A 69 -26.69 -9.23 -4.59
N GLY A 70 -27.30 -10.37 -4.30
CA GLY A 70 -28.17 -11.01 -5.27
C GLY A 70 -27.50 -12.25 -5.85
N ALA A 71 -26.18 -12.17 -6.00
CA ALA A 71 -25.38 -13.27 -6.54
C ALA A 71 -25.57 -14.53 -5.71
N TYR A 72 -25.45 -14.40 -4.39
CA TYR A 72 -25.60 -15.55 -3.50
C TYR A 72 -26.98 -16.19 -3.63
N SER A 73 -27.99 -15.37 -3.92
CA SER A 73 -29.34 -15.89 -4.09
C SER A 73 -29.41 -16.75 -5.34
N LEU A 74 -28.65 -16.39 -6.37
CA LEU A 74 -28.63 -17.16 -7.60
C LEU A 74 -27.82 -18.44 -7.41
N VAL A 75 -26.77 -18.37 -6.59
CA VAL A 75 -25.96 -19.56 -6.32
C VAL A 75 -26.88 -20.55 -5.62
N ASP A 76 -27.65 -20.06 -4.66
CA ASP A 76 -28.60 -20.89 -3.93
C ASP A 76 -29.63 -21.49 -4.88
N HIS A 77 -30.13 -20.67 -5.80
CA HIS A 77 -31.11 -21.14 -6.76
C HIS A 77 -30.47 -22.22 -7.63
N GLY A 78 -29.21 -21.99 -8.00
CA GLY A 78 -28.50 -22.96 -8.81
C GLY A 78 -28.38 -24.30 -8.12
N ILE A 79 -27.99 -24.28 -6.85
CA ILE A 79 -27.85 -25.50 -6.06
C ILE A 79 -29.18 -26.24 -5.88
N LYS A 80 -30.27 -25.50 -5.67
CA LYS A 80 -31.57 -26.14 -5.51
C LYS A 80 -31.99 -26.75 -6.83
N ALA A 81 -31.54 -26.14 -7.92
CA ALA A 81 -31.84 -26.63 -9.26
C ALA A 81 -31.10 -27.94 -9.52
N MET A 82 -29.84 -27.99 -9.09
CA MET A 82 -29.02 -29.18 -9.27
C MET A 82 -29.53 -30.30 -8.39
N ASN A 83 -30.43 -29.97 -7.48
CA ASN A 83 -31.04 -30.93 -6.56
C ASN A 83 -32.51 -31.15 -6.91
N GLY A 84 -33.00 -30.44 -7.93
CA GLY A 84 -34.39 -30.58 -8.31
C GLY A 84 -34.65 -31.27 -9.63
N ALA A 85 -35.44 -30.62 -10.49
CA ALA A 85 -35.81 -31.14 -11.80
C ALA A 85 -34.69 -31.75 -12.63
N LEU A 86 -33.59 -31.01 -12.80
CA LEU A 86 -32.46 -31.51 -13.58
C LEU A 86 -31.89 -32.83 -13.07
N ARG A 87 -32.02 -33.11 -11.77
CA ARG A 87 -31.47 -34.36 -11.25
C ARG A 87 -32.40 -35.55 -11.47
N ASP A 88 -31.82 -36.60 -12.04
CA ASP A 88 -32.53 -37.85 -12.32
C ASP A 88 -32.55 -38.65 -11.01
N LYS A 89 -33.65 -38.56 -10.27
CA LYS A 89 -33.75 -39.27 -8.99
C LYS A 89 -33.77 -40.80 -9.17
N LYS A 90 -34.05 -41.26 -10.38
CA LYS A 90 -34.10 -42.70 -10.63
C LYS A 90 -32.74 -43.33 -10.96
N TYR A 91 -32.01 -42.73 -11.89
CA TYR A 91 -30.71 -43.26 -12.29
C TYR A 91 -29.52 -42.43 -11.81
N GLY A 92 -29.78 -41.24 -11.30
CA GLY A 92 -28.68 -40.40 -10.85
C GLY A 92 -28.16 -39.50 -11.95
N GLY A 93 -27.32 -38.53 -11.60
CA GLY A 93 -26.80 -37.62 -12.60
C GLY A 93 -27.86 -36.60 -12.99
N TRP A 94 -27.64 -35.91 -14.09
CA TRP A 94 -28.57 -34.88 -14.53
C TRP A 94 -28.96 -35.00 -16.00
N TYR A 95 -30.24 -34.77 -16.29
CA TYR A 95 -30.75 -34.80 -17.65
C TYR A 95 -30.10 -33.63 -18.39
N ALA A 96 -29.91 -33.78 -19.69
CA ALA A 96 -29.31 -32.71 -20.46
C ALA A 96 -30.25 -31.49 -20.54
N CYS A 97 -31.56 -31.73 -20.51
CA CYS A 97 -32.51 -30.62 -20.61
C CYS A 97 -33.91 -30.92 -20.09
N VAL A 98 -34.52 -29.94 -19.43
CA VAL A 98 -35.86 -30.09 -18.88
C VAL A 98 -36.59 -28.76 -18.94
N ASN A 99 -37.90 -28.81 -18.67
CA ASN A 99 -38.71 -27.60 -18.63
C ASN A 99 -39.77 -27.84 -17.56
N ASP A 100 -40.69 -26.91 -17.40
CA ASP A 100 -41.72 -27.05 -16.38
C ASP A 100 -42.71 -28.20 -16.56
N GLU A 101 -42.65 -28.88 -17.69
CA GLU A 101 -43.56 -30.00 -17.95
C GLU A 101 -42.87 -31.35 -17.72
N GLY A 102 -41.54 -31.37 -17.87
CA GLY A 102 -40.81 -32.61 -17.67
C GLY A 102 -39.43 -32.66 -18.31
N VAL A 103 -38.97 -33.86 -18.64
CA VAL A 103 -37.66 -34.03 -19.26
C VAL A 103 -37.72 -33.83 -20.76
N VAL A 104 -36.92 -32.88 -21.26
CA VAL A 104 -36.86 -32.60 -22.67
C VAL A 104 -35.84 -33.50 -23.34
N ASP A 105 -34.71 -33.71 -22.67
CA ASP A 105 -33.62 -34.56 -23.17
C ASP A 105 -33.03 -35.31 -21.98
N ALA A 106 -33.32 -36.60 -21.90
CA ALA A 106 -32.87 -37.46 -20.80
C ALA A 106 -31.44 -37.98 -20.89
N SER A 107 -30.76 -37.70 -22.00
CA SER A 107 -29.38 -38.16 -22.15
C SER A 107 -28.46 -37.59 -21.07
N LYS A 108 -27.38 -38.31 -20.80
CA LYS A 108 -26.40 -37.90 -19.80
C LYS A 108 -25.09 -37.54 -20.51
N GLN A 109 -24.95 -36.26 -20.83
CA GLN A 109 -23.77 -35.78 -21.54
C GLN A 109 -22.57 -35.44 -20.66
N GLY A 110 -21.43 -36.02 -21.02
CA GLY A 110 -20.20 -35.81 -20.27
C GLY A 110 -19.82 -34.37 -19.98
N TYR A 111 -19.52 -33.60 -21.02
CA TYR A 111 -19.10 -32.22 -20.82
C TYR A 111 -20.07 -31.42 -19.94
N GLN A 112 -21.36 -31.75 -19.99
CA GLN A 112 -22.33 -31.05 -19.15
C GLN A 112 -22.18 -31.47 -17.68
N HIS A 113 -21.88 -32.75 -17.46
CA HIS A 113 -21.67 -33.24 -16.11
C HIS A 113 -20.38 -32.66 -15.53
N PHE A 114 -19.40 -32.41 -16.38
CA PHE A 114 -18.16 -31.81 -15.91
C PHE A 114 -18.43 -30.33 -15.59
N PHE A 115 -19.37 -29.72 -16.28
CA PHE A 115 -19.70 -28.33 -15.97
C PHE A 115 -20.45 -28.33 -14.63
N ALA A 116 -21.13 -29.43 -14.34
CA ALA A 116 -21.85 -29.58 -13.09
C ALA A 116 -20.80 -29.60 -11.97
N LEU A 117 -19.74 -30.38 -12.20
CA LEU A 117 -18.66 -30.49 -11.24
C LEU A 117 -18.04 -29.11 -11.03
N LEU A 118 -17.85 -28.36 -12.12
CA LEU A 118 -17.28 -27.02 -12.04
C LEU A 118 -18.16 -26.12 -11.17
N GLY A 119 -19.42 -26.02 -11.55
CA GLY A 119 -20.35 -25.19 -10.80
C GLY A 119 -20.38 -25.55 -9.33
N ALA A 120 -20.46 -26.85 -9.04
CA ALA A 120 -20.48 -27.33 -7.67
C ALA A 120 -19.22 -26.91 -6.89
N ALA A 121 -18.06 -27.07 -7.52
CA ALA A 121 -16.79 -26.72 -6.88
C ALA A 121 -16.66 -25.22 -6.65
N SER A 122 -17.11 -24.43 -7.63
CA SER A 122 -17.05 -22.99 -7.49
C SER A 122 -18.05 -22.58 -6.41
N ALA A 123 -19.17 -23.30 -6.36
CA ALA A 123 -20.20 -23.01 -5.37
C ALA A 123 -19.65 -23.16 -3.96
N VAL A 124 -18.77 -24.13 -3.77
CA VAL A 124 -18.15 -24.38 -2.46
C VAL A 124 -17.36 -23.19 -1.94
N THR A 125 -16.82 -22.37 -2.83
CA THR A 125 -16.05 -21.20 -2.40
C THR A 125 -16.93 -20.13 -1.76
N THR A 126 -18.24 -20.19 -2.00
CA THR A 126 -19.15 -19.21 -1.41
C THR A 126 -19.39 -19.57 0.05
N GLY A 127 -19.29 -20.86 0.35
CA GLY A 127 -19.52 -21.31 1.71
C GLY A 127 -20.96 -21.74 1.92
N HIS A 128 -21.75 -21.75 0.84
CA HIS A 128 -23.14 -22.16 0.91
C HIS A 128 -23.20 -23.52 1.60
N PRO A 129 -24.01 -23.63 2.67
CA PRO A 129 -24.15 -24.88 3.42
C PRO A 129 -24.44 -26.16 2.63
N GLU A 130 -25.05 -26.03 1.46
CA GLU A 130 -25.36 -27.23 0.66
C GLU A 130 -24.38 -27.43 -0.49
N ALA A 131 -23.44 -26.52 -0.65
CA ALA A 131 -22.48 -26.63 -1.75
C ALA A 131 -21.56 -27.85 -1.65
N ARG A 132 -20.97 -28.07 -0.48
CA ARG A 132 -20.10 -29.22 -0.30
C ARG A 132 -20.84 -30.50 -0.62
N LYS A 133 -22.09 -30.58 -0.17
CA LYS A 133 -22.95 -31.73 -0.41
C LYS A 133 -23.08 -31.99 -1.91
N LEU A 134 -23.33 -30.93 -2.68
CA LEU A 134 -23.47 -31.08 -4.12
C LEU A 134 -22.17 -31.55 -4.76
N LEU A 135 -21.04 -30.98 -4.34
CA LEU A 135 -19.76 -31.37 -4.89
C LEU A 135 -19.49 -32.86 -4.67
N ASP A 136 -19.70 -33.33 -3.44
CA ASP A 136 -19.46 -34.73 -3.12
C ASP A 136 -20.31 -35.64 -3.98
N TYR A 137 -21.59 -35.30 -4.11
CA TYR A 137 -22.50 -36.09 -4.91
C TYR A 137 -22.05 -36.09 -6.38
N THR A 138 -21.63 -34.93 -6.86
CA THR A 138 -21.17 -34.80 -8.25
C THR A 138 -19.91 -35.62 -8.50
N ILE A 139 -19.03 -35.67 -7.50
CA ILE A 139 -17.81 -36.44 -7.61
C ILE A 139 -18.14 -37.91 -7.79
N GLU A 140 -19.13 -38.40 -7.04
CA GLU A 140 -19.55 -39.79 -7.13
C GLU A 140 -19.98 -40.15 -8.55
N ILE A 141 -20.92 -39.37 -9.10
CA ILE A 141 -21.42 -39.60 -10.45
C ILE A 141 -20.30 -39.51 -11.50
N ILE A 142 -19.36 -38.60 -11.28
CA ILE A 142 -18.24 -38.44 -12.21
C ILE A 142 -17.31 -39.66 -12.16
N GLU A 143 -16.96 -40.10 -10.96
CA GLU A 143 -16.07 -41.24 -10.81
C GLU A 143 -16.74 -42.57 -11.14
N LYS A 144 -18.06 -42.52 -11.31
CA LYS A 144 -18.79 -43.73 -11.63
C LYS A 144 -19.13 -43.84 -13.10
N TYR A 145 -19.41 -42.72 -13.75
CA TYR A 145 -19.79 -42.78 -15.16
C TYR A 145 -18.99 -41.95 -16.16
N PHE A 146 -18.22 -40.98 -15.70
CA PHE A 146 -17.52 -40.16 -16.66
C PHE A 146 -16.00 -40.15 -16.64
N TRP A 147 -15.39 -40.60 -15.55
CA TRP A 147 -13.95 -40.69 -15.51
C TRP A 147 -13.62 -42.18 -15.63
N SER A 148 -13.16 -42.60 -16.80
CA SER A 148 -12.83 -44.00 -17.02
C SER A 148 -11.58 -44.39 -16.23
N GLU A 149 -11.76 -45.29 -15.28
CA GLU A 149 -10.63 -45.75 -14.47
C GLU A 149 -9.71 -46.55 -15.37
N GLU A 150 -10.33 -47.29 -16.28
CA GLU A 150 -9.60 -48.13 -17.23
C GLU A 150 -8.84 -47.33 -18.28
N GLU A 151 -9.44 -46.23 -18.74
CA GLU A 151 -8.82 -45.38 -19.77
C GLU A 151 -7.99 -44.22 -19.24
N GLN A 152 -8.24 -43.80 -18.00
CA GLN A 152 -7.55 -42.66 -17.44
C GLN A 152 -7.81 -41.48 -18.35
N MET A 153 -9.06 -41.37 -18.77
CA MET A 153 -9.55 -40.29 -19.64
C MET A 153 -11.04 -40.20 -19.35
N CYS A 154 -11.73 -39.22 -19.95
CA CYS A 154 -13.15 -39.05 -19.71
C CYS A 154 -14.04 -39.57 -20.84
N LEU A 155 -15.17 -40.13 -20.45
CA LEU A 155 -16.15 -40.67 -21.40
C LEU A 155 -16.99 -39.52 -21.99
N GLU A 156 -17.63 -39.77 -23.12
CA GLU A 156 -18.41 -38.75 -23.79
C GLU A 156 -19.85 -38.62 -23.32
N SER A 157 -20.63 -39.71 -23.40
CA SER A 157 -22.03 -39.66 -22.99
C SER A 157 -22.67 -41.03 -22.77
N TRP A 158 -23.82 -41.03 -22.10
CA TRP A 158 -24.57 -42.26 -21.83
C TRP A 158 -26.05 -42.02 -22.11
N ASP A 159 -26.81 -43.11 -22.17
CA ASP A 159 -28.24 -43.00 -22.37
C ASP A 159 -28.83 -42.62 -21.00
N GLU A 160 -30.11 -42.28 -20.96
CA GLU A 160 -30.74 -41.92 -19.70
C GLU A 160 -30.45 -42.88 -18.55
N ALA A 161 -30.49 -44.18 -18.84
CA ALA A 161 -30.28 -45.19 -17.80
C ALA A 161 -28.85 -45.65 -17.53
N PHE A 162 -27.86 -44.96 -18.08
CA PHE A 162 -26.46 -45.34 -17.86
C PHE A 162 -26.18 -46.81 -18.16
N SER A 163 -26.74 -47.33 -19.26
CA SER A 163 -26.52 -48.73 -19.62
C SER A 163 -25.58 -48.90 -20.81
N LYS A 164 -25.29 -47.81 -21.50
CA LYS A 164 -24.41 -47.85 -22.66
C LYS A 164 -23.76 -46.50 -22.92
N THR A 165 -22.43 -46.47 -22.94
CA THR A 165 -21.72 -45.23 -23.19
C THR A 165 -21.47 -45.13 -24.68
N GLU A 166 -21.48 -43.91 -25.21
CA GLU A 166 -21.26 -43.70 -26.64
C GLU A 166 -19.86 -44.10 -27.06
N GLU A 167 -19.78 -44.82 -28.18
CA GLU A 167 -18.51 -45.29 -28.70
C GLU A 167 -17.81 -44.14 -29.42
N TYR A 168 -17.48 -43.11 -28.65
CA TYR A 168 -16.81 -41.91 -29.15
C TYR A 168 -16.12 -41.20 -28.00
N ARG A 169 -14.97 -40.61 -28.28
CA ARG A 169 -14.22 -39.88 -27.27
C ARG A 169 -13.91 -38.51 -27.87
N GLY A 170 -14.12 -37.45 -27.09
CA GLY A 170 -13.87 -36.13 -27.61
C GLY A 170 -13.04 -35.23 -26.73
N GLY A 171 -12.45 -34.21 -27.33
CA GLY A 171 -11.62 -33.28 -26.61
C GLY A 171 -12.36 -32.30 -25.70
N ASN A 172 -13.46 -31.73 -26.20
CA ASN A 172 -14.19 -30.77 -25.40
C ASN A 172 -14.61 -31.31 -24.03
N ALA A 173 -15.14 -32.52 -24.00
CA ALA A 173 -15.57 -33.10 -22.75
C ALA A 173 -14.39 -33.23 -21.80
N ASN A 174 -13.28 -33.75 -22.30
CA ASN A 174 -12.09 -33.93 -21.47
C ASN A 174 -11.43 -32.62 -21.03
N MET A 175 -11.60 -31.57 -21.83
CA MET A 175 -11.00 -30.28 -21.51
C MET A 175 -11.77 -29.65 -20.36
N HIS A 176 -13.09 -29.65 -20.46
CA HIS A 176 -13.90 -29.07 -19.39
C HIS A 176 -13.75 -29.89 -18.13
N ALA A 177 -13.37 -31.15 -18.29
CA ALA A 177 -13.13 -32.02 -17.15
C ALA A 177 -11.88 -31.46 -16.47
N VAL A 178 -10.85 -31.16 -17.25
CA VAL A 178 -9.61 -30.58 -16.73
C VAL A 178 -9.90 -29.25 -16.03
N GLU A 179 -10.72 -28.42 -16.67
CA GLU A 179 -11.11 -27.13 -16.12
C GLU A 179 -11.75 -27.32 -14.75
N ALA A 180 -12.70 -28.27 -14.67
CA ALA A 180 -13.41 -28.57 -13.43
C ALA A 180 -12.49 -29.22 -12.39
N PHE A 181 -11.55 -30.05 -12.83
CA PHE A 181 -10.63 -30.72 -11.91
C PHE A 181 -9.75 -29.70 -11.18
N LEU A 182 -9.28 -28.69 -11.90
CA LEU A 182 -8.44 -27.66 -11.28
C LEU A 182 -9.13 -27.06 -10.06
N ILE A 183 -10.40 -26.69 -10.22
CA ILE A 183 -11.16 -26.09 -9.12
C ILE A 183 -11.51 -27.11 -8.03
N VAL A 184 -11.90 -28.33 -8.41
CA VAL A 184 -12.21 -29.36 -7.43
C VAL A 184 -10.95 -29.56 -6.58
N TYR A 185 -9.81 -29.53 -7.25
CA TYR A 185 -8.54 -29.71 -6.59
C TYR A 185 -8.25 -28.55 -5.64
N ASP A 186 -8.70 -27.35 -6.01
CA ASP A 186 -8.47 -26.18 -5.17
C ASP A 186 -9.28 -26.19 -3.89
N VAL A 187 -10.46 -26.82 -3.92
CA VAL A 187 -11.30 -26.87 -2.74
C VAL A 187 -11.27 -28.23 -2.01
N THR A 188 -10.27 -29.05 -2.28
CA THR A 188 -10.14 -30.35 -1.62
C THR A 188 -8.68 -30.70 -1.36
N HIS A 189 -7.81 -30.35 -2.31
CA HIS A 189 -6.40 -30.65 -2.24
C HIS A 189 -6.18 -32.16 -2.23
N ASP A 190 -6.96 -32.84 -3.06
CA ASP A 190 -6.86 -34.27 -3.21
C ASP A 190 -6.05 -34.37 -4.50
N LYS A 191 -4.76 -34.64 -4.34
CA LYS A 191 -3.81 -34.75 -5.44
C LYS A 191 -4.35 -35.34 -6.75
N LYS A 192 -5.15 -36.40 -6.65
CA LYS A 192 -5.68 -37.08 -7.82
C LYS A 192 -6.37 -36.20 -8.86
N TRP A 193 -7.07 -35.15 -8.43
CA TRP A 193 -7.76 -34.29 -9.38
C TRP A 193 -6.77 -33.54 -10.28
N LEU A 194 -5.65 -33.10 -9.71
CA LEU A 194 -4.67 -32.40 -10.53
C LEU A 194 -3.90 -33.41 -11.39
N ASP A 195 -3.72 -34.62 -10.86
CA ASP A 195 -3.03 -35.69 -11.60
C ASP A 195 -3.85 -36.05 -12.83
N ARG A 196 -5.17 -36.15 -12.64
CA ARG A 196 -6.06 -36.47 -13.74
C ARG A 196 -6.01 -35.37 -14.81
N ALA A 197 -5.97 -34.13 -14.35
CA ALA A 197 -5.90 -33.00 -15.25
C ALA A 197 -4.63 -33.14 -16.09
N ILE A 198 -3.51 -33.41 -15.41
CA ILE A 198 -2.23 -33.58 -16.08
C ILE A 198 -2.33 -34.70 -17.10
N ARG A 199 -2.83 -35.84 -16.64
CA ARG A 199 -3.00 -37.01 -17.47
C ARG A 199 -3.76 -36.67 -18.74
N VAL A 200 -4.97 -36.12 -18.59
CA VAL A 200 -5.81 -35.77 -19.72
C VAL A 200 -5.10 -34.85 -20.72
N ALA A 201 -4.42 -33.83 -20.21
CA ALA A 201 -3.72 -32.88 -21.05
C ALA A 201 -2.51 -33.51 -21.75
N SER A 202 -1.82 -34.43 -21.08
CA SER A 202 -0.65 -35.06 -21.72
C SER A 202 -1.07 -35.92 -22.92
N VAL A 203 -2.26 -36.49 -22.85
CA VAL A 203 -2.76 -37.32 -23.94
C VAL A 203 -3.27 -36.44 -25.09
N ILE A 204 -4.32 -35.68 -24.84
CA ILE A 204 -4.93 -34.83 -25.85
C ILE A 204 -4.02 -33.73 -26.42
N ILE A 205 -3.19 -33.12 -25.57
CA ILE A 205 -2.32 -32.06 -26.06
C ILE A 205 -0.88 -32.44 -26.35
N HIS A 206 -0.16 -32.90 -25.33
CA HIS A 206 1.25 -33.25 -25.49
C HIS A 206 1.55 -34.38 -26.46
N ASP A 207 0.68 -35.38 -26.53
CA ASP A 207 0.90 -36.50 -27.43
C ASP A 207 0.30 -36.26 -28.81
N VAL A 208 -0.95 -35.81 -28.85
CA VAL A 208 -1.64 -35.58 -30.13
C VAL A 208 -1.43 -34.22 -30.78
N ALA A 209 -1.98 -33.15 -30.18
CA ALA A 209 -1.85 -31.81 -30.75
C ALA A 209 -0.41 -31.44 -31.07
N ARG A 210 0.49 -31.68 -30.13
CA ARG A 210 1.91 -31.37 -30.29
C ARG A 210 2.45 -31.95 -31.59
N ASN A 211 2.02 -33.17 -31.92
CA ASN A 211 2.46 -33.84 -33.14
C ASN A 211 1.53 -33.55 -34.32
N ASN A 212 0.69 -32.54 -34.18
CA ASN A 212 -0.26 -32.18 -35.23
C ASN A 212 -0.24 -30.66 -35.43
N HIS A 213 0.98 -30.10 -35.42
CA HIS A 213 1.20 -28.67 -35.60
C HIS A 213 0.42 -27.85 -34.57
N TYR A 214 0.29 -28.43 -33.38
CA TYR A 214 -0.43 -27.81 -32.29
C TYR A 214 -1.87 -27.49 -32.64
N ARG A 215 -2.43 -28.31 -33.52
CA ARG A 215 -3.82 -28.20 -33.91
C ARG A 215 -4.47 -29.34 -33.15
N VAL A 216 -5.39 -29.02 -32.24
CA VAL A 216 -6.06 -30.02 -31.44
C VAL A 216 -7.00 -30.91 -32.25
N ASN A 217 -6.87 -32.22 -32.05
CA ASN A 217 -7.73 -33.18 -32.72
C ASN A 217 -8.89 -33.46 -31.76
N GLU A 218 -10.10 -33.12 -32.19
CA GLU A 218 -11.29 -33.30 -31.34
C GLU A 218 -11.82 -34.70 -31.19
N HIS A 219 -12.01 -35.36 -32.34
CA HIS A 219 -12.62 -36.67 -32.43
C HIS A 219 -11.73 -37.91 -32.31
N PHE A 220 -12.17 -38.85 -31.47
CA PHE A 220 -11.46 -40.09 -31.25
C PHE A 220 -12.44 -41.25 -31.17
N ASP A 221 -11.99 -42.46 -31.48
CA ASP A 221 -12.85 -43.63 -31.40
C ASP A 221 -12.71 -44.13 -29.97
N THR A 222 -13.34 -45.26 -29.66
CA THR A 222 -13.30 -45.81 -28.32
C THR A 222 -11.91 -46.08 -27.73
N GLN A 223 -10.95 -46.39 -28.58
CA GLN A 223 -9.59 -46.66 -28.09
C GLN A 223 -8.70 -45.45 -28.20
N TRP A 224 -9.32 -44.28 -28.32
CA TRP A 224 -8.60 -43.02 -28.44
C TRP A 224 -7.74 -42.86 -29.68
N ASN A 225 -8.15 -43.53 -30.75
CA ASN A 225 -7.47 -43.41 -32.03
C ASN A 225 -8.04 -42.13 -32.61
N PRO A 226 -7.18 -41.22 -33.10
CA PRO A 226 -7.74 -39.99 -33.66
C PRO A 226 -8.58 -40.28 -34.90
N LEU A 227 -9.62 -39.48 -35.11
CA LEU A 227 -10.50 -39.61 -36.28
C LEU A 227 -10.45 -38.27 -37.00
N PRO A 228 -9.30 -37.93 -37.59
CA PRO A 228 -9.11 -36.67 -38.30
C PRO A 228 -10.09 -36.39 -39.43
N ASP A 229 -10.75 -37.44 -39.94
CA ASP A 229 -11.70 -37.24 -41.04
C ASP A 229 -13.14 -37.21 -40.58
N TYR A 230 -13.33 -37.15 -39.26
CA TYR A 230 -14.67 -37.10 -38.69
C TYR A 230 -15.43 -35.91 -39.27
N ASN A 231 -16.58 -36.18 -39.88
CA ASN A 231 -17.42 -35.14 -40.48
C ASN A 231 -16.75 -34.37 -41.61
N LYS A 232 -15.76 -34.96 -42.25
CA LYS A 232 -15.07 -34.28 -43.35
C LYS A 232 -16.01 -34.15 -44.56
N ASP A 233 -17.07 -34.96 -44.57
CA ASP A 233 -18.04 -34.95 -45.64
C ASP A 233 -18.90 -33.70 -45.58
N ASN A 234 -19.14 -33.21 -44.36
CA ASN A 234 -19.93 -32.01 -44.15
C ASN A 234 -19.19 -31.10 -43.16
N PRO A 235 -18.05 -30.53 -43.61
CA PRO A 235 -17.18 -29.64 -42.84
C PRO A 235 -17.87 -28.47 -42.15
N ALA A 236 -18.96 -27.98 -42.75
CA ALA A 236 -19.68 -26.84 -42.19
C ALA A 236 -20.64 -27.19 -41.06
N HIS A 237 -20.97 -28.47 -40.90
CA HIS A 237 -21.87 -28.88 -39.82
C HIS A 237 -21.25 -28.51 -38.48
N ARG A 238 -22.01 -27.76 -37.68
CA ARG A 238 -21.55 -27.31 -36.38
C ARG A 238 -21.33 -28.37 -35.31
N PHE A 239 -22.22 -29.36 -35.21
CA PHE A 239 -22.03 -30.40 -34.19
C PHE A 239 -20.84 -31.29 -34.53
N ARG A 240 -19.85 -31.28 -33.65
CA ARG A 240 -18.64 -32.07 -33.85
C ARG A 240 -18.10 -31.72 -35.22
N ALA A 241 -17.98 -30.42 -35.46
CA ALA A 241 -17.49 -29.90 -36.72
C ALA A 241 -16.18 -30.58 -37.10
N PHE A 242 -15.94 -30.72 -38.39
CA PHE A 242 -14.71 -31.32 -38.86
C PHE A 242 -13.52 -30.39 -38.63
N GLY A 243 -12.32 -30.97 -38.51
CA GLY A 243 -11.12 -30.17 -38.30
C GLY A 243 -10.88 -29.71 -36.87
N GLY A 244 -10.03 -28.70 -36.71
CA GLY A 244 -9.73 -28.19 -35.38
C GLY A 244 -10.45 -26.89 -35.07
N THR A 245 -10.66 -26.63 -33.78
CA THR A 245 -11.34 -25.41 -33.33
C THR A 245 -10.37 -24.57 -32.51
N PRO A 246 -9.70 -23.59 -33.14
CA PRO A 246 -8.73 -22.70 -32.51
C PRO A 246 -9.13 -22.19 -31.12
N GLY A 247 -10.40 -21.83 -30.97
CA GLY A 247 -10.88 -21.37 -29.69
C GLY A 247 -10.49 -22.36 -28.60
N HIS A 248 -10.72 -23.64 -28.88
CA HIS A 248 -10.36 -24.69 -27.92
C HIS A 248 -8.85 -24.82 -27.75
N TRP A 249 -8.12 -24.71 -28.85
CA TRP A 249 -6.67 -24.82 -28.78
C TRP A 249 -6.16 -23.88 -27.69
N ILE A 250 -6.61 -22.64 -27.78
CA ILE A 250 -6.19 -21.60 -26.86
C ILE A 250 -6.71 -21.77 -25.43
N GLU A 251 -7.89 -22.38 -25.25
CA GLU A 251 -8.40 -22.62 -23.91
C GLU A 251 -7.46 -23.65 -23.26
N TRP A 252 -7.16 -24.71 -24.01
CA TRP A 252 -6.26 -25.74 -23.51
C TRP A 252 -4.96 -25.12 -23.00
N GLY A 253 -4.44 -24.16 -23.77
CA GLY A 253 -3.22 -23.49 -23.38
C GLY A 253 -3.36 -22.87 -22.01
N ARG A 254 -4.43 -22.11 -21.81
CA ARG A 254 -4.64 -21.46 -20.52
C ARG A 254 -4.78 -22.46 -19.40
N LEU A 255 -5.58 -23.51 -19.62
CA LEU A 255 -5.78 -24.52 -18.59
C LEU A 255 -4.48 -25.17 -18.17
N MET A 256 -3.58 -25.40 -19.14
CA MET A 256 -2.30 -26.03 -18.83
C MET A 256 -1.45 -25.12 -17.95
N LEU A 257 -1.63 -23.80 -18.08
CA LEU A 257 -0.88 -22.87 -17.27
C LEU A 257 -1.47 -22.81 -15.87
N HIS A 258 -2.78 -23.01 -15.74
CA HIS A 258 -3.40 -23.02 -14.42
C HIS A 258 -2.78 -24.20 -13.66
N ILE A 259 -2.45 -25.26 -14.40
CA ILE A 259 -1.85 -26.45 -13.82
C ILE A 259 -0.41 -26.14 -13.41
N HIS A 260 0.25 -25.38 -14.27
CA HIS A 260 1.63 -24.93 -14.06
C HIS A 260 1.67 -24.16 -12.75
N ALA A 261 0.76 -23.19 -12.62
CA ALA A 261 0.68 -22.35 -11.42
C ALA A 261 0.40 -23.15 -10.16
N ALA A 262 -0.53 -24.10 -10.25
CA ALA A 262 -0.87 -24.92 -9.09
C ALA A 262 0.39 -25.65 -8.61
N LEU A 263 1.08 -26.31 -9.54
CA LEU A 263 2.29 -27.04 -9.23
C LEU A 263 3.31 -26.16 -8.51
N GLU A 264 3.48 -24.92 -8.95
CA GLU A 264 4.42 -24.02 -8.30
C GLU A 264 3.91 -23.54 -6.94
N ALA A 265 2.61 -23.33 -6.82
CA ALA A 265 2.02 -22.87 -5.56
C ALA A 265 2.35 -23.82 -4.40
N ARG A 266 2.75 -25.05 -4.73
CA ARG A 266 3.11 -26.01 -3.70
C ARG A 266 4.60 -26.36 -3.79
N CYS A 267 5.40 -25.39 -4.22
CA CYS A 267 6.84 -25.52 -4.34
C CYS A 267 7.34 -26.72 -5.18
N GLU A 268 6.64 -27.00 -6.28
CA GLU A 268 7.02 -28.10 -7.16
C GLU A 268 7.28 -27.57 -8.57
N GLN A 269 8.43 -27.91 -9.16
CA GLN A 269 8.71 -27.43 -10.51
C GLN A 269 7.87 -28.16 -11.53
N PRO A 270 7.04 -27.43 -12.27
CA PRO A 270 6.18 -28.05 -13.28
C PRO A 270 6.91 -28.57 -14.50
N PRO A 271 6.41 -29.66 -15.09
CA PRO A 271 7.03 -30.24 -16.28
C PRO A 271 7.18 -29.11 -17.28
N ALA A 272 8.25 -29.15 -18.06
CA ALA A 272 8.50 -28.09 -19.03
C ALA A 272 7.43 -28.01 -20.14
N TRP A 273 6.90 -29.17 -20.54
CA TRP A 273 5.92 -29.21 -21.61
C TRP A 273 4.63 -28.44 -21.38
N LEU A 274 4.29 -28.15 -20.13
CA LEU A 274 3.06 -27.40 -19.87
C LEU A 274 3.16 -26.04 -20.53
N LEU A 275 4.24 -25.31 -20.25
CA LEU A 275 4.43 -23.99 -20.83
C LEU A 275 4.78 -24.06 -22.31
N GLU A 276 5.61 -25.03 -22.68
CA GLU A 276 6.01 -25.21 -24.08
C GLU A 276 4.78 -25.39 -24.93
N ASP A 277 3.90 -26.29 -24.52
CA ASP A 277 2.70 -26.55 -25.28
C ASP A 277 1.70 -25.40 -25.27
N ALA A 278 1.65 -24.66 -24.18
CA ALA A 278 0.74 -23.52 -24.11
C ALA A 278 1.18 -22.53 -25.18
N LYS A 279 2.49 -22.29 -25.25
CA LYS A 279 3.06 -21.39 -26.26
C LYS A 279 2.72 -21.90 -27.65
N GLY A 280 2.80 -23.22 -27.82
CA GLY A 280 2.53 -23.83 -29.10
C GLY A 280 1.09 -23.68 -29.56
N LEU A 281 0.15 -23.91 -28.66
CA LEU A 281 -1.26 -23.80 -28.98
C LEU A 281 -1.63 -22.35 -29.28
N PHE A 282 -0.98 -21.42 -28.59
CA PHE A 282 -1.24 -20.02 -28.80
C PHE A 282 -0.71 -19.59 -30.17
N ASN A 283 0.52 -19.99 -30.48
CA ASN A 283 1.10 -19.64 -31.76
C ASN A 283 0.24 -20.17 -32.89
N ALA A 284 -0.17 -21.43 -32.81
CA ALA A 284 -1.00 -22.04 -33.83
C ALA A 284 -2.32 -21.27 -33.99
N THR A 285 -2.91 -20.88 -32.87
CA THR A 285 -4.18 -20.16 -32.91
C THR A 285 -4.04 -18.90 -33.74
N VAL A 286 -3.00 -18.11 -33.46
CA VAL A 286 -2.77 -16.88 -34.21
C VAL A 286 -2.44 -17.20 -35.67
N ARG A 287 -1.52 -18.14 -35.85
CA ARG A 287 -1.06 -18.58 -37.17
C ARG A 287 -2.17 -18.97 -38.12
N ASP A 288 -3.10 -19.80 -37.67
CA ASP A 288 -4.17 -20.26 -38.55
C ASP A 288 -5.50 -19.52 -38.49
N ALA A 289 -5.93 -19.12 -37.28
CA ALA A 289 -7.22 -18.48 -37.11
C ALA A 289 -7.37 -16.96 -37.07
N TRP A 290 -6.28 -16.21 -36.87
CA TRP A 290 -6.44 -14.76 -36.82
C TRP A 290 -6.29 -14.02 -38.16
N ALA A 291 -7.35 -13.32 -38.54
CA ALA A 291 -7.35 -12.55 -39.80
C ALA A 291 -6.74 -13.31 -40.98
N PRO A 292 -7.31 -14.48 -41.33
CA PRO A 292 -6.75 -15.25 -42.44
C PRO A 292 -7.57 -15.17 -43.73
N ASP A 293 -8.63 -14.35 -43.73
CA ASP A 293 -9.51 -14.27 -44.89
C ASP A 293 -9.93 -12.89 -45.36
N GLY A 294 -9.13 -11.88 -45.08
CA GLY A 294 -9.48 -10.54 -45.51
C GLY A 294 -10.09 -9.64 -44.46
N ALA A 295 -10.42 -10.20 -43.30
CA ALA A 295 -10.99 -9.40 -42.21
C ALA A 295 -10.45 -9.92 -40.89
N ASP A 296 -10.38 -9.05 -39.88
CA ASP A 296 -9.88 -9.47 -38.58
C ASP A 296 -10.81 -10.47 -37.92
N GLY A 297 -10.35 -11.08 -36.83
CA GLY A 297 -11.15 -12.05 -36.10
C GLY A 297 -10.57 -13.46 -36.05
N ILE A 298 -11.13 -14.27 -35.15
CA ILE A 298 -10.70 -15.67 -34.98
C ILE A 298 -11.79 -16.55 -35.60
N VAL A 299 -11.44 -17.30 -36.64
CA VAL A 299 -12.41 -18.17 -37.29
C VAL A 299 -12.80 -19.33 -36.38
N TYR A 300 -13.94 -19.97 -36.65
CA TYR A 300 -14.41 -21.07 -35.82
C TYR A 300 -13.70 -22.41 -36.03
N THR A 301 -13.54 -22.81 -37.29
CA THR A 301 -12.85 -24.07 -37.57
C THR A 301 -11.83 -23.88 -38.67
N VAL A 302 -10.85 -24.77 -38.70
CA VAL A 302 -9.79 -24.69 -39.69
C VAL A 302 -9.48 -26.15 -40.03
N ASP A 303 -8.94 -26.41 -41.22
CA ASP A 303 -8.63 -27.79 -41.57
C ASP A 303 -7.22 -28.20 -41.20
N TRP A 304 -6.83 -29.42 -41.55
CA TRP A 304 -5.53 -29.94 -41.20
C TRP A 304 -4.32 -29.31 -41.89
N GLU A 305 -4.57 -28.29 -42.69
CA GLU A 305 -3.50 -27.55 -43.36
C GLU A 305 -3.55 -26.13 -42.84
N GLY A 306 -4.43 -25.91 -41.86
CA GLY A 306 -4.57 -24.60 -41.26
C GLY A 306 -5.50 -23.66 -41.99
N LYS A 307 -6.08 -24.13 -43.08
CA LYS A 307 -7.00 -23.33 -43.88
C LYS A 307 -8.38 -23.26 -43.23
N PRO A 308 -8.96 -22.06 -43.16
CA PRO A 308 -10.29 -21.85 -42.56
C PRO A 308 -11.39 -22.69 -43.21
N VAL A 309 -12.27 -23.23 -42.37
CA VAL A 309 -13.40 -24.02 -42.83
C VAL A 309 -14.63 -23.17 -42.46
N VAL A 310 -15.11 -23.30 -41.23
CA VAL A 310 -16.25 -22.49 -40.82
C VAL A 310 -15.66 -21.11 -40.48
N ARG A 311 -15.92 -20.12 -41.32
CA ARG A 311 -15.37 -18.79 -41.12
C ARG A 311 -16.14 -17.84 -40.21
N GLU A 312 -17.34 -18.22 -39.78
CA GLU A 312 -18.10 -17.35 -38.88
C GLU A 312 -17.25 -17.02 -37.66
N ARG A 313 -17.47 -15.83 -37.11
CA ARG A 313 -16.72 -15.37 -35.95
C ARG A 313 -17.56 -15.57 -34.68
N VAL A 314 -17.36 -16.68 -34.01
CA VAL A 314 -18.11 -16.94 -32.78
C VAL A 314 -17.48 -16.11 -31.66
N ARG A 315 -18.26 -15.80 -30.63
CA ARG A 315 -17.75 -14.97 -29.55
C ARG A 315 -16.70 -15.55 -28.62
N TRP A 316 -16.96 -16.73 -28.07
CA TRP A 316 -16.03 -17.31 -27.10
C TRP A 316 -14.59 -17.60 -27.53
N PRO A 317 -14.36 -18.00 -28.79
CA PRO A 317 -12.97 -18.27 -29.19
C PRO A 317 -12.02 -17.10 -28.91
N ILE A 318 -12.39 -15.90 -29.35
CA ILE A 318 -11.52 -14.75 -29.12
C ILE A 318 -11.51 -14.32 -27.64
N VAL A 319 -12.61 -14.57 -26.94
CA VAL A 319 -12.68 -14.23 -25.52
C VAL A 319 -11.62 -15.04 -24.77
N GLU A 320 -11.46 -16.29 -25.18
CA GLU A 320 -10.48 -17.19 -24.56
C GLU A 320 -9.06 -16.81 -24.96
N ALA A 321 -8.92 -16.27 -26.16
CA ALA A 321 -7.62 -15.85 -26.65
C ALA A 321 -7.07 -14.78 -25.71
N MET A 322 -7.93 -13.84 -25.33
CA MET A 322 -7.52 -12.78 -24.43
C MET A 322 -7.14 -13.35 -23.07
N GLY A 323 -7.92 -14.33 -22.62
CA GLY A 323 -7.64 -14.96 -21.34
C GLY A 323 -6.30 -15.68 -21.36
N THR A 324 -6.05 -16.41 -22.44
CA THR A 324 -4.78 -17.13 -22.56
C THR A 324 -3.64 -16.14 -22.72
N ALA A 325 -3.84 -15.09 -23.51
CA ALA A 325 -2.79 -14.08 -23.72
C ALA A 325 -2.31 -13.59 -22.35
N TYR A 326 -3.26 -13.32 -21.46
CA TYR A 326 -2.96 -12.86 -20.11
C TYR A 326 -2.17 -13.91 -19.34
N ALA A 327 -2.57 -15.16 -19.46
CA ALA A 327 -1.91 -16.25 -18.77
C ALA A 327 -0.47 -16.37 -19.21
N LEU A 328 -0.24 -16.43 -20.52
CA LEU A 328 1.12 -16.53 -21.03
C LEU A 328 1.95 -15.33 -20.62
N TYR A 329 1.34 -14.16 -20.57
CA TYR A 329 2.07 -12.96 -20.17
C TYR A 329 2.47 -13.08 -18.70
N THR A 330 1.53 -13.52 -17.87
CA THR A 330 1.79 -13.67 -16.45
C THR A 330 2.91 -14.64 -16.15
N VAL A 331 3.07 -15.66 -16.98
CA VAL A 331 4.13 -16.63 -16.77
C VAL A 331 5.42 -16.29 -17.49
N THR A 332 5.33 -15.80 -18.73
CA THR A 332 6.52 -15.47 -19.51
C THR A 332 7.05 -14.05 -19.41
N GLY A 333 6.15 -13.09 -19.21
CA GLY A 333 6.59 -11.71 -19.12
C GLY A 333 6.77 -11.12 -20.51
N ASP A 334 6.54 -11.92 -21.54
CA ASP A 334 6.67 -11.46 -22.91
C ASP A 334 5.54 -10.47 -23.20
N ARG A 335 5.91 -9.22 -23.45
CA ARG A 335 4.95 -8.16 -23.73
C ARG A 335 4.13 -8.37 -25.00
N GLN A 336 4.61 -9.23 -25.90
CA GLN A 336 3.88 -9.49 -27.12
C GLN A 336 2.52 -10.10 -26.83
N TYR A 337 2.38 -10.77 -25.69
CA TYR A 337 1.11 -11.38 -25.31
C TYR A 337 0.12 -10.27 -24.89
N GLU A 338 0.66 -9.17 -24.39
CA GLU A 338 -0.18 -8.05 -23.98
C GLU A 338 -0.67 -7.31 -25.23
N THR A 339 0.17 -7.24 -26.25
CA THR A 339 -0.22 -6.58 -27.48
C THR A 339 -1.38 -7.34 -28.15
N TRP A 340 -1.36 -8.67 -28.09
CA TRP A 340 -2.45 -9.47 -28.66
C TRP A 340 -3.72 -9.24 -27.85
N TYR A 341 -3.56 -9.20 -26.53
CA TYR A 341 -4.66 -8.98 -25.62
C TYR A 341 -5.34 -7.65 -25.96
N GLN A 342 -4.53 -6.63 -26.17
CA GLN A 342 -5.05 -5.31 -26.49
C GLN A 342 -5.64 -5.32 -27.89
N THR A 343 -4.97 -6.00 -28.81
CA THR A 343 -5.44 -6.09 -30.18
C THR A 343 -6.80 -6.75 -30.19
N TRP A 344 -6.97 -7.78 -29.38
CA TRP A 344 -8.23 -8.48 -29.31
C TRP A 344 -9.34 -7.71 -28.56
N TRP A 345 -8.95 -6.81 -27.66
CA TRP A 345 -9.94 -6.00 -26.94
C TRP A 345 -10.54 -4.94 -27.86
N GLU A 346 -9.73 -4.42 -28.77
CA GLU A 346 -10.20 -3.41 -29.73
C GLU A 346 -11.24 -4.04 -30.66
N TYR A 347 -10.94 -5.26 -31.10
CA TYR A 347 -11.84 -5.99 -31.97
C TYR A 347 -13.18 -6.21 -31.27
N CYS A 348 -13.09 -6.68 -30.03
CA CYS A 348 -14.28 -6.99 -29.23
C CYS A 348 -15.23 -5.83 -29.00
N ILE A 349 -14.71 -4.68 -28.58
CA ILE A 349 -15.60 -3.55 -28.33
C ILE A 349 -16.17 -3.01 -29.62
N LYS A 350 -15.43 -3.18 -30.71
CA LYS A 350 -15.89 -2.71 -32.00
C LYS A 350 -16.95 -3.59 -32.65
N TYR A 351 -16.80 -4.90 -32.54
CA TYR A 351 -17.75 -5.81 -33.19
C TYR A 351 -18.59 -6.74 -32.33
N LEU A 352 -18.18 -7.02 -31.10
CA LEU A 352 -18.92 -7.94 -30.24
C LEU A 352 -19.77 -7.33 -29.14
N MET A 353 -19.25 -6.31 -28.47
CA MET A 353 -20.01 -5.71 -27.39
C MET A 353 -21.30 -5.05 -27.86
N ASP A 354 -22.36 -5.29 -27.09
CA ASP A 354 -23.70 -4.76 -27.40
C ASP A 354 -24.24 -3.90 -26.26
N TYR A 355 -23.82 -2.65 -26.19
CA TYR A 355 -24.32 -1.77 -25.15
C TYR A 355 -25.81 -1.49 -25.41
N GLU A 356 -26.19 -1.53 -26.68
CA GLU A 356 -27.56 -1.28 -27.10
C GLU A 356 -28.57 -2.26 -26.53
N ASN A 357 -28.40 -3.55 -26.82
CA ASN A 357 -29.32 -4.56 -26.34
C ASN A 357 -28.80 -5.43 -25.18
N GLY A 358 -27.59 -5.14 -24.71
CA GLY A 358 -27.04 -5.90 -23.59
C GLY A 358 -26.08 -7.02 -23.90
N SER A 359 -25.12 -7.23 -23.00
CA SER A 359 -24.11 -8.28 -23.16
C SER A 359 -23.32 -8.15 -24.47
N TRP A 360 -22.90 -9.28 -25.02
CA TRP A 360 -22.14 -9.28 -26.26
C TRP A 360 -22.89 -10.11 -27.29
N TRP A 361 -22.58 -9.89 -28.57
CA TRP A 361 -23.20 -10.66 -29.63
C TRP A 361 -22.61 -12.07 -29.52
N GLN A 362 -23.31 -13.06 -30.07
CA GLN A 362 -22.87 -14.45 -30.01
C GLN A 362 -22.05 -14.89 -31.22
N GLU A 363 -22.43 -14.42 -32.41
CA GLU A 363 -21.73 -14.80 -33.62
C GLU A 363 -21.82 -13.73 -34.71
N LEU A 364 -20.77 -13.62 -35.51
CA LEU A 364 -20.72 -12.65 -36.60
C LEU A 364 -20.40 -13.40 -37.89
N ASP A 365 -20.71 -12.80 -39.03
CA ASP A 365 -20.39 -13.43 -40.30
C ASP A 365 -18.91 -13.20 -40.55
N ALA A 366 -18.40 -13.63 -41.70
CA ALA A 366 -16.97 -13.48 -42.00
C ALA A 366 -16.53 -12.03 -42.18
N ASP A 367 -17.49 -11.12 -42.23
CA ASP A 367 -17.20 -9.70 -42.37
C ASP A 367 -17.40 -9.01 -41.03
N ASN A 368 -17.60 -9.82 -40.00
CA ASN A 368 -17.78 -9.33 -38.63
C ASN A 368 -19.11 -8.62 -38.37
N LYS A 369 -20.12 -8.93 -39.17
CA LYS A 369 -21.45 -8.34 -39.00
C LYS A 369 -22.30 -9.37 -38.25
N VAL A 370 -23.19 -8.88 -37.38
CA VAL A 370 -24.05 -9.74 -36.58
C VAL A 370 -24.92 -10.70 -37.39
N THR A 371 -25.03 -11.95 -36.92
CA THR A 371 -25.83 -12.98 -37.58
C THR A 371 -26.88 -13.51 -36.59
N THR A 372 -27.57 -14.58 -36.96
CA THR A 372 -28.59 -15.19 -36.11
C THR A 372 -28.88 -16.64 -36.47
N GLY A 377 -28.95 -16.92 -29.67
CA GLY A 377 -29.04 -15.65 -28.99
C GLY A 377 -27.80 -15.28 -28.18
N LYS A 378 -28.00 -15.01 -26.90
CA LYS A 378 -26.89 -14.66 -26.01
C LYS A 378 -27.06 -15.47 -24.74
N GLN A 379 -27.07 -16.79 -24.90
CA GLN A 379 -27.26 -17.71 -23.80
C GLN A 379 -26.08 -17.91 -22.84
N ASP A 380 -24.96 -17.25 -23.09
CA ASP A 380 -23.81 -17.43 -22.19
C ASP A 380 -23.13 -16.17 -21.68
N ILE A 381 -22.55 -16.28 -20.48
CA ILE A 381 -21.78 -15.20 -19.89
C ILE A 381 -20.58 -15.82 -19.18
N TYR A 382 -20.59 -17.15 -19.07
CA TYR A 382 -19.52 -17.90 -18.42
C TYR A 382 -18.15 -17.65 -19.06
N HIS A 383 -18.10 -17.62 -20.40
CA HIS A 383 -16.84 -17.39 -21.10
C HIS A 383 -16.26 -16.00 -20.82
N LEU A 384 -17.13 -15.01 -20.69
CA LEU A 384 -16.67 -13.65 -20.45
C LEU A 384 -15.84 -13.43 -19.19
N LEU A 385 -15.97 -14.30 -18.19
CA LEU A 385 -15.20 -14.11 -16.97
C LEU A 385 -13.71 -14.37 -17.22
N HIS A 386 -13.43 -15.09 -18.30
CA HIS A 386 -12.06 -15.44 -18.65
C HIS A 386 -11.26 -14.29 -19.23
N CYS A 387 -11.95 -13.25 -19.69
CA CYS A 387 -11.27 -12.08 -20.24
C CYS A 387 -11.57 -10.88 -19.35
N LEU A 388 -12.53 -11.04 -18.44
CA LEU A 388 -12.91 -9.95 -17.53
C LEU A 388 -12.37 -10.13 -16.10
N VAL A 389 -12.43 -11.34 -15.58
CA VAL A 389 -11.95 -11.60 -14.23
C VAL A 389 -10.56 -12.22 -14.13
N ILE A 390 -10.29 -13.24 -14.94
CA ILE A 390 -9.00 -13.92 -14.92
C ILE A 390 -7.79 -12.99 -14.96
N PRO A 391 -7.80 -11.99 -15.85
CA PRO A 391 -6.64 -11.09 -15.89
C PRO A 391 -6.42 -10.19 -14.66
N ARG A 392 -7.25 -10.36 -13.64
CA ARG A 392 -7.13 -9.55 -12.42
C ARG A 392 -6.60 -10.37 -11.25
N ILE A 393 -6.43 -11.67 -11.48
CA ILE A 393 -5.96 -12.56 -10.42
C ILE A 393 -4.85 -13.48 -10.89
N PRO A 394 -4.09 -14.06 -9.94
CA PRO A 394 -2.99 -14.96 -10.32
C PRO A 394 -3.59 -16.17 -11.01
N LEU A 395 -2.72 -17.06 -11.50
CA LEU A 395 -3.19 -18.25 -12.17
C LEU A 395 -3.51 -19.38 -11.19
N ALA A 396 -3.12 -19.19 -9.92
CA ALA A 396 -3.39 -20.17 -8.88
C ALA A 396 -3.68 -19.49 -7.55
N PRO A 397 -4.72 -19.95 -6.83
CA PRO A 397 -5.62 -21.05 -7.21
C PRO A 397 -6.53 -20.60 -8.34
N GLY A 398 -7.49 -21.43 -8.71
CA GLY A 398 -8.42 -21.08 -9.78
C GLY A 398 -9.25 -19.84 -9.50
N MET A 399 -9.98 -19.38 -10.51
CA MET A 399 -10.79 -18.17 -10.41
C MET A 399 -11.73 -18.05 -9.22
N ALA A 400 -12.71 -18.94 -9.08
CA ALA A 400 -13.62 -18.84 -7.95
C ALA A 400 -12.78 -18.79 -6.67
N PRO A 401 -11.92 -19.81 -6.44
CA PRO A 401 -11.08 -19.83 -5.24
C PRO A 401 -10.24 -18.57 -5.02
N ALA A 402 -9.59 -18.09 -6.08
CA ALA A 402 -8.74 -16.90 -5.98
C ALA A 402 -9.52 -15.66 -5.59
N VAL A 403 -10.68 -15.45 -6.19
CA VAL A 403 -11.48 -14.28 -5.85
C VAL A 403 -11.98 -14.39 -4.41
N ALA A 404 -12.42 -15.58 -4.02
CA ALA A 404 -12.92 -15.80 -2.67
C ALA A 404 -11.79 -15.64 -1.65
N ALA A 405 -10.56 -15.88 -2.09
CA ALA A 405 -9.41 -15.75 -1.22
C ALA A 405 -9.03 -14.27 -1.14
N GLY A 406 -9.77 -13.44 -1.86
CA GLY A 406 -9.52 -12.00 -1.86
C GLY A 406 -8.32 -11.54 -2.66
N LEU A 407 -7.95 -12.30 -3.69
CA LEU A 407 -6.79 -11.95 -4.51
C LEU A 407 -7.07 -11.01 -5.69
N LEU A 408 -8.28 -10.49 -5.77
CA LEU A 408 -8.66 -9.57 -6.83
C LEU A 408 -7.73 -8.35 -6.88
N ASP A 409 -7.12 -8.10 -8.04
CA ASP A 409 -6.19 -6.97 -8.24
C ASP A 409 -4.91 -7.09 -7.41
N ILE A 410 -4.68 -8.24 -6.80
CA ILE A 410 -3.50 -8.43 -5.96
C ILE A 410 -2.20 -7.91 -6.59
N ASN A 411 -2.02 -8.13 -7.90
CA ASN A 411 -0.80 -7.68 -8.59
C ASN A 411 -0.93 -6.36 -9.36
N ALA A 412 -2.03 -5.65 -9.18
CA ALA A 412 -2.22 -4.38 -9.90
C ALA A 412 -1.84 -3.13 -9.12
N LYS A 413 -1.43 -2.09 -9.84
CA LYS A 413 -1.05 -0.81 -9.26
C LYS A 413 -1.80 0.33 -9.94
N MET B 1 -12.48 20.78 3.92
CA MET B 1 -12.98 19.75 2.97
C MET B 1 -11.87 19.37 1.99
N LYS B 2 -11.50 18.10 1.99
CA LYS B 2 -10.43 17.62 1.12
C LYS B 2 -10.89 16.75 -0.04
N TRP B 3 -10.46 17.12 -1.25
CA TRP B 3 -10.78 16.38 -2.47
C TRP B 3 -9.49 15.95 -3.15
N PHE B 4 -8.54 16.87 -3.26
CA PHE B 4 -7.26 16.58 -3.91
C PHE B 4 -6.58 15.39 -3.27
N ASN B 5 -6.10 14.47 -4.12
CA ASN B 5 -5.39 13.29 -3.64
C ASN B 5 -6.23 12.35 -2.77
N THR B 6 -7.53 12.30 -3.01
CA THR B 6 -8.38 11.39 -2.27
C THR B 6 -8.96 10.43 -3.30
N LEU B 7 -8.78 9.13 -3.06
CA LEU B 7 -9.28 8.14 -3.99
C LEU B 7 -10.75 8.34 -4.32
N SER B 8 -11.56 8.69 -3.32
CA SER B 8 -12.99 8.89 -3.56
C SER B 8 -13.27 9.97 -4.60
N HIS B 9 -12.64 11.13 -4.45
CA HIS B 9 -12.85 12.19 -5.42
C HIS B 9 -12.33 11.74 -6.78
N ASN B 10 -11.11 11.21 -6.81
CA ASN B 10 -10.52 10.74 -8.05
C ASN B 10 -11.38 9.69 -8.75
N ARG B 11 -12.09 8.86 -7.99
CA ARG B 11 -12.94 7.86 -8.62
C ARG B 11 -14.05 8.61 -9.35
N TRP B 12 -14.56 9.68 -8.73
CA TRP B 12 -15.62 10.46 -9.35
C TRP B 12 -15.10 11.03 -10.66
N LEU B 13 -13.90 11.60 -10.63
CA LEU B 13 -13.29 12.19 -11.82
C LEU B 13 -13.16 11.14 -12.95
N GLU B 14 -12.65 9.96 -12.63
CA GLU B 14 -12.49 8.93 -13.65
C GLU B 14 -13.82 8.54 -14.30
N GLN B 15 -14.84 8.42 -13.47
CA GLN B 15 -16.16 8.05 -13.94
C GLN B 15 -16.72 9.12 -14.87
N GLU B 16 -16.42 10.40 -14.58
CA GLU B 16 -16.87 11.48 -15.43
C GLU B 16 -15.98 11.50 -16.70
N THR B 17 -14.72 11.09 -16.53
CA THR B 17 -13.78 11.05 -17.66
C THR B 17 -14.33 10.05 -18.69
N ASP B 18 -14.86 8.93 -18.22
CA ASP B 18 -15.40 7.92 -19.13
C ASP B 18 -16.62 8.46 -19.86
N ARG B 19 -17.46 9.22 -19.18
CA ARG B 19 -18.66 9.76 -19.81
C ARG B 19 -18.21 10.67 -20.93
N ILE B 20 -17.10 11.38 -20.70
CA ILE B 20 -16.54 12.29 -21.68
C ILE B 20 -15.90 11.54 -22.85
N PHE B 21 -15.19 10.45 -22.56
CA PHE B 21 -14.57 9.66 -23.63
C PHE B 21 -15.65 9.12 -24.55
N ASP B 22 -16.72 8.62 -23.94
CA ASP B 22 -17.85 8.06 -24.68
C ASP B 22 -18.43 9.07 -25.67
N PHE B 23 -18.76 10.25 -25.17
CA PHE B 23 -19.33 11.31 -25.98
C PHE B 23 -18.51 11.59 -27.25
N GLY B 24 -17.19 11.67 -27.08
CA GLY B 24 -16.33 11.95 -28.22
C GLY B 24 -16.24 10.87 -29.29
N LYS B 25 -16.50 9.63 -28.91
CA LYS B 25 -16.42 8.52 -29.86
C LYS B 25 -17.28 8.67 -31.11
N ASN B 26 -18.32 9.49 -31.03
CA ASN B 26 -19.23 9.69 -32.14
C ASN B 26 -18.73 10.67 -33.20
N SER B 27 -17.61 11.34 -32.93
CA SER B 27 -17.07 12.31 -33.88
C SER B 27 -16.24 11.71 -35.01
N VAL B 28 -16.08 10.39 -34.99
CA VAL B 28 -15.29 9.70 -36.00
C VAL B 28 -15.86 9.81 -37.42
N VAL B 29 -15.07 10.39 -38.31
CA VAL B 29 -15.46 10.53 -39.70
C VAL B 29 -14.26 10.04 -40.53
N PRO B 30 -14.50 9.66 -41.79
CA PRO B 30 -13.44 9.16 -42.68
C PRO B 30 -12.17 10.00 -42.72
N THR B 31 -12.32 11.32 -42.85
CA THR B 31 -11.16 12.19 -42.92
C THR B 31 -10.65 12.68 -41.58
N GLY B 32 -11.13 12.10 -40.48
CA GLY B 32 -10.68 12.53 -39.17
C GLY B 32 -11.75 12.55 -38.10
N PHE B 33 -11.89 13.69 -37.43
CA PHE B 33 -12.89 13.82 -36.38
C PHE B 33 -13.78 15.02 -36.67
N GLY B 34 -15.08 14.80 -36.58
CA GLY B 34 -16.02 15.86 -36.87
C GLY B 34 -16.32 16.80 -35.72
N TRP B 35 -17.31 17.65 -35.95
CA TRP B 35 -17.77 18.66 -35.01
C TRP B 35 -19.07 18.16 -34.38
N LEU B 36 -19.02 17.79 -33.11
CA LEU B 36 -20.20 17.29 -32.41
C LEU B 36 -21.12 18.42 -31.95
N GLY B 37 -22.42 18.23 -32.15
CA GLY B 37 -23.39 19.23 -31.76
C GLY B 37 -23.86 19.07 -30.33
N ASN B 38 -24.89 19.81 -29.96
CA ASN B 38 -25.42 19.77 -28.59
C ASN B 38 -25.91 18.42 -28.09
N LYS B 39 -26.01 17.43 -28.97
CA LYS B 39 -26.46 16.12 -28.54
C LYS B 39 -25.49 15.03 -28.97
N GLY B 40 -24.24 15.41 -29.20
CA GLY B 40 -23.23 14.45 -29.59
C GLY B 40 -23.35 13.91 -31.01
N GLN B 41 -24.11 14.61 -31.86
CA GLN B 41 -24.30 14.22 -33.24
C GLN B 41 -23.35 15.05 -34.09
N ILE B 42 -22.87 14.48 -35.19
CA ILE B 42 -21.94 15.18 -36.06
C ILE B 42 -22.60 16.30 -36.86
N LYS B 43 -21.96 17.48 -36.87
CA LYS B 43 -22.47 18.61 -37.63
C LYS B 43 -21.64 18.67 -38.93
N GLU B 44 -22.05 17.83 -39.87
CA GLU B 44 -21.40 17.71 -41.17
C GLU B 44 -20.96 19.04 -41.79
N GLU B 45 -21.80 20.07 -41.69
CA GLU B 45 -21.47 21.37 -42.27
C GLU B 45 -20.10 21.90 -41.83
N MET B 46 -19.72 21.61 -40.59
CA MET B 46 -18.45 22.08 -40.06
C MET B 46 -17.23 21.40 -40.68
N GLY B 47 -17.41 20.22 -41.25
CA GLY B 47 -16.30 19.52 -41.88
C GLY B 47 -15.33 18.88 -40.90
N THR B 48 -14.08 18.72 -41.32
CA THR B 48 -13.05 18.11 -40.48
C THR B 48 -11.92 19.09 -40.19
N HIS B 49 -11.98 19.73 -39.03
CA HIS B 49 -10.95 20.69 -38.65
C HIS B 49 -9.67 20.00 -38.18
N LEU B 50 -8.54 20.60 -38.52
CA LEU B 50 -7.26 20.06 -38.11
C LEU B 50 -7.12 20.08 -36.59
N TRP B 51 -7.47 21.21 -35.97
CA TRP B 51 -7.36 21.33 -34.53
C TRP B 51 -8.22 20.33 -33.77
N ILE B 52 -9.44 20.09 -34.25
CA ILE B 52 -10.33 19.12 -33.60
C ILE B 52 -9.77 17.71 -33.72
N THR B 53 -9.26 17.38 -34.91
CA THR B 53 -8.69 16.07 -35.18
C THR B 53 -7.46 15.77 -34.33
N ALA B 54 -6.55 16.74 -34.27
CA ALA B 54 -5.32 16.61 -33.49
C ALA B 54 -5.64 16.52 -32.00
N ARG B 55 -6.67 17.23 -31.55
CA ARG B 55 -7.03 17.20 -30.14
C ARG B 55 -7.52 15.81 -29.77
N MET B 56 -8.42 15.27 -30.58
CA MET B 56 -8.96 13.94 -30.32
C MET B 56 -7.84 12.90 -30.30
N LEU B 57 -6.85 13.05 -31.16
CA LEU B 57 -5.72 12.11 -31.20
C LEU B 57 -5.07 12.11 -29.82
N HIS B 58 -4.90 13.31 -29.28
CA HIS B 58 -4.31 13.50 -27.97
C HIS B 58 -5.19 12.92 -26.87
N VAL B 59 -6.49 13.24 -26.91
CA VAL B 59 -7.44 12.76 -25.92
C VAL B 59 -7.49 11.23 -25.80
N TYR B 60 -7.56 10.54 -26.93
CA TYR B 60 -7.64 9.10 -26.87
C TYR B 60 -6.33 8.39 -26.61
N SER B 61 -5.22 9.13 -26.68
CA SER B 61 -3.93 8.52 -26.36
C SER B 61 -3.98 8.37 -24.84
N VAL B 62 -4.62 9.33 -24.19
CA VAL B 62 -4.76 9.33 -22.74
C VAL B 62 -5.75 8.24 -22.30
N ALA B 63 -6.87 8.15 -23.01
CA ALA B 63 -7.87 7.13 -22.70
C ALA B 63 -7.23 5.77 -22.91
N ALA B 64 -6.49 5.64 -24.00
CA ALA B 64 -5.82 4.39 -24.31
C ALA B 64 -4.89 3.99 -23.18
N ALA B 65 -4.14 4.95 -22.66
CA ALA B 65 -3.23 4.68 -21.56
C ALA B 65 -4.03 4.29 -20.32
N MET B 66 -5.29 4.71 -20.25
CA MET B 66 -6.13 4.39 -19.12
C MET B 66 -6.76 3.01 -19.20
N GLY B 67 -6.40 2.27 -20.24
CA GLY B 67 -6.93 0.92 -20.39
C GLY B 67 -8.31 0.78 -21.00
N ARG B 68 -8.83 1.83 -21.63
CA ARG B 68 -10.15 1.76 -22.25
C ARG B 68 -10.09 1.23 -23.68
N PRO B 69 -10.61 0.01 -23.91
CA PRO B 69 -10.57 -0.52 -25.28
C PRO B 69 -11.33 0.38 -26.26
N GLY B 70 -10.82 0.45 -27.49
CA GLY B 70 -11.44 1.27 -28.51
C GLY B 70 -10.69 2.58 -28.64
N ALA B 71 -10.12 3.05 -27.53
CA ALA B 71 -9.36 4.30 -27.53
C ALA B 71 -8.16 4.19 -28.47
N TYR B 72 -7.40 3.12 -28.36
CA TYR B 72 -6.23 2.93 -29.21
C TYR B 72 -6.64 2.93 -30.68
N SER B 73 -7.80 2.37 -30.96
CA SER B 73 -8.29 2.32 -32.34
C SER B 73 -8.57 3.74 -32.85
N LEU B 74 -8.97 4.64 -31.95
CA LEU B 74 -9.22 6.03 -32.36
C LEU B 74 -7.87 6.70 -32.58
N VAL B 75 -6.90 6.38 -31.73
CA VAL B 75 -5.56 6.93 -31.86
C VAL B 75 -5.05 6.54 -33.24
N ASP B 76 -5.32 5.30 -33.63
CA ASP B 76 -4.92 4.79 -34.92
C ASP B 76 -5.62 5.58 -36.01
N HIS B 77 -6.91 5.84 -35.80
CA HIS B 77 -7.68 6.59 -36.77
C HIS B 77 -7.08 7.99 -36.91
N GLY B 78 -6.67 8.56 -35.78
CA GLY B 78 -6.08 9.89 -35.79
C GLY B 78 -4.78 9.97 -36.58
N ILE B 79 -3.90 8.99 -36.40
CA ILE B 79 -2.64 8.97 -37.11
C ILE B 79 -2.83 8.76 -38.61
N LYS B 80 -3.90 8.05 -38.99
CA LYS B 80 -4.16 7.84 -40.41
C LYS B 80 -4.71 9.12 -41.03
N ALA B 81 -5.51 9.85 -40.27
CA ALA B 81 -6.07 11.11 -40.77
C ALA B 81 -4.94 12.13 -40.93
N MET B 82 -4.00 12.13 -39.99
CA MET B 82 -2.88 13.06 -40.04
C MET B 82 -1.97 12.73 -41.22
N ASN B 83 -2.20 11.57 -41.83
CA ASN B 83 -1.42 11.12 -42.97
C ASN B 83 -2.30 11.05 -44.22
N GLY B 84 -3.56 11.45 -44.07
CA GLY B 84 -4.47 11.39 -45.20
C GLY B 84 -4.89 12.72 -45.78
N ALA B 85 -6.20 12.89 -45.93
CA ALA B 85 -6.79 14.10 -46.49
C ALA B 85 -6.29 15.42 -45.92
N LEU B 86 -6.17 15.50 -44.59
CA LEU B 86 -5.71 16.74 -43.95
C LEU B 86 -4.27 17.13 -44.28
N ARG B 87 -3.44 16.16 -44.65
CA ARG B 87 -2.05 16.47 -44.97
C ARG B 87 -1.85 16.97 -46.40
N ASP B 88 -1.26 18.14 -46.52
CA ASP B 88 -0.96 18.72 -47.83
C ASP B 88 0.15 17.86 -48.45
N LYS B 89 -0.18 17.18 -49.55
CA LYS B 89 0.77 16.32 -50.23
C LYS B 89 1.73 17.09 -51.14
N LYS B 90 1.44 18.35 -51.39
CA LYS B 90 2.29 19.17 -52.25
C LYS B 90 3.14 20.19 -51.52
N TYR B 91 2.60 20.76 -50.45
CA TYR B 91 3.33 21.78 -49.69
C TYR B 91 3.70 21.36 -48.28
N GLY B 92 3.15 20.24 -47.82
CA GLY B 92 3.45 19.78 -46.49
C GLY B 92 2.57 20.45 -45.46
N GLY B 93 2.66 20.01 -44.22
CA GLY B 93 1.83 20.59 -43.17
C GLY B 93 0.42 20.04 -43.34
N TRP B 94 -0.57 20.74 -42.79
CA TRP B 94 -1.95 20.28 -42.90
C TRP B 94 -2.93 21.40 -43.17
N TYR B 95 -3.92 21.11 -44.00
CA TYR B 95 -4.96 22.09 -44.33
C TYR B 95 -5.74 22.33 -43.05
N ALA B 96 -6.18 23.57 -42.83
CA ALA B 96 -6.94 23.91 -41.64
C ALA B 96 -8.24 23.11 -41.56
N CYS B 97 -8.85 22.84 -42.72
CA CYS B 97 -10.12 22.12 -42.74
C CYS B 97 -10.40 21.41 -44.07
N VAL B 98 -10.99 20.22 -43.99
CA VAL B 98 -11.35 19.45 -45.18
C VAL B 98 -12.63 18.68 -44.91
N ASN B 99 -13.11 18.00 -45.94
CA ASN B 99 -14.31 17.17 -45.83
C ASN B 99 -14.24 16.11 -46.94
N ASP B 100 -15.24 15.24 -47.01
CA ASP B 100 -15.26 14.18 -48.00
C ASP B 100 -15.08 14.65 -49.44
N GLU B 101 -15.37 15.93 -49.68
CA GLU B 101 -15.23 16.49 -51.03
C GLU B 101 -13.79 16.91 -51.27
N GLY B 102 -13.33 17.91 -50.54
CA GLY B 102 -11.97 18.40 -50.70
C GLY B 102 -11.52 19.32 -49.58
N VAL B 103 -10.65 20.27 -49.92
CA VAL B 103 -10.12 21.20 -48.93
C VAL B 103 -11.02 22.42 -48.74
N VAL B 104 -11.59 22.55 -47.54
CA VAL B 104 -12.48 23.67 -47.22
C VAL B 104 -11.69 24.92 -46.85
N ASP B 105 -10.63 24.75 -46.05
CA ASP B 105 -9.76 25.84 -45.63
C ASP B 105 -8.31 25.37 -45.83
N ALA B 106 -7.64 25.93 -46.83
CA ALA B 106 -6.27 25.53 -47.15
C ALA B 106 -5.14 26.28 -46.44
N SER B 107 -5.49 27.25 -45.60
CA SER B 107 -4.48 28.01 -44.88
C SER B 107 -3.72 27.13 -43.88
N LYS B 108 -2.49 27.52 -43.58
CA LYS B 108 -1.65 26.79 -42.63
C LYS B 108 -1.60 27.55 -41.31
N GLN B 109 -2.52 27.19 -40.41
CA GLN B 109 -2.65 27.82 -39.10
C GLN B 109 -1.60 27.36 -38.09
N GLY B 110 -0.93 28.31 -37.45
CA GLY B 110 0.10 27.98 -36.47
C GLY B 110 -0.38 27.22 -35.25
N TYR B 111 -1.43 27.71 -34.60
CA TYR B 111 -1.93 27.04 -33.41
C TYR B 111 -2.47 25.64 -33.72
N GLN B 112 -3.01 25.44 -34.90
CA GLN B 112 -3.54 24.11 -35.26
C GLN B 112 -2.37 23.14 -35.51
N HIS B 113 -1.25 23.66 -35.99
CA HIS B 113 -0.07 22.82 -36.24
C HIS B 113 0.59 22.43 -34.92
N PHE B 114 0.46 23.27 -33.90
CA PHE B 114 1.04 22.92 -32.60
C PHE B 114 0.15 21.88 -31.92
N PHE B 115 -1.15 21.91 -32.22
CA PHE B 115 -2.05 20.91 -31.67
C PHE B 115 -1.70 19.61 -32.40
N ALA B 116 -1.28 19.74 -33.66
CA ALA B 116 -0.86 18.59 -34.43
C ALA B 116 0.38 18.04 -33.74
N LEU B 117 1.25 18.93 -33.30
CA LEU B 117 2.47 18.51 -32.61
C LEU B 117 2.12 17.82 -31.29
N LEU B 118 1.21 18.41 -30.51
CA LEU B 118 0.80 17.81 -29.24
C LEU B 118 0.22 16.42 -29.48
N GLY B 119 -0.73 16.35 -30.41
CA GLY B 119 -1.37 15.09 -30.73
C GLY B 119 -0.43 13.95 -31.08
N ALA B 120 0.61 14.27 -31.86
CA ALA B 120 1.58 13.26 -32.25
C ALA B 120 2.42 12.80 -31.06
N ALA B 121 2.85 13.76 -30.25
CA ALA B 121 3.67 13.44 -29.09
C ALA B 121 2.90 12.58 -28.09
N SER B 122 1.60 12.83 -27.98
CA SER B 122 0.76 12.04 -27.06
C SER B 122 0.54 10.67 -27.67
N ALA B 123 0.38 10.62 -28.99
CA ALA B 123 0.17 9.35 -29.68
C ALA B 123 1.38 8.44 -29.43
N VAL B 124 2.56 9.05 -29.37
CA VAL B 124 3.81 8.32 -29.15
C VAL B 124 3.81 7.51 -27.84
N THR B 125 3.12 8.02 -26.80
CA THR B 125 3.06 7.31 -25.53
C THR B 125 2.22 6.04 -25.63
N THR B 126 1.38 5.92 -26.66
CA THR B 126 0.56 4.73 -26.82
C THR B 126 1.40 3.60 -27.36
N GLY B 127 2.51 3.94 -28.00
CA GLY B 127 3.40 2.93 -28.57
C GLY B 127 3.00 2.53 -29.97
N HIS B 128 2.03 3.23 -30.54
CA HIS B 128 1.56 2.95 -31.89
C HIS B 128 2.77 2.99 -32.82
N PRO B 129 2.96 1.93 -33.62
CA PRO B 129 4.09 1.86 -34.55
C PRO B 129 4.25 2.98 -35.58
N GLU B 130 3.28 3.87 -35.69
CA GLU B 130 3.38 4.96 -36.65
C GLU B 130 3.45 6.33 -35.97
N ALA B 131 3.30 6.35 -34.65
CA ALA B 131 3.31 7.59 -33.90
C ALA B 131 4.65 8.33 -33.91
N ARG B 132 5.74 7.60 -33.70
CA ARG B 132 7.06 8.20 -33.67
C ARG B 132 7.37 8.83 -35.02
N LYS B 133 6.88 8.22 -36.09
CA LYS B 133 7.12 8.75 -37.42
C LYS B 133 6.33 10.04 -37.64
N LEU B 134 5.06 10.05 -37.24
CA LEU B 134 4.24 11.25 -37.39
C LEU B 134 4.85 12.40 -36.59
N LEU B 135 5.35 12.10 -35.39
CA LEU B 135 5.96 13.14 -34.57
C LEU B 135 7.17 13.73 -35.29
N ASP B 136 8.06 12.86 -35.79
CA ASP B 136 9.26 13.31 -36.49
C ASP B 136 8.93 14.21 -37.66
N TYR B 137 7.91 13.82 -38.44
CA TYR B 137 7.47 14.60 -39.58
C TYR B 137 6.91 15.96 -39.12
N THR B 138 6.14 15.96 -38.04
CA THR B 138 5.55 17.19 -37.52
C THR B 138 6.62 18.16 -37.02
N ILE B 139 7.70 17.60 -36.45
CA ILE B 139 8.79 18.42 -35.95
C ILE B 139 9.46 19.15 -37.10
N GLU B 140 9.65 18.46 -38.22
CA GLU B 140 10.27 19.05 -39.38
C GLU B 140 9.54 20.31 -39.83
N ILE B 141 8.26 20.18 -40.15
CA ILE B 141 7.49 21.34 -40.60
C ILE B 141 7.33 22.43 -39.54
N ILE B 142 7.33 22.05 -38.27
CA ILE B 142 7.22 23.03 -37.19
C ILE B 142 8.49 23.89 -37.15
N GLU B 143 9.65 23.23 -37.23
CA GLU B 143 10.93 23.95 -37.22
C GLU B 143 11.19 24.62 -38.55
N LYS B 144 10.39 24.24 -39.55
CA LYS B 144 10.53 24.78 -40.88
C LYS B 144 9.67 26.02 -41.09
N TYR B 145 8.43 26.00 -40.61
CA TYR B 145 7.52 27.13 -40.81
C TYR B 145 6.90 27.81 -39.60
N PHE B 146 6.91 27.18 -38.43
CA PHE B 146 6.27 27.79 -37.29
C PHE B 146 7.14 28.21 -36.13
N TRP B 147 8.30 27.59 -35.97
CA TRP B 147 9.19 28.02 -34.91
C TRP B 147 10.21 28.92 -35.58
N SER B 148 10.10 30.23 -35.37
CA SER B 148 11.02 31.18 -35.99
C SER B 148 12.39 31.10 -35.32
N GLU B 149 13.40 30.80 -36.11
CA GLU B 149 14.75 30.72 -35.56
C GLU B 149 15.26 32.10 -35.22
N GLU B 150 14.92 33.09 -36.05
CA GLU B 150 15.40 34.45 -35.80
C GLU B 150 14.64 35.16 -34.68
N GLU B 151 13.37 34.81 -34.49
CA GLU B 151 12.56 35.43 -33.45
C GLU B 151 12.59 34.69 -32.12
N GLN B 152 12.76 33.37 -32.20
CA GLN B 152 12.76 32.51 -31.03
C GLN B 152 11.39 32.62 -30.37
N MET B 153 10.38 32.63 -31.22
CA MET B 153 8.97 32.69 -30.84
C MET B 153 8.24 31.96 -31.97
N CYS B 154 6.93 31.79 -31.86
CA CYS B 154 6.18 31.07 -32.88
C CYS B 154 5.40 31.99 -33.81
N LEU B 155 5.31 31.60 -35.09
CA LEU B 155 4.58 32.40 -36.08
C LEU B 155 3.08 32.11 -35.99
N GLU B 156 2.29 32.93 -36.66
CA GLU B 156 0.84 32.79 -36.63
C GLU B 156 0.24 31.88 -37.70
N SER B 157 0.54 32.16 -38.97
CA SER B 157 -0.03 31.36 -40.05
C SER B 157 0.60 31.68 -41.40
N TRP B 158 0.37 30.80 -42.37
CA TRP B 158 0.89 30.97 -43.72
C TRP B 158 -0.23 30.68 -44.71
N ASP B 159 0.01 30.99 -45.98
CA ASP B 159 -0.96 30.69 -47.03
C ASP B 159 -0.70 29.21 -47.31
N GLU B 160 -1.61 28.56 -48.05
CA GLU B 160 -1.42 27.14 -48.35
C GLU B 160 -0.01 26.76 -48.82
N ALA B 161 0.51 27.48 -49.81
CA ALA B 161 1.82 27.19 -50.39
C ALA B 161 3.02 27.59 -49.53
N PHE B 162 2.78 28.12 -48.34
CA PHE B 162 3.87 28.53 -47.45
C PHE B 162 4.76 29.60 -48.10
N SER B 163 4.14 30.54 -48.80
CA SER B 163 4.90 31.61 -49.46
C SER B 163 4.88 32.92 -48.70
N LYS B 164 3.92 33.08 -47.81
CA LYS B 164 3.80 34.31 -47.03
C LYS B 164 3.26 34.04 -45.63
N THR B 165 3.95 34.56 -44.62
CA THR B 165 3.50 34.37 -43.26
C THR B 165 2.76 35.65 -42.84
N GLU B 166 1.75 35.49 -42.00
CA GLU B 166 0.96 36.63 -41.56
C GLU B 166 1.76 37.63 -40.73
N GLU B 167 1.54 38.91 -41.01
CA GLU B 167 2.23 39.97 -40.30
C GLU B 167 1.55 40.20 -38.96
N TYR B 168 1.46 39.12 -38.19
CA TYR B 168 0.82 39.14 -36.87
C TYR B 168 1.42 38.05 -35.98
N ARG B 169 1.50 38.32 -34.70
CA ARG B 169 2.02 37.37 -33.73
C ARG B 169 1.03 37.30 -32.58
N GLY B 170 0.58 36.08 -32.26
CA GLY B 170 -0.40 35.94 -31.19
C GLY B 170 0.04 35.09 -30.02
N GLY B 171 -0.57 35.33 -28.87
CA GLY B 171 -0.23 34.57 -27.68
C GLY B 171 -0.79 33.16 -27.67
N ASN B 172 -1.98 32.99 -28.22
CA ASN B 172 -2.60 31.66 -28.23
C ASN B 172 -1.78 30.63 -28.98
N ALA B 173 -1.33 30.98 -30.18
CA ALA B 173 -0.53 30.05 -30.97
C ALA B 173 0.74 29.68 -30.20
N ASN B 174 1.34 30.65 -29.52
CA ASN B 174 2.56 30.39 -28.76
C ASN B 174 2.33 29.61 -27.49
N MET B 175 1.17 29.80 -26.85
CA MET B 175 0.89 29.07 -25.61
C MET B 175 0.76 27.58 -25.94
N HIS B 176 0.01 27.27 -26.98
CA HIS B 176 -0.17 25.87 -27.36
C HIS B 176 1.13 25.24 -27.85
N ALA B 177 2.05 26.08 -28.32
CA ALA B 177 3.34 25.62 -28.77
C ALA B 177 4.08 25.16 -27.50
N VAL B 178 3.88 25.88 -26.41
CA VAL B 178 4.51 25.54 -25.13
C VAL B 178 3.89 24.24 -24.62
N GLU B 179 2.57 24.14 -24.74
CA GLU B 179 1.85 22.95 -24.31
C GLU B 179 2.42 21.75 -25.04
N ALA B 180 2.46 21.83 -26.36
CA ALA B 180 2.98 20.76 -27.19
C ALA B 180 4.47 20.48 -26.93
N PHE B 181 5.26 21.54 -26.75
CA PHE B 181 6.71 21.37 -26.51
C PHE B 181 7.00 20.53 -25.28
N LEU B 182 6.25 20.78 -24.20
CA LEU B 182 6.45 20.03 -22.97
C LEU B 182 6.40 18.53 -23.23
N ILE B 183 5.34 18.09 -23.90
CA ILE B 183 5.16 16.68 -24.21
C ILE B 183 6.23 16.17 -25.16
N VAL B 184 6.51 16.92 -26.23
CA VAL B 184 7.57 16.51 -27.16
C VAL B 184 8.84 16.32 -26.34
N TYR B 185 9.07 17.23 -25.40
CA TYR B 185 10.24 17.17 -24.54
C TYR B 185 10.22 15.89 -23.71
N ASP B 186 9.03 15.48 -23.29
CA ASP B 186 8.88 14.28 -22.48
C ASP B 186 9.13 12.96 -23.21
N VAL B 187 8.95 12.95 -24.53
CA VAL B 187 9.17 11.71 -25.28
C VAL B 187 10.41 11.72 -26.18
N THR B 188 11.30 12.67 -25.96
CA THR B 188 12.54 12.77 -26.73
C THR B 188 13.69 13.18 -25.83
N HIS B 189 13.39 14.09 -24.92
CA HIS B 189 14.38 14.63 -23.99
C HIS B 189 15.44 15.41 -24.74
N ASP B 190 14.98 16.17 -25.73
CA ASP B 190 15.84 17.04 -26.52
C ASP B 190 15.64 18.37 -25.77
N LYS B 191 16.60 18.70 -24.91
CA LYS B 191 16.55 19.92 -24.10
C LYS B 191 15.91 21.12 -24.80
N LYS B 192 16.23 21.29 -26.08
CA LYS B 192 15.70 22.43 -26.83
C LYS B 192 14.18 22.65 -26.73
N TRP B 193 13.41 21.57 -26.73
CA TRP B 193 11.96 21.71 -26.65
C TRP B 193 11.52 22.37 -25.35
N LEU B 194 12.23 22.10 -24.27
CA LEU B 194 11.89 22.72 -22.98
C LEU B 194 12.46 24.12 -22.98
N ASP B 195 13.67 24.28 -23.51
CA ASP B 195 14.29 25.61 -23.56
C ASP B 195 13.37 26.54 -24.32
N ARG B 196 12.83 26.08 -25.44
CA ARG B 196 11.94 26.89 -26.24
C ARG B 196 10.69 27.28 -25.46
N ALA B 197 10.14 26.32 -24.71
CA ALA B 197 8.95 26.60 -23.90
C ALA B 197 9.27 27.73 -22.93
N ILE B 198 10.39 27.59 -22.21
CA ILE B 198 10.83 28.58 -21.24
C ILE B 198 10.96 29.94 -21.89
N ARG B 199 11.55 29.96 -23.08
CA ARG B 199 11.76 31.18 -23.83
C ARG B 199 10.46 31.87 -24.24
N VAL B 200 9.50 31.10 -24.73
CA VAL B 200 8.24 31.69 -25.13
C VAL B 200 7.53 32.29 -23.91
N ALA B 201 7.48 31.54 -22.82
CA ALA B 201 6.81 32.01 -21.62
C ALA B 201 7.48 33.25 -21.05
N SER B 202 8.79 33.33 -21.11
CA SER B 202 9.50 34.48 -20.55
C SER B 202 9.18 35.78 -21.28
N VAL B 203 8.86 35.67 -22.57
CA VAL B 203 8.52 36.86 -23.35
C VAL B 203 7.05 37.28 -23.14
N ILE B 204 6.13 36.39 -23.49
CA ILE B 204 4.72 36.68 -23.37
C ILE B 204 4.18 36.85 -21.94
N ILE B 205 4.80 36.17 -20.98
CA ILE B 205 4.34 36.29 -19.60
C ILE B 205 5.24 37.09 -18.69
N HIS B 206 6.50 36.66 -18.53
CA HIS B 206 7.40 37.36 -17.65
C HIS B 206 7.77 38.79 -18.06
N ASP B 207 7.71 39.07 -19.37
CA ASP B 207 8.04 40.41 -19.85
C ASP B 207 6.80 41.28 -20.06
N VAL B 208 5.79 40.75 -20.75
CA VAL B 208 4.60 41.53 -21.02
C VAL B 208 3.51 41.40 -19.98
N ALA B 209 2.88 40.24 -19.89
CA ALA B 209 1.81 40.05 -18.92
C ALA B 209 2.15 40.61 -17.55
N ARG B 210 3.35 40.30 -17.06
CA ARG B 210 3.79 40.74 -15.75
C ARG B 210 3.79 42.25 -15.60
N ASN B 211 4.14 42.96 -16.67
CA ASN B 211 4.17 44.41 -16.63
C ASN B 211 2.83 44.98 -17.05
N ASN B 212 1.83 44.11 -17.11
CA ASN B 212 0.48 44.51 -17.50
C ASN B 212 -0.54 44.00 -16.48
N HIS B 213 -0.16 44.11 -15.20
CA HIS B 213 -1.02 43.68 -14.10
C HIS B 213 -1.37 42.19 -14.22
N TYR B 214 -0.50 41.45 -14.89
CA TYR B 214 -0.68 40.02 -15.12
C TYR B 214 -1.87 39.69 -16.02
N ARG B 215 -2.22 40.65 -16.87
CA ARG B 215 -3.28 40.44 -17.85
C ARG B 215 -2.47 40.19 -19.12
N VAL B 216 -2.66 39.04 -19.73
CA VAL B 216 -1.90 38.69 -20.93
C VAL B 216 -2.31 39.47 -22.17
N ASN B 217 -1.34 40.11 -22.81
CA ASN B 217 -1.60 40.84 -24.05
C ASN B 217 -1.56 39.79 -25.15
N GLU B 218 -2.69 39.62 -25.84
CA GLU B 218 -2.79 38.60 -26.88
C GLU B 218 -2.26 38.95 -28.25
N HIS B 219 -2.41 40.20 -28.66
CA HIS B 219 -2.00 40.62 -29.99
C HIS B 219 -0.68 41.36 -30.11
N PHE B 220 0.09 41.01 -31.14
CA PHE B 220 1.38 41.63 -31.40
C PHE B 220 1.59 41.81 -32.91
N ASP B 221 2.54 42.66 -33.28
CA ASP B 221 2.86 42.88 -34.69
C ASP B 221 4.07 42.01 -34.99
N THR B 222 4.53 41.99 -36.24
CA THR B 222 5.66 41.16 -36.62
C THR B 222 6.91 41.31 -35.75
N GLN B 223 7.13 42.48 -35.15
CA GLN B 223 8.30 42.65 -34.30
C GLN B 223 7.99 42.50 -32.82
N TRP B 224 6.86 41.85 -32.54
CA TRP B 224 6.41 41.60 -31.18
C TRP B 224 6.07 42.81 -30.31
N ASN B 225 5.72 43.91 -30.95
CA ASN B 225 5.31 45.10 -30.23
C ASN B 225 3.85 44.81 -29.88
N PRO B 226 3.45 44.96 -28.61
CA PRO B 226 2.05 44.67 -28.32
C PRO B 226 1.06 45.65 -28.95
N LEU B 227 -0.06 45.13 -29.41
CA LEU B 227 -1.13 45.92 -30.03
C LEU B 227 -2.33 45.84 -29.07
N PRO B 228 -2.25 46.58 -27.95
CA PRO B 228 -3.34 46.57 -26.97
C PRO B 228 -4.72 46.99 -27.48
N ASP B 229 -4.77 47.81 -28.51
CA ASP B 229 -6.05 48.25 -29.03
C ASP B 229 -6.51 47.46 -30.25
N TYR B 230 -5.96 46.26 -30.41
CA TYR B 230 -6.32 45.42 -31.52
C TYR B 230 -7.83 45.13 -31.44
N ASN B 231 -8.56 45.42 -32.52
CA ASN B 231 -10.00 45.19 -32.56
C ASN B 231 -10.80 45.93 -31.49
N LYS B 232 -10.28 47.04 -31.00
CA LYS B 232 -10.99 47.82 -29.98
C LYS B 232 -12.29 48.35 -30.58
N ASP B 233 -12.31 48.48 -31.90
CA ASP B 233 -13.46 48.99 -32.65
C ASP B 233 -14.67 48.06 -32.54
N ASN B 234 -14.41 46.77 -32.36
CA ASN B 234 -15.46 45.77 -32.23
C ASN B 234 -15.15 44.88 -31.04
N PRO B 235 -15.28 45.41 -29.80
CA PRO B 235 -15.02 44.66 -28.57
C PRO B 235 -15.73 43.31 -28.50
N ALA B 236 -16.88 43.21 -29.15
CA ALA B 236 -17.66 41.98 -29.15
C ALA B 236 -17.06 40.90 -30.04
N HIS B 237 -16.54 41.29 -31.20
CA HIS B 237 -15.92 40.34 -32.13
C HIS B 237 -14.99 39.39 -31.40
N ARG B 238 -15.30 38.09 -31.47
CA ARG B 238 -14.51 37.08 -30.78
C ARG B 238 -13.23 36.62 -31.46
N PHE B 239 -13.22 36.54 -32.78
CA PHE B 239 -12.00 36.14 -33.47
C PHE B 239 -10.97 37.22 -33.12
N ARG B 240 -9.98 36.84 -32.34
CA ARG B 240 -8.95 37.79 -31.91
C ARG B 240 -9.65 38.94 -31.19
N ALA B 241 -10.40 38.57 -30.16
CA ALA B 241 -11.17 39.52 -29.37
C ALA B 241 -10.31 40.60 -28.75
N PHE B 242 -10.91 41.75 -28.50
CA PHE B 242 -10.20 42.85 -27.89
C PHE B 242 -9.93 42.54 -26.42
N GLY B 243 -8.83 43.09 -25.90
CA GLY B 243 -8.48 42.89 -24.51
C GLY B 243 -7.86 41.54 -24.20
N GLY B 244 -7.99 41.12 -22.95
CA GLY B 244 -7.44 39.84 -22.56
C GLY B 244 -8.53 38.85 -22.19
N THR B 245 -8.22 37.56 -22.30
CA THR B 245 -9.20 36.56 -21.93
C THR B 245 -8.62 35.74 -20.77
N PRO B 246 -9.16 35.96 -19.55
CA PRO B 246 -8.72 35.27 -18.34
C PRO B 246 -8.45 33.78 -18.52
N GLY B 247 -9.28 33.12 -19.32
CA GLY B 247 -9.10 31.69 -19.56
C GLY B 247 -7.66 31.38 -19.93
N HIS B 248 -7.10 32.15 -20.87
CA HIS B 248 -5.72 31.94 -21.30
C HIS B 248 -4.68 32.27 -20.22
N TRP B 249 -4.99 33.27 -19.39
CA TRP B 249 -4.08 33.65 -18.30
C TRP B 249 -3.85 32.46 -17.38
N ILE B 250 -4.95 31.80 -17.01
CA ILE B 250 -4.89 30.67 -16.10
C ILE B 250 -4.21 29.45 -16.74
N GLU B 251 -4.41 29.25 -18.05
CA GLU B 251 -3.76 28.13 -18.73
C GLU B 251 -2.26 28.35 -18.64
N TRP B 252 -1.81 29.53 -19.07
CA TRP B 252 -0.39 29.86 -19.02
C TRP B 252 0.20 29.51 -17.67
N GLY B 253 -0.53 29.85 -16.60
CA GLY B 253 -0.05 29.56 -15.26
C GLY B 253 0.28 28.10 -15.08
N ARG B 254 -0.67 27.23 -15.43
CA ARG B 254 -0.46 25.80 -15.27
C ARG B 254 0.71 25.31 -16.13
N LEU B 255 0.80 25.79 -17.37
CA LEU B 255 1.87 25.37 -18.26
C LEU B 255 3.25 25.76 -17.73
N MET B 256 3.34 26.86 -17.00
CA MET B 256 4.61 27.27 -16.44
C MET B 256 4.96 26.37 -15.26
N LEU B 257 3.94 25.83 -14.59
CA LEU B 257 4.18 24.93 -13.48
C LEU B 257 4.65 23.60 -14.03
N HIS B 258 4.12 23.21 -15.20
CA HIS B 258 4.55 21.97 -15.81
C HIS B 258 6.05 22.09 -16.12
N ILE B 259 6.47 23.30 -16.53
CA ILE B 259 7.88 23.54 -16.84
C ILE B 259 8.67 23.49 -15.53
N HIS B 260 8.06 24.02 -14.48
CA HIS B 260 8.64 24.05 -13.14
C HIS B 260 8.93 22.60 -12.71
N ALA B 261 7.93 21.74 -12.84
CA ALA B 261 8.07 20.33 -12.45
C ALA B 261 9.11 19.62 -13.30
N ALA B 262 9.09 19.91 -14.59
CA ALA B 262 10.03 19.31 -15.52
C ALA B 262 11.45 19.54 -15.02
N LEU B 263 11.74 20.79 -14.67
CA LEU B 263 13.06 21.17 -14.18
C LEU B 263 13.45 20.46 -12.88
N GLU B 264 12.49 20.27 -11.98
CA GLU B 264 12.80 19.57 -10.74
C GLU B 264 12.95 18.06 -10.97
N ALA B 265 12.23 17.54 -11.96
CA ALA B 265 12.29 16.11 -12.27
C ALA B 265 13.69 15.71 -12.71
N ARG B 266 14.52 16.70 -13.09
CA ARG B 266 15.88 16.40 -13.50
C ARG B 266 16.87 17.06 -12.53
N CYS B 267 16.48 17.14 -11.26
CA CYS B 267 17.29 17.72 -10.20
C CYS B 267 17.81 19.12 -10.47
N GLU B 268 16.96 19.97 -11.05
CA GLU B 268 17.36 21.34 -11.34
C GLU B 268 16.47 22.34 -10.62
N GLN B 269 17.08 23.38 -10.06
CA GLN B 269 16.35 24.42 -9.36
C GLN B 269 15.66 25.30 -10.41
N PRO B 270 14.32 25.38 -10.36
CA PRO B 270 13.59 26.19 -11.34
C PRO B 270 13.70 27.69 -11.05
N PRO B 271 13.81 28.50 -12.11
CA PRO B 271 13.89 29.94 -11.85
C PRO B 271 12.61 30.32 -11.09
N ALA B 272 12.75 31.20 -10.11
CA ALA B 272 11.65 31.61 -9.28
C ALA B 272 10.44 32.20 -10.00
N TRP B 273 10.66 32.92 -11.09
CA TRP B 273 9.55 33.56 -11.78
C TRP B 273 8.46 32.63 -12.29
N LEU B 274 8.77 31.36 -12.54
CA LEU B 274 7.75 30.44 -13.02
C LEU B 274 6.58 30.34 -12.02
N LEU B 275 6.87 30.00 -10.76
CA LEU B 275 5.81 29.92 -9.75
C LEU B 275 5.25 31.33 -9.47
N GLU B 276 6.15 32.30 -9.37
CA GLU B 276 5.76 33.68 -9.12
C GLU B 276 4.69 34.16 -10.09
N ASP B 277 4.97 34.01 -11.39
CA ASP B 277 4.04 34.46 -12.41
C ASP B 277 2.78 33.60 -12.48
N ALA B 278 2.91 32.31 -12.16
CA ALA B 278 1.75 31.43 -12.19
C ALA B 278 0.77 32.00 -11.17
N LYS B 279 1.28 32.26 -9.97
CA LYS B 279 0.46 32.84 -8.90
C LYS B 279 -0.14 34.17 -9.34
N GLY B 280 0.65 34.97 -10.05
CA GLY B 280 0.20 36.26 -10.52
C GLY B 280 -0.96 36.18 -11.50
N LEU B 281 -0.89 35.21 -12.42
CA LEU B 281 -1.91 35.02 -13.44
C LEU B 281 -3.20 34.49 -12.83
N PHE B 282 -3.07 33.63 -11.83
CA PHE B 282 -4.21 33.05 -11.16
C PHE B 282 -4.91 34.13 -10.36
N ASN B 283 -4.13 34.97 -9.68
CA ASN B 283 -4.73 36.03 -8.89
C ASN B 283 -5.46 37.02 -9.78
N ALA B 284 -4.85 37.35 -10.92
CA ALA B 284 -5.48 38.28 -11.85
C ALA B 284 -6.78 37.69 -12.37
N THR B 285 -6.74 36.41 -12.74
CA THR B 285 -7.91 35.72 -13.26
C THR B 285 -9.10 35.79 -12.33
N VAL B 286 -8.87 35.55 -11.03
CA VAL B 286 -9.96 35.61 -10.08
C VAL B 286 -10.35 37.07 -9.80
N ARG B 287 -9.35 37.94 -9.80
CA ARG B 287 -9.56 39.37 -9.56
C ARG B 287 -10.43 40.04 -10.62
N ASP B 288 -10.17 39.75 -11.90
CA ASP B 288 -10.95 40.39 -12.96
C ASP B 288 -12.09 39.58 -13.57
N ALA B 289 -11.97 38.25 -13.57
CA ALA B 289 -12.98 37.42 -14.21
C ALA B 289 -13.99 36.64 -13.38
N TRP B 290 -13.71 36.37 -12.10
CA TRP B 290 -14.67 35.62 -11.31
C TRP B 290 -15.74 36.49 -10.66
N ALA B 291 -17.00 36.12 -10.91
CA ALA B 291 -18.15 36.86 -10.38
C ALA B 291 -17.93 38.37 -10.33
N PRO B 292 -17.73 38.99 -11.50
CA PRO B 292 -17.51 40.44 -11.49
C PRO B 292 -18.72 41.25 -11.95
N ASP B 293 -19.81 40.58 -12.27
CA ASP B 293 -20.99 41.29 -12.76
C ASP B 293 -22.34 40.90 -12.15
N GLY B 294 -22.33 40.47 -10.89
CA GLY B 294 -23.57 40.12 -10.24
C GLY B 294 -23.94 38.65 -10.22
N ALA B 295 -23.16 37.82 -10.90
CA ALA B 295 -23.45 36.38 -10.92
C ALA B 295 -22.12 35.63 -10.94
N ASP B 296 -22.16 34.35 -10.58
CA ASP B 296 -20.94 33.56 -10.58
C ASP B 296 -20.48 33.24 -11.99
N GLY B 297 -19.24 32.74 -12.10
CA GLY B 297 -18.70 32.38 -13.40
C GLY B 297 -17.51 33.20 -13.86
N ILE B 298 -16.76 32.65 -14.80
CA ILE B 298 -15.58 33.32 -15.34
C ILE B 298 -15.89 33.95 -16.69
N VAL B 299 -15.87 35.29 -16.74
CA VAL B 299 -16.17 35.99 -18.00
C VAL B 299 -15.14 35.67 -19.08
N TYR B 300 -15.52 35.89 -20.34
CA TYR B 300 -14.64 35.60 -21.47
C TYR B 300 -13.52 36.60 -21.70
N THR B 301 -13.84 37.89 -21.74
CA THR B 301 -12.79 38.87 -21.94
C THR B 301 -12.96 40.06 -21.02
N VAL B 302 -11.86 40.78 -20.84
CA VAL B 302 -11.79 41.93 -19.98
C VAL B 302 -10.99 43.04 -20.67
N ASP B 303 -11.27 44.30 -20.34
CA ASP B 303 -10.51 45.39 -20.94
C ASP B 303 -9.29 45.63 -20.07
N TRP B 304 -8.46 46.59 -20.46
CA TRP B 304 -7.23 46.84 -19.73
C TRP B 304 -7.35 47.46 -18.34
N GLU B 305 -8.58 47.60 -17.86
CA GLU B 305 -8.84 48.12 -16.52
C GLU B 305 -9.50 47.00 -15.74
N GLY B 306 -9.44 45.80 -16.31
CA GLY B 306 -10.03 44.64 -15.68
C GLY B 306 -11.53 44.56 -15.84
N LYS B 307 -12.16 45.55 -16.47
CA LYS B 307 -13.61 45.52 -16.64
C LYS B 307 -14.03 44.51 -17.70
N PRO B 308 -15.08 43.73 -17.41
CA PRO B 308 -15.59 42.73 -18.34
C PRO B 308 -16.05 43.33 -19.67
N VAL B 309 -15.78 42.63 -20.77
CA VAL B 309 -16.21 43.07 -22.09
C VAL B 309 -17.19 42.01 -22.58
N VAL B 310 -16.67 40.87 -23.04
CA VAL B 310 -17.56 39.79 -23.45
C VAL B 310 -17.87 39.05 -22.15
N ARG B 311 -19.12 39.14 -21.70
CA ARG B 311 -19.53 38.53 -20.44
C ARG B 311 -20.03 37.09 -20.44
N GLU B 312 -20.23 36.50 -21.61
CA GLU B 312 -20.70 35.12 -21.67
C GLU B 312 -19.74 34.19 -20.93
N ARG B 313 -20.28 33.20 -20.22
CA ARG B 313 -19.42 32.27 -19.50
C ARG B 313 -19.16 31.08 -20.42
N VAL B 314 -18.01 31.07 -21.07
CA VAL B 314 -17.68 29.96 -21.96
C VAL B 314 -17.14 28.83 -21.08
N ARG B 315 -17.21 27.60 -21.58
CA ARG B 315 -16.78 26.44 -20.82
C ARG B 315 -15.31 26.24 -20.45
N TRP B 316 -14.43 26.33 -21.43
CA TRP B 316 -13.01 26.07 -21.17
C TRP B 316 -12.27 26.97 -20.16
N PRO B 317 -12.66 28.25 -20.03
CA PRO B 317 -11.94 29.08 -19.07
C PRO B 317 -11.98 28.55 -17.62
N ILE B 318 -13.17 28.24 -17.12
CA ILE B 318 -13.29 27.73 -15.75
C ILE B 318 -12.79 26.30 -15.63
N VAL B 319 -12.83 25.55 -16.73
CA VAL B 319 -12.32 24.19 -16.71
C VAL B 319 -10.82 24.30 -16.46
N GLU B 320 -10.15 25.18 -17.21
CA GLU B 320 -8.71 25.40 -17.07
C GLU B 320 -8.37 25.93 -15.67
N ALA B 321 -9.17 26.88 -15.19
CA ALA B 321 -8.95 27.45 -13.86
C ALA B 321 -8.84 26.36 -12.81
N MET B 322 -9.70 25.35 -12.92
CA MET B 322 -9.68 24.23 -11.99
C MET B 322 -8.37 23.48 -12.12
N GLY B 323 -7.91 23.31 -13.36
CA GLY B 323 -6.67 22.61 -13.61
C GLY B 323 -5.49 23.36 -13.02
N THR B 324 -5.47 24.67 -13.21
CA THR B 324 -4.38 25.49 -12.67
C THR B 324 -4.46 25.52 -11.14
N ALA B 325 -5.67 25.56 -10.60
CA ALA B 325 -5.84 25.55 -9.16
C ALA B 325 -5.17 24.30 -8.57
N TYR B 326 -5.31 23.18 -9.28
CA TYR B 326 -4.68 21.94 -8.83
C TYR B 326 -3.17 22.09 -8.89
N ALA B 327 -2.67 22.59 -10.02
CA ALA B 327 -1.24 22.76 -10.20
C ALA B 327 -0.64 23.63 -9.10
N LEU B 328 -1.26 24.79 -8.85
CA LEU B 328 -0.77 25.69 -7.81
C LEU B 328 -0.80 25.01 -6.46
N TYR B 329 -1.83 24.20 -6.21
CA TYR B 329 -1.92 23.48 -4.94
C TYR B 329 -0.78 22.48 -4.81
N THR B 330 -0.53 21.72 -5.87
CA THR B 330 0.51 20.72 -5.86
C THR B 330 1.89 21.28 -5.57
N VAL B 331 2.16 22.49 -6.06
CA VAL B 331 3.45 23.13 -5.84
C VAL B 331 3.55 23.90 -4.54
N THR B 332 2.52 24.69 -4.24
CA THR B 332 2.51 25.52 -3.03
C THR B 332 1.93 24.84 -1.79
N GLY B 333 0.96 23.98 -1.98
CA GLY B 333 0.36 23.33 -0.83
C GLY B 333 -0.68 24.24 -0.17
N ASP B 334 -0.83 25.45 -0.70
CA ASP B 334 -1.80 26.41 -0.18
C ASP B 334 -3.23 25.90 -0.39
N ARG B 335 -3.91 25.56 0.70
CA ARG B 335 -5.28 25.03 0.64
C ARG B 335 -6.31 25.92 -0.05
N GLN B 336 -6.01 27.21 -0.15
CA GLN B 336 -6.94 28.13 -0.81
C GLN B 336 -7.20 27.74 -2.26
N TYR B 337 -6.17 27.20 -2.92
CA TYR B 337 -6.32 26.79 -4.31
C TYR B 337 -7.31 25.64 -4.38
N GLU B 338 -7.32 24.80 -3.35
CA GLU B 338 -8.27 23.69 -3.35
C GLU B 338 -9.68 24.21 -3.12
N THR B 339 -9.82 25.28 -2.34
CA THR B 339 -11.15 25.84 -2.11
C THR B 339 -11.68 26.40 -3.44
N TRP B 340 -10.80 26.99 -4.24
CA TRP B 340 -11.21 27.52 -5.54
C TRP B 340 -11.64 26.38 -6.45
N TYR B 341 -10.81 25.35 -6.50
CA TYR B 341 -11.08 24.15 -7.29
C TYR B 341 -12.48 23.64 -6.93
N GLN B 342 -12.76 23.57 -5.64
CA GLN B 342 -14.06 23.10 -5.18
C GLN B 342 -15.15 24.12 -5.53
N THR B 343 -14.83 25.40 -5.41
CA THR B 343 -15.81 26.44 -5.72
C THR B 343 -16.21 26.36 -7.18
N TRP B 344 -15.23 26.09 -8.03
CA TRP B 344 -15.50 25.99 -9.46
C TRP B 344 -16.18 24.68 -9.85
N TRP B 345 -15.93 23.59 -9.11
CA TRP B 345 -16.59 22.34 -9.45
C TRP B 345 -18.09 22.48 -9.22
N GLU B 346 -18.46 23.15 -8.12
CA GLU B 346 -19.87 23.36 -7.78
C GLU B 346 -20.55 24.17 -8.89
N TYR B 347 -19.86 25.18 -9.39
CA TYR B 347 -20.42 25.98 -10.47
C TYR B 347 -20.65 25.11 -11.70
N CYS B 348 -19.66 24.27 -12.02
CA CYS B 348 -19.74 23.42 -13.20
C CYS B 348 -20.87 22.39 -13.22
N ILE B 349 -21.01 21.61 -12.15
CA ILE B 349 -22.07 20.61 -12.16
C ILE B 349 -23.44 21.27 -12.09
N LYS B 350 -23.48 22.49 -11.59
CA LYS B 350 -24.74 23.21 -11.48
C LYS B 350 -25.15 23.91 -12.77
N TYR B 351 -24.17 24.36 -13.54
CA TYR B 351 -24.49 25.09 -14.77
C TYR B 351 -23.92 24.53 -16.07
N LEU B 352 -22.78 23.85 -16.02
CA LEU B 352 -22.16 23.35 -17.26
C LEU B 352 -22.41 21.89 -17.63
N MET B 353 -22.40 21.00 -16.66
CA MET B 353 -22.60 19.59 -16.96
C MET B 353 -24.00 19.28 -17.48
N ASP B 354 -24.04 18.53 -18.57
CA ASP B 354 -25.31 18.15 -19.20
C ASP B 354 -25.45 16.64 -19.26
N TYR B 355 -25.97 16.06 -18.18
CA TYR B 355 -26.18 14.63 -18.11
C TYR B 355 -27.29 14.23 -19.10
N GLU B 356 -28.21 15.15 -19.30
CA GLU B 356 -29.34 14.95 -20.19
C GLU B 356 -28.94 14.61 -21.64
N ASN B 357 -28.32 15.58 -22.32
CA ASN B 357 -27.90 15.40 -23.70
C ASN B 357 -26.45 14.97 -23.87
N GLY B 358 -25.72 14.89 -22.77
CA GLY B 358 -24.33 14.47 -22.84
C GLY B 358 -23.27 15.55 -22.76
N SER B 359 -22.09 15.15 -22.32
CA SER B 359 -20.95 16.06 -22.19
C SER B 359 -21.26 17.30 -21.35
N TRP B 360 -20.72 18.44 -21.74
CA TRP B 360 -20.92 19.71 -21.02
C TRP B 360 -21.43 20.75 -22.01
N TRP B 361 -22.10 21.77 -21.51
CA TRP B 361 -22.55 22.85 -22.38
C TRP B 361 -21.29 23.60 -22.80
N GLN B 362 -21.36 24.32 -23.91
CA GLN B 362 -20.20 25.06 -24.39
C GLN B 362 -20.17 26.53 -23.96
N GLU B 363 -21.35 27.15 -23.82
CA GLU B 363 -21.42 28.56 -23.42
C GLU B 363 -22.73 28.92 -22.70
N LEU B 364 -22.67 29.95 -21.87
CA LEU B 364 -23.83 30.41 -21.12
C LEU B 364 -23.84 31.94 -21.17
N ASP B 365 -25.00 32.56 -20.94
CA ASP B 365 -25.04 34.01 -20.96
C ASP B 365 -24.52 34.52 -19.62
N ALA B 366 -24.46 35.83 -19.46
CA ALA B 366 -23.97 36.43 -18.22
C ALA B 366 -24.81 35.98 -17.02
N ASP B 367 -25.96 35.38 -17.31
CA ASP B 367 -26.85 34.89 -16.25
C ASP B 367 -26.68 33.39 -16.08
N ASN B 368 -25.64 32.84 -16.69
CA ASN B 368 -25.33 31.42 -16.61
C ASN B 368 -26.42 30.53 -17.19
N LYS B 369 -27.22 31.10 -18.10
CA LYS B 369 -28.27 30.34 -18.76
C LYS B 369 -27.77 29.84 -20.11
N VAL B 370 -28.11 28.59 -20.42
CA VAL B 370 -27.69 27.96 -21.66
C VAL B 370 -28.14 28.71 -22.92
N THR B 371 -27.28 28.69 -23.93
CA THR B 371 -27.54 29.33 -25.22
C THR B 371 -26.86 28.49 -26.30
N THR B 372 -26.89 29.00 -27.54
CA THR B 372 -26.26 28.30 -28.65
C THR B 372 -25.50 29.31 -29.52
N GLY B 377 -21.81 24.13 -30.86
CA GLY B 377 -22.34 22.99 -30.13
C GLY B 377 -21.40 22.51 -29.04
N LYS B 378 -20.97 21.25 -29.13
CA LYS B 378 -20.08 20.67 -28.14
C LYS B 378 -18.92 19.97 -28.84
N GLN B 379 -18.23 20.70 -29.72
CA GLN B 379 -17.14 20.14 -30.50
C GLN B 379 -15.84 19.83 -29.77
N ASP B 380 -15.78 20.02 -28.46
CA ASP B 380 -14.54 19.73 -27.75
C ASP B 380 -14.67 18.95 -26.45
N ILE B 381 -13.62 18.20 -26.12
CA ILE B 381 -13.54 17.44 -24.89
C ILE B 381 -12.09 17.48 -24.39
N TYR B 382 -11.19 17.95 -25.26
CA TYR B 382 -9.78 18.08 -24.94
C TYR B 382 -9.56 18.88 -23.67
N HIS B 383 -10.20 20.04 -23.56
CA HIS B 383 -10.04 20.86 -22.36
C HIS B 383 -10.46 20.12 -21.10
N LEU B 384 -11.55 19.37 -21.20
CA LEU B 384 -12.06 18.66 -20.04
C LEU B 384 -11.05 17.77 -19.31
N LEU B 385 -10.04 17.27 -20.01
CA LEU B 385 -9.05 16.40 -19.35
C LEU B 385 -8.19 17.17 -18.33
N HIS B 386 -8.16 18.49 -18.46
CA HIS B 386 -7.35 19.30 -17.58
C HIS B 386 -7.93 19.50 -16.18
N CYS B 387 -9.20 19.15 -16.00
CA CYS B 387 -9.83 19.25 -14.69
C CYS B 387 -10.23 17.84 -14.26
N LEU B 388 -10.20 16.90 -15.21
CA LEU B 388 -10.58 15.51 -14.92
C LEU B 388 -9.41 14.55 -14.74
N VAL B 389 -8.38 14.66 -15.57
CA VAL B 389 -7.21 13.78 -15.49
C VAL B 389 -6.03 14.42 -14.74
N ILE B 390 -5.70 15.65 -15.11
CA ILE B 390 -4.58 16.37 -14.51
C ILE B 390 -4.53 16.29 -12.98
N PRO B 391 -5.67 16.49 -12.30
CA PRO B 391 -5.66 16.43 -10.83
C PRO B 391 -5.30 15.07 -10.23
N ARG B 392 -5.14 14.05 -11.07
CA ARG B 392 -4.83 12.70 -10.58
C ARG B 392 -3.38 12.29 -10.79
N ILE B 393 -2.60 13.17 -11.41
CA ILE B 393 -1.20 12.88 -11.69
C ILE B 393 -0.30 14.03 -11.30
N PRO B 394 1.00 13.76 -11.12
CA PRO B 394 1.92 14.83 -10.75
C PRO B 394 2.06 15.79 -11.94
N LEU B 395 2.79 16.88 -11.75
CA LEU B 395 2.98 17.86 -12.81
C LEU B 395 4.02 17.43 -13.83
N ALA B 396 4.93 16.54 -13.43
CA ALA B 396 5.95 16.05 -14.34
C ALA B 396 5.98 14.53 -14.28
N PRO B 397 6.06 13.87 -15.44
CA PRO B 397 6.11 14.45 -16.79
C PRO B 397 4.69 14.86 -17.22
N GLY B 398 4.54 15.20 -18.49
CA GLY B 398 3.23 15.59 -19.01
C GLY B 398 2.14 14.57 -18.80
N MET B 399 0.90 14.99 -19.03
CA MET B 399 -0.28 14.13 -18.86
C MET B 399 -0.23 12.76 -19.55
N ALA B 400 -0.17 12.76 -20.87
CA ALA B 400 -0.13 11.49 -21.59
C ALA B 400 1.05 10.66 -21.09
N PRO B 401 2.26 11.23 -21.05
CA PRO B 401 3.42 10.47 -20.57
C PRO B 401 3.26 9.96 -19.14
N ALA B 402 2.67 10.78 -18.27
CA ALA B 402 2.48 10.40 -16.88
C ALA B 402 1.44 9.30 -16.68
N VAL B 403 0.39 9.26 -17.50
CA VAL B 403 -0.60 8.20 -17.36
C VAL B 403 -0.02 6.91 -17.94
N ALA B 404 0.64 7.01 -19.10
CA ALA B 404 1.24 5.85 -19.73
C ALA B 404 2.36 5.30 -18.84
N ALA B 405 2.79 6.10 -17.88
CA ALA B 405 3.85 5.69 -16.96
C ALA B 405 3.28 4.99 -15.73
N GLY B 406 1.96 4.96 -15.60
CA GLY B 406 1.32 4.31 -14.46
C GLY B 406 1.17 5.19 -13.23
N LEU B 407 1.36 6.50 -13.41
CA LEU B 407 1.27 7.44 -12.30
C LEU B 407 -0.14 7.84 -11.87
N LEU B 408 -1.15 7.29 -12.52
CA LEU B 408 -2.54 7.61 -12.18
C LEU B 408 -2.81 7.34 -10.69
N ASP B 409 -3.23 8.38 -9.97
CA ASP B 409 -3.53 8.28 -8.54
C ASP B 409 -2.33 7.99 -7.66
N ILE B 410 -1.12 8.10 -8.21
CA ILE B 410 0.07 7.80 -7.42
C ILE B 410 0.10 8.52 -6.06
N ASN B 411 -0.46 9.72 -5.99
CA ASN B 411 -0.46 10.48 -4.74
C ASN B 411 -1.78 10.44 -3.98
N ALA B 412 -2.77 9.72 -4.49
CA ALA B 412 -4.07 9.64 -3.83
C ALA B 412 -4.10 8.54 -2.79
N LYS B 413 -4.86 8.76 -1.73
CA LYS B 413 -4.97 7.79 -0.65
C LYS B 413 -6.45 7.63 -0.33
N MET C 1 -18.16 -16.79 2.86
CA MET C 1 -18.15 -15.67 1.88
C MET C 1 -17.69 -14.38 2.56
N LYS C 2 -16.66 -13.75 2.00
CA LYS C 2 -16.13 -12.51 2.58
C LYS C 2 -16.48 -11.25 1.82
N TRP C 3 -17.07 -10.29 2.54
CA TRP C 3 -17.48 -9.02 1.96
C TRP C 3 -16.87 -7.83 2.70
N PHE C 4 -16.99 -7.83 4.03
CA PHE C 4 -16.46 -6.75 4.85
C PHE C 4 -14.98 -6.49 4.55
N ASN C 5 -14.64 -5.21 4.44
CA ASN C 5 -13.27 -4.81 4.21
C ASN C 5 -12.65 -5.32 2.91
N THR C 6 -13.48 -5.64 1.92
CA THR C 6 -12.98 -6.06 0.62
C THR C 6 -13.28 -4.89 -0.34
N LEU C 7 -12.26 -4.41 -1.04
CA LEU C 7 -12.46 -3.29 -1.95
C LEU C 7 -13.54 -3.54 -3.00
N SER C 8 -13.72 -4.80 -3.39
CA SER C 8 -14.73 -5.12 -4.38
C SER C 8 -16.13 -4.85 -3.86
N HIS C 9 -16.41 -5.27 -2.64
CA HIS C 9 -17.73 -5.03 -2.07
C HIS C 9 -17.92 -3.55 -1.84
N ASN C 10 -16.90 -2.91 -1.27
CA ASN C 10 -16.98 -1.48 -1.00
C ASN C 10 -17.16 -0.65 -2.27
N ARG C 11 -16.71 -1.15 -3.42
CA ARG C 11 -16.88 -0.41 -4.66
C ARG C 11 -18.36 -0.48 -5.01
N TRP C 12 -18.96 -1.65 -4.79
CA TRP C 12 -20.38 -1.81 -5.06
C TRP C 12 -21.16 -0.85 -4.17
N LEU C 13 -20.76 -0.75 -2.91
CA LEU C 13 -21.43 0.15 -1.97
C LEU C 13 -21.34 1.61 -2.42
N GLU C 14 -20.15 2.08 -2.77
CA GLU C 14 -20.00 3.47 -3.19
C GLU C 14 -20.84 3.78 -4.43
N GLN C 15 -20.85 2.86 -5.38
CA GLN C 15 -21.62 3.03 -6.60
C GLN C 15 -23.12 3.10 -6.28
N GLU C 16 -23.56 2.33 -5.30
CA GLU C 16 -24.96 2.37 -4.89
C GLU C 16 -25.20 3.65 -4.09
N THR C 17 -24.17 4.10 -3.36
CA THR C 17 -24.25 5.33 -2.57
C THR C 17 -24.51 6.51 -3.53
N ASP C 18 -23.74 6.57 -4.61
CA ASP C 18 -23.91 7.64 -5.59
C ASP C 18 -25.32 7.67 -6.19
N ARG C 19 -25.91 6.49 -6.40
CA ARG C 19 -27.25 6.44 -6.95
C ARG C 19 -28.20 7.07 -5.95
N ILE C 20 -27.93 6.83 -4.66
CA ILE C 20 -28.76 7.39 -3.60
C ILE C 20 -28.54 8.90 -3.46
N PHE C 21 -27.29 9.37 -3.56
CA PHE C 21 -27.01 10.81 -3.47
C PHE C 21 -27.80 11.52 -4.56
N ASP C 22 -27.77 10.97 -5.77
CA ASP C 22 -28.47 11.54 -6.91
C ASP C 22 -29.97 11.65 -6.72
N PHE C 23 -30.57 10.58 -6.20
CA PHE C 23 -32.00 10.55 -5.97
C PHE C 23 -32.43 11.71 -5.07
N GLY C 24 -31.63 11.97 -4.03
CA GLY C 24 -31.96 13.02 -3.10
C GLY C 24 -31.78 14.45 -3.58
N LYS C 25 -31.04 14.65 -4.67
CA LYS C 25 -30.80 15.99 -5.18
C LYS C 25 -32.08 16.73 -5.61
N ASN C 26 -33.12 16.00 -5.95
CA ASN C 26 -34.37 16.62 -6.40
C ASN C 26 -35.27 17.16 -5.30
N SER C 27 -34.95 16.85 -4.05
CA SER C 27 -35.75 17.30 -2.92
C SER C 27 -35.56 18.78 -2.57
N VAL C 28 -34.60 19.44 -3.22
CA VAL C 28 -34.34 20.85 -2.92
C VAL C 28 -35.52 21.79 -3.20
N VAL C 29 -35.80 22.65 -2.23
CA VAL C 29 -36.86 23.64 -2.35
C VAL C 29 -36.35 24.91 -1.68
N PRO C 30 -36.97 26.06 -1.95
CA PRO C 30 -36.51 27.31 -1.34
C PRO C 30 -36.30 27.29 0.18
N THR C 31 -37.18 26.62 0.91
CA THR C 31 -37.08 26.57 2.37
C THR C 31 -36.28 25.39 2.93
N GLY C 32 -35.63 24.63 2.06
CA GLY C 32 -34.85 23.49 2.51
C GLY C 32 -34.97 22.28 1.62
N PHE C 33 -35.36 21.16 2.21
CA PHE C 33 -35.49 19.91 1.46
C PHE C 33 -36.91 19.38 1.60
N GLY C 34 -37.54 19.09 0.47
CA GLY C 34 -38.91 18.60 0.47
C GLY C 34 -39.03 17.10 0.62
N TRP C 35 -40.26 16.61 0.48
CA TRP C 35 -40.63 15.20 0.61
C TRP C 35 -40.72 14.53 -0.75
N LEU C 36 -39.76 13.67 -1.07
CA LEU C 36 -39.78 12.98 -2.37
C LEU C 36 -40.71 11.78 -2.38
N GLY C 37 -41.36 11.58 -3.53
CA GLY C 37 -42.29 10.47 -3.69
C GLY C 37 -41.68 9.23 -4.32
N ASN C 38 -42.53 8.24 -4.59
CA ASN C 38 -42.09 6.97 -5.18
C ASN C 38 -41.31 7.06 -6.48
N LYS C 39 -41.27 8.24 -7.09
CA LYS C 39 -40.52 8.41 -8.33
C LYS C 39 -39.53 9.57 -8.24
N GLY C 40 -39.17 9.94 -7.02
CA GLY C 40 -38.21 11.00 -6.82
C GLY C 40 -38.73 12.40 -7.05
N GLN C 41 -40.04 12.55 -7.17
CA GLN C 41 -40.66 13.85 -7.38
C GLN C 41 -41.04 14.45 -6.02
N ILE C 42 -41.09 15.76 -5.94
CA ILE C 42 -41.44 16.42 -4.69
C ILE C 42 -42.94 16.41 -4.44
N LYS C 43 -43.35 15.95 -3.27
CA LYS C 43 -44.77 15.94 -2.91
C LYS C 43 -44.97 17.21 -2.11
N GLU C 44 -45.28 18.29 -2.81
CA GLU C 44 -45.46 19.60 -2.21
C GLU C 44 -46.43 19.71 -1.03
N GLU C 45 -47.43 18.85 -0.98
CA GLU C 45 -48.40 18.91 0.10
C GLU C 45 -47.77 18.58 1.44
N MET C 46 -46.62 17.91 1.42
CA MET C 46 -45.95 17.51 2.64
C MET C 46 -45.17 18.64 3.27
N GLY C 47 -44.86 19.67 2.50
CA GLY C 47 -44.13 20.80 3.04
C GLY C 47 -42.66 20.51 3.31
N THR C 48 -42.02 21.39 4.06
CA THR C 48 -40.61 21.25 4.38
C THR C 48 -40.45 20.85 5.84
N HIS C 49 -40.17 19.58 6.08
CA HIS C 49 -40.01 19.12 7.45
C HIS C 49 -38.61 19.40 7.99
N LEU C 50 -38.55 19.72 9.27
CA LEU C 50 -37.30 19.99 9.95
C LEU C 50 -36.39 18.77 9.90
N TRP C 51 -36.91 17.62 10.29
CA TRP C 51 -36.12 16.40 10.30
C TRP C 51 -35.55 16.05 8.93
N ILE C 52 -36.35 16.24 7.88
CA ILE C 52 -35.91 15.93 6.52
C ILE C 52 -34.78 16.87 6.08
N THR C 53 -34.94 18.17 6.36
CA THR C 53 -33.93 19.16 6.00
C THR C 53 -32.62 18.92 6.74
N ALA C 54 -32.72 18.61 8.03
CA ALA C 54 -31.55 18.35 8.84
C ALA C 54 -30.84 17.08 8.35
N ARG C 55 -31.62 16.02 8.12
CA ARG C 55 -31.02 14.77 7.65
C ARG C 55 -30.25 15.00 6.37
N MET C 56 -30.87 15.66 5.41
CA MET C 56 -30.22 15.94 4.12
C MET C 56 -28.95 16.76 4.32
N LEU C 57 -28.96 17.70 5.28
CA LEU C 57 -27.80 18.52 5.57
C LEU C 57 -26.68 17.57 5.98
N HIS C 58 -27.05 16.60 6.81
CA HIS C 58 -26.13 15.60 7.30
C HIS C 58 -25.66 14.71 6.15
N VAL C 59 -26.60 14.21 5.37
CA VAL C 59 -26.26 13.33 4.25
C VAL C 59 -25.26 13.93 3.26
N TYR C 60 -25.58 15.12 2.73
CA TYR C 60 -24.69 15.74 1.76
C TYR C 60 -23.39 16.27 2.33
N SER C 61 -23.26 16.19 3.66
CA SER C 61 -22.01 16.60 4.29
C SER C 61 -21.06 15.43 4.06
N VAL C 62 -21.64 14.24 4.01
CA VAL C 62 -20.89 13.02 3.78
C VAL C 62 -20.53 12.95 2.29
N ALA C 63 -21.50 13.25 1.44
CA ALA C 63 -21.29 13.23 0.00
C ALA C 63 -20.21 14.24 -0.38
N ALA C 64 -20.22 15.39 0.28
CA ALA C 64 -19.26 16.44 0.03
C ALA C 64 -17.86 15.99 0.43
N ALA C 65 -17.78 15.24 1.52
CA ALA C 65 -16.49 14.75 1.99
C ALA C 65 -15.98 13.65 1.06
N MET C 66 -16.90 13.02 0.33
CA MET C 66 -16.53 11.97 -0.60
C MET C 66 -16.09 12.54 -1.94
N GLY C 67 -16.04 13.86 -2.01
CA GLY C 67 -15.61 14.51 -3.23
C GLY C 67 -16.63 14.64 -4.35
N ARG C 68 -17.91 14.65 -4.02
CA ARG C 68 -18.95 14.77 -5.05
C ARG C 68 -19.36 16.21 -5.32
N PRO C 69 -19.05 16.73 -6.51
CA PRO C 69 -19.44 18.11 -6.83
C PRO C 69 -20.94 18.25 -6.64
N GLY C 70 -21.39 19.39 -6.09
CA GLY C 70 -22.81 19.60 -5.87
C GLY C 70 -23.21 19.34 -4.43
N ALA C 71 -22.48 18.46 -3.74
CA ALA C 71 -22.77 18.12 -2.36
C ALA C 71 -22.62 19.33 -1.47
N TYR C 72 -21.45 19.98 -1.54
CA TYR C 72 -21.18 21.17 -0.75
C TYR C 72 -22.29 22.19 -0.94
N SER C 73 -22.73 22.37 -2.18
CA SER C 73 -23.80 23.31 -2.49
C SER C 73 -25.08 22.99 -1.74
N LEU C 74 -25.41 21.71 -1.64
CA LEU C 74 -26.62 21.33 -0.91
C LEU C 74 -26.40 21.58 0.59
N VAL C 75 -25.17 21.35 1.06
CA VAL C 75 -24.83 21.57 2.46
C VAL C 75 -25.07 23.06 2.74
N ASP C 76 -24.59 23.91 1.83
CA ASP C 76 -24.77 25.35 1.97
C ASP C 76 -26.25 25.68 2.00
N HIS C 77 -27.01 25.08 1.08
CA HIS C 77 -28.43 25.32 1.02
C HIS C 77 -29.06 24.91 2.34
N GLY C 78 -28.60 23.78 2.89
CA GLY C 78 -29.12 23.31 4.16
C GLY C 78 -28.87 24.30 5.29
N ILE C 79 -27.65 24.80 5.40
CA ILE C 79 -27.29 25.76 6.44
C ILE C 79 -28.12 27.05 6.33
N LYS C 80 -28.29 27.55 5.11
CA LYS C 80 -29.10 28.76 4.92
C LYS C 80 -30.55 28.49 5.29
N ALA C 81 -31.00 27.26 5.05
CA ALA C 81 -32.37 26.87 5.38
C ALA C 81 -32.56 26.83 6.91
N MET C 82 -31.52 26.41 7.63
CA MET C 82 -31.59 26.35 9.09
C MET C 82 -31.57 27.74 9.69
N ASN C 83 -31.09 28.71 8.92
CA ASN C 83 -31.05 30.10 9.36
C ASN C 83 -32.22 30.88 8.76
N GLY C 84 -33.04 30.20 7.96
CA GLY C 84 -34.16 30.85 7.32
C GLY C 84 -35.54 30.55 7.88
N ALA C 85 -36.49 30.31 6.97
CA ALA C 85 -37.89 30.02 7.32
C ALA C 85 -38.08 29.04 8.47
N LEU C 86 -37.37 27.91 8.44
CA LEU C 86 -37.49 26.90 9.49
C LEU C 86 -37.14 27.43 10.88
N ARG C 87 -36.33 28.48 10.95
CA ARG C 87 -35.95 29.01 12.25
C ARG C 87 -36.96 30.00 12.80
N ASP C 88 -37.32 29.77 14.06
CA ASP C 88 -38.27 30.61 14.76
C ASP C 88 -37.50 31.84 15.29
N LYS C 89 -37.64 32.97 14.61
CA LYS C 89 -36.93 34.18 15.02
C LYS C 89 -37.50 34.79 16.29
N LYS C 90 -38.68 34.33 16.72
CA LYS C 90 -39.29 34.88 17.92
C LYS C 90 -38.97 34.10 19.19
N TYR C 91 -39.13 32.79 19.13
CA TYR C 91 -38.91 31.93 20.28
C TYR C 91 -37.67 31.07 20.25
N GLY C 92 -36.97 31.05 19.11
CA GLY C 92 -35.78 30.24 18.99
C GLY C 92 -36.12 28.85 18.48
N GLY C 93 -35.11 28.01 18.33
CA GLY C 93 -35.36 26.66 17.84
C GLY C 93 -35.89 26.66 16.41
N TRP C 94 -36.52 25.56 16.01
CA TRP C 94 -37.05 25.42 14.66
C TRP C 94 -38.45 24.83 14.63
N TYR C 95 -39.29 25.36 13.74
CA TYR C 95 -40.64 24.86 13.58
C TYR C 95 -40.55 23.43 13.05
N ALA C 96 -41.52 22.60 13.36
CA ALA C 96 -41.50 21.22 12.89
C ALA C 96 -41.68 21.15 11.38
N CYS C 97 -42.40 22.13 10.82
CA CYS C 97 -42.62 22.12 9.38
C CYS C 97 -43.07 23.47 8.84
N VAL C 98 -42.64 23.77 7.62
CA VAL C 98 -42.99 25.03 6.95
C VAL C 98 -43.04 24.81 5.46
N ASN C 99 -43.71 25.73 4.76
CA ASN C 99 -43.76 25.70 3.30
C ASN C 99 -43.72 27.17 2.88
N ASP C 100 -43.83 27.45 1.59
CA ASP C 100 -43.75 28.83 1.12
C ASP C 100 -44.83 29.79 1.64
N GLU C 101 -45.93 29.25 2.15
CA GLU C 101 -47.02 30.07 2.69
C GLU C 101 -46.85 30.44 4.16
N GLY C 102 -46.15 29.60 4.91
CA GLY C 102 -45.95 29.90 6.32
C GLY C 102 -45.58 28.69 7.14
N VAL C 103 -45.78 28.80 8.46
CA VAL C 103 -45.47 27.72 9.37
C VAL C 103 -46.58 26.69 9.39
N VAL C 104 -46.29 25.50 8.85
CA VAL C 104 -47.27 24.42 8.79
C VAL C 104 -47.46 23.78 10.17
N ASP C 105 -46.34 23.57 10.87
CA ASP C 105 -46.37 22.98 12.21
C ASP C 105 -45.36 23.74 13.07
N ALA C 106 -45.87 24.54 14.00
CA ALA C 106 -45.02 25.35 14.86
C ALA C 106 -44.49 24.66 16.12
N SER C 107 -44.85 23.41 16.35
CA SER C 107 -44.36 22.73 17.55
C SER C 107 -42.84 22.55 17.52
N LYS C 108 -42.26 22.46 18.72
CA LYS C 108 -40.82 22.28 18.91
C LYS C 108 -40.57 20.83 19.31
N GLN C 109 -40.30 19.99 18.33
CA GLN C 109 -40.08 18.56 18.58
C GLN C 109 -38.63 18.17 18.84
N GLY C 110 -38.43 17.45 19.94
CA GLY C 110 -37.11 17.02 20.35
C GLY C 110 -36.30 16.24 19.35
N TYR C 111 -36.84 15.12 18.85
CA TYR C 111 -36.09 14.31 17.91
C TYR C 111 -35.73 15.12 16.68
N GLN C 112 -36.58 16.06 16.29
CA GLN C 112 -36.28 16.88 15.12
C GLN C 112 -35.17 17.88 15.44
N HIS C 113 -35.10 18.33 16.69
CA HIS C 113 -34.05 19.26 17.08
C HIS C 113 -32.73 18.52 17.25
N PHE C 114 -32.79 17.24 17.59
CA PHE C 114 -31.57 16.48 17.73
C PHE C 114 -31.02 16.16 16.34
N PHE C 115 -31.92 16.00 15.36
CA PHE C 115 -31.45 15.75 14.01
C PHE C 115 -30.79 17.06 13.54
N ALA C 116 -31.32 18.19 14.02
CA ALA C 116 -30.78 19.49 13.70
C ALA C 116 -29.35 19.54 14.23
N LEU C 117 -29.16 19.11 15.47
CA LEU C 117 -27.85 19.11 16.09
C LEU C 117 -26.91 18.23 15.24
N LEU C 118 -27.39 17.05 14.85
CA LEU C 118 -26.60 16.14 14.04
C LEU C 118 -26.23 16.78 12.72
N GLY C 119 -27.22 17.30 12.03
CA GLY C 119 -26.97 17.95 10.75
C GLY C 119 -25.91 19.03 10.82
N ALA C 120 -25.92 19.80 11.92
CA ALA C 120 -24.97 20.88 12.10
C ALA C 120 -23.55 20.37 12.36
N ALA C 121 -23.45 19.33 13.19
CA ALA C 121 -22.16 18.75 13.53
C ALA C 121 -21.52 18.11 12.31
N SER C 122 -22.32 17.48 11.45
CA SER C 122 -21.80 16.87 10.24
C SER C 122 -21.38 18.00 9.29
N ALA C 123 -22.19 19.04 9.24
CA ALA C 123 -21.91 20.17 8.37
C ALA C 123 -20.54 20.78 8.73
N VAL C 124 -20.24 20.78 10.03
CA VAL C 124 -18.98 21.31 10.52
C VAL C 124 -17.76 20.63 9.87
N THR C 125 -17.87 19.33 9.59
CA THR C 125 -16.76 18.61 8.99
C THR C 125 -16.47 19.03 7.55
N THR C 126 -17.39 19.73 6.91
CA THR C 126 -17.17 20.18 5.54
C THR C 126 -16.33 21.45 5.59
N GLY C 127 -16.30 22.07 6.75
CA GLY C 127 -15.53 23.30 6.92
C GLY C 127 -16.25 24.53 6.42
N HIS C 128 -17.54 24.39 6.12
CA HIS C 128 -18.35 25.52 5.65
C HIS C 128 -18.22 26.64 6.69
N PRO C 129 -17.81 27.84 6.26
CA PRO C 129 -17.64 28.98 7.15
C PRO C 129 -18.77 29.32 8.14
N GLU C 130 -20.00 28.93 7.81
CA GLU C 130 -21.15 29.22 8.69
C GLU C 130 -21.58 28.01 9.52
N ALA C 131 -20.99 26.85 9.24
CA ALA C 131 -21.34 25.63 9.94
C ALA C 131 -21.05 25.64 11.45
N ARG C 132 -19.87 26.12 11.83
CA ARG C 132 -19.55 26.14 13.25
C ARG C 132 -20.55 27.01 14.02
N LYS C 133 -20.92 28.14 13.42
CA LYS C 133 -21.86 29.06 14.04
C LYS C 133 -23.21 28.38 14.30
N LEU C 134 -23.72 27.68 13.29
CA LEU C 134 -25.00 26.98 13.41
C LEU C 134 -24.96 25.91 14.51
N LEU C 135 -23.81 25.24 14.65
CA LEU C 135 -23.66 24.21 15.66
C LEU C 135 -23.75 24.80 17.07
N ASP C 136 -23.07 25.91 17.30
CA ASP C 136 -23.09 26.55 18.62
C ASP C 136 -24.49 27.05 18.95
N TYR C 137 -25.18 27.60 17.95
CA TYR C 137 -26.53 28.08 18.16
C TYR C 137 -27.45 26.90 18.49
N THR C 138 -27.25 25.79 17.79
CA THR C 138 -28.05 24.58 18.02
C THR C 138 -27.78 24.02 19.41
N ILE C 139 -26.54 24.13 19.86
CA ILE C 139 -26.16 23.64 21.18
C ILE C 139 -26.86 24.44 22.27
N GLU C 140 -26.94 25.75 22.09
CA GLU C 140 -27.60 26.62 23.07
C GLU C 140 -29.06 26.20 23.24
N ILE C 141 -29.76 26.06 22.11
CA ILE C 141 -31.16 25.69 22.12
C ILE C 141 -31.36 24.30 22.75
N ILE C 142 -30.42 23.40 22.46
CA ILE C 142 -30.50 22.04 22.99
C ILE C 142 -30.34 22.01 24.51
N GLU C 143 -29.31 22.67 25.01
CA GLU C 143 -29.07 22.69 26.46
C GLU C 143 -30.07 23.53 27.22
N LYS C 144 -30.84 24.34 26.50
CA LYS C 144 -31.82 25.18 27.15
C LYS C 144 -33.21 24.57 27.21
N TYR C 145 -33.56 23.76 26.20
CA TYR C 145 -34.88 23.16 26.16
C TYR C 145 -35.00 21.65 26.03
N PHE C 146 -33.99 21.00 25.47
CA PHE C 146 -34.10 19.56 25.26
C PHE C 146 -33.22 18.65 26.10
N TRP C 147 -32.15 19.19 26.67
CA TRP C 147 -31.35 18.37 27.56
C TRP C 147 -31.74 18.80 28.96
N SER C 148 -32.46 17.93 29.66
CA SER C 148 -32.91 18.23 31.02
C SER C 148 -31.75 18.09 32.01
N GLU C 149 -31.37 19.19 32.63
CA GLU C 149 -30.29 19.15 33.59
C GLU C 149 -30.66 18.40 34.85
N GLU C 150 -31.94 18.44 35.24
CA GLU C 150 -32.35 17.74 36.45
C GLU C 150 -32.66 16.26 36.21
N GLU C 151 -33.12 15.94 35.00
CA GLU C 151 -33.44 14.57 34.64
C GLU C 151 -32.25 13.83 34.05
N GLN C 152 -31.32 14.58 33.46
CA GLN C 152 -30.14 14.00 32.80
C GLN C 152 -30.63 13.03 31.75
N MET C 153 -31.58 13.52 30.95
CA MET C 153 -32.19 12.78 29.85
C MET C 153 -32.74 13.84 28.91
N CYS C 154 -33.28 13.41 27.77
CA CYS C 154 -33.83 14.37 26.80
C CYS C 154 -35.34 14.51 26.86
N LEU C 155 -35.81 15.74 26.75
CA LEU C 155 -37.24 16.04 26.75
C LEU C 155 -37.84 15.64 25.40
N GLU C 156 -39.16 15.55 25.34
CA GLU C 156 -39.82 15.14 24.09
C GLU C 156 -40.17 16.30 23.15
N SER C 157 -40.90 17.29 23.66
CA SER C 157 -41.31 18.42 22.82
C SER C 157 -41.94 19.58 23.60
N TRP C 158 -42.01 20.74 22.96
CA TRP C 158 -42.61 21.92 23.57
C TRP C 158 -43.52 22.60 22.56
N ASP C 159 -44.38 23.48 23.04
CA ASP C 159 -45.27 24.23 22.17
C ASP C 159 -44.37 25.27 21.51
N GLU C 160 -44.87 25.94 20.47
CA GLU C 160 -44.09 26.96 19.76
C GLU C 160 -43.32 27.92 20.66
N ALA C 161 -43.99 28.45 21.68
CA ALA C 161 -43.40 29.43 22.59
C ALA C 161 -42.53 28.87 23.72
N PHE C 162 -42.29 27.57 23.74
CA PHE C 162 -41.46 26.99 24.80
C PHE C 162 -42.01 27.29 26.19
N SER C 163 -43.33 27.23 26.34
CA SER C 163 -43.94 27.52 27.63
C SER C 163 -44.26 26.27 28.43
N LYS C 164 -44.60 25.20 27.72
CA LYS C 164 -44.94 23.93 28.36
C LYS C 164 -44.36 22.73 27.61
N THR C 165 -43.58 21.91 28.30
CA THR C 165 -42.99 20.74 27.67
C THR C 165 -43.93 19.54 27.89
N GLU C 166 -44.09 18.73 26.85
CA GLU C 166 -44.97 17.58 26.90
C GLU C 166 -44.67 16.66 28.08
N GLU C 167 -45.72 16.24 28.75
CA GLU C 167 -45.58 15.34 29.91
C GLU C 167 -45.49 13.91 29.39
N TYR C 168 -44.35 13.62 28.77
CA TYR C 168 -44.07 12.32 28.17
C TYR C 168 -42.57 12.25 27.88
N ARG C 169 -42.03 11.03 27.86
CA ARG C 169 -40.62 10.84 27.55
C ARG C 169 -40.56 9.65 26.60
N GLY C 170 -39.71 9.74 25.59
CA GLY C 170 -39.62 8.66 24.62
C GLY C 170 -38.21 8.22 24.29
N GLY C 171 -38.08 6.95 23.90
CA GLY C 171 -36.79 6.42 23.54
C GLY C 171 -36.20 6.99 22.26
N ASN C 172 -37.01 7.13 21.22
CA ASN C 172 -36.50 7.63 19.95
C ASN C 172 -35.84 9.00 20.03
N ALA C 173 -36.50 9.95 20.68
CA ALA C 173 -35.91 11.28 20.79
C ALA C 173 -34.54 11.18 21.44
N ASN C 174 -34.44 10.40 22.51
CA ASN C 174 -33.19 10.22 23.22
C ASN C 174 -32.14 9.43 22.45
N MET C 175 -32.58 8.52 21.58
CA MET C 175 -31.65 7.74 20.80
C MET C 175 -30.95 8.69 19.82
N HIS C 176 -31.74 9.45 19.08
CA HIS C 176 -31.19 10.39 18.11
C HIS C 176 -30.35 11.48 18.74
N ALA C 177 -30.65 11.79 20.01
CA ALA C 177 -29.87 12.78 20.74
C ALA C 177 -28.48 12.13 20.92
N VAL C 178 -28.47 10.84 21.25
CA VAL C 178 -27.22 10.10 21.44
C VAL C 178 -26.46 10.10 20.11
N GLU C 179 -27.20 9.88 19.03
CA GLU C 179 -26.61 9.85 17.70
C GLU C 179 -25.90 11.18 17.43
N ALA C 180 -26.61 12.28 17.65
CA ALA C 180 -26.04 13.61 17.42
C ALA C 180 -24.93 13.95 18.43
N PHE C 181 -25.07 13.48 19.66
CA PHE C 181 -24.06 13.74 20.67
C PHE C 181 -22.70 13.14 20.29
N LEU C 182 -22.74 12.01 19.59
CA LEU C 182 -21.51 11.35 19.14
C LEU C 182 -20.68 12.26 18.24
N ILE C 183 -21.34 12.79 17.20
CA ILE C 183 -20.69 13.66 16.24
C ILE C 183 -20.33 15.03 16.83
N VAL C 184 -21.20 15.59 17.65
CA VAL C 184 -20.90 16.88 18.27
C VAL C 184 -19.61 16.70 19.09
N TYR C 185 -19.51 15.55 19.74
CA TYR C 185 -18.34 15.23 20.55
C TYR C 185 -17.12 15.11 19.65
N ASP C 186 -17.31 14.57 18.45
CA ASP C 186 -16.17 14.40 17.54
C ASP C 186 -15.63 15.72 17.00
N VAL C 187 -16.47 16.74 16.90
CA VAL C 187 -16.02 18.03 16.39
C VAL C 187 -15.83 19.09 17.46
N THR C 188 -15.86 18.69 18.73
CA THR C 188 -15.65 19.63 19.82
C THR C 188 -14.70 19.03 20.85
N HIS C 189 -14.81 17.72 21.04
CA HIS C 189 -14.02 17.01 22.02
C HIS C 189 -14.33 17.59 23.39
N ASP C 190 -15.61 17.85 23.60
CA ASP C 190 -16.09 18.36 24.87
C ASP C 190 -16.71 17.13 25.52
N LYS C 191 -15.89 16.45 26.31
CA LYS C 191 -16.23 15.23 27.03
C LYS C 191 -17.71 15.09 27.40
N LYS C 192 -18.35 16.18 27.81
CA LYS C 192 -19.75 16.11 28.23
C LYS C 192 -20.72 15.49 27.23
N TRP C 193 -20.53 15.73 25.93
CA TRP C 193 -21.44 15.16 24.95
C TRP C 193 -21.41 13.63 24.93
N LEU C 194 -20.23 13.06 25.18
CA LEU C 194 -20.12 11.60 25.20
C LEU C 194 -20.64 11.08 26.55
N ASP C 195 -20.44 11.87 27.60
CA ASP C 195 -20.91 11.47 28.93
C ASP C 195 -22.44 11.40 28.90
N ARG C 196 -23.04 12.30 28.14
CA ARG C 196 -24.49 12.36 28.03
C ARG C 196 -25.03 11.19 27.24
N ALA C 197 -24.32 10.82 26.17
CA ALA C 197 -24.75 9.69 25.36
C ALA C 197 -24.76 8.45 26.24
N ILE C 198 -23.66 8.26 26.97
CA ILE C 198 -23.52 7.11 27.88
C ILE C 198 -24.63 7.13 28.91
N ARG C 199 -24.88 8.31 29.46
CA ARG C 199 -25.93 8.45 30.47
C ARG C 199 -27.27 8.00 29.89
N VAL C 200 -27.64 8.54 28.74
CA VAL C 200 -28.92 8.19 28.12
C VAL C 200 -29.00 6.68 27.84
N ALA C 201 -27.92 6.12 27.28
CA ALA C 201 -27.89 4.71 26.96
C ALA C 201 -28.01 3.83 28.19
N SER C 202 -27.36 4.23 29.29
CA SER C 202 -27.40 3.43 30.51
C SER C 202 -28.79 3.36 31.11
N VAL C 203 -29.62 4.37 30.84
CA VAL C 203 -30.98 4.37 31.35
C VAL C 203 -31.92 3.57 30.46
N ILE C 204 -32.07 4.02 29.21
CA ILE C 204 -32.96 3.37 28.25
C ILE C 204 -32.58 1.95 27.84
N ILE C 205 -31.30 1.63 27.86
CA ILE C 205 -30.89 0.29 27.46
C ILE C 205 -30.41 -0.59 28.59
N HIS C 206 -29.40 -0.14 29.32
CA HIS C 206 -28.85 -0.96 30.40
C HIS C 206 -29.78 -1.15 31.60
N ASP C 207 -30.63 -0.17 31.86
CA ASP C 207 -31.55 -0.25 32.98
C ASP C 207 -32.91 -0.83 32.58
N VAL C 208 -33.44 -0.39 31.45
CA VAL C 208 -34.75 -0.83 31.00
C VAL C 208 -34.74 -2.01 30.01
N ALA C 209 -34.42 -1.75 28.74
CA ALA C 209 -34.38 -2.80 27.72
C ALA C 209 -33.78 -4.10 28.21
N ARG C 210 -32.63 -4.01 28.87
CA ARG C 210 -31.95 -5.19 29.39
C ARG C 210 -32.86 -6.05 30.27
N ASN C 211 -33.64 -5.41 31.13
CA ASN C 211 -34.53 -6.16 32.02
C ASN C 211 -35.87 -6.43 31.36
N ASN C 212 -35.91 -6.27 30.04
CA ASN C 212 -37.13 -6.50 29.28
C ASN C 212 -36.80 -7.38 28.05
N HIS C 213 -35.92 -8.35 28.28
CA HIS C 213 -35.51 -9.28 27.24
C HIS C 213 -34.86 -8.55 26.05
N TYR C 214 -34.21 -7.45 26.37
CA TYR C 214 -33.55 -6.59 25.39
C TYR C 214 -34.49 -6.04 24.34
N ARG C 215 -35.75 -5.86 24.71
CA ARG C 215 -36.75 -5.26 23.84
C ARG C 215 -36.89 -3.85 24.41
N VAL C 216 -36.44 -2.86 23.67
CA VAL C 216 -36.51 -1.48 24.14
C VAL C 216 -37.92 -0.98 24.42
N ASN C 217 -38.11 -0.40 25.59
CA ASN C 217 -39.40 0.17 25.96
C ASN C 217 -39.37 1.62 25.47
N GLU C 218 -40.26 1.96 24.55
CA GLU C 218 -40.31 3.27 23.94
C GLU C 218 -41.00 4.40 24.69
N HIS C 219 -42.10 4.08 25.36
CA HIS C 219 -42.88 5.10 26.07
C HIS C 219 -42.69 5.22 27.58
N PHE C 220 -42.48 6.46 28.04
CA PHE C 220 -42.30 6.72 29.47
C PHE C 220 -43.12 7.93 29.91
N ASP C 221 -43.37 8.02 31.22
CA ASP C 221 -44.12 9.14 31.77
C ASP C 221 -43.11 10.21 32.15
N THR C 222 -43.61 11.34 32.65
CA THR C 222 -42.77 12.45 33.03
C THR C 222 -41.63 12.09 33.99
N GLN C 223 -41.83 11.04 34.79
CA GLN C 223 -40.80 10.64 35.74
C GLN C 223 -40.03 9.42 35.29
N TRP C 224 -40.13 9.13 33.99
CA TRP C 224 -39.45 8.01 33.37
C TRP C 224 -39.88 6.62 33.80
N ASN C 225 -41.16 6.48 34.16
CA ASN C 225 -41.70 5.19 34.52
C ASN C 225 -42.20 4.63 33.20
N PRO C 226 -41.78 3.41 32.84
CA PRO C 226 -42.23 2.82 31.57
C PRO C 226 -43.74 2.72 31.45
N LEU C 227 -44.24 2.96 30.24
CA LEU C 227 -45.67 2.86 29.95
C LEU C 227 -45.79 1.82 28.84
N PRO C 228 -45.57 0.55 29.20
CA PRO C 228 -45.63 -0.57 28.26
C PRO C 228 -46.94 -0.74 27.48
N ASP C 229 -48.06 -0.34 28.09
CA ASP C 229 -49.33 -0.48 27.40
C ASP C 229 -49.76 0.79 26.70
N TYR C 230 -48.79 1.66 26.44
CA TYR C 230 -49.08 2.91 25.77
C TYR C 230 -49.62 2.61 24.36
N ASN C 231 -50.81 3.13 24.07
CA ASN C 231 -51.48 2.93 22.78
C ASN C 231 -51.72 1.46 22.48
N LYS C 232 -51.98 0.67 23.52
CA LYS C 232 -52.23 -0.74 23.32
C LYS C 232 -53.62 -0.95 22.72
N ASP C 233 -54.50 0.02 22.92
CA ASP C 233 -55.85 -0.05 22.38
C ASP C 233 -55.80 0.35 20.92
N ASN C 234 -54.73 1.04 20.55
CA ASN C 234 -54.51 1.51 19.18
C ASN C 234 -53.23 0.84 18.66
N PRO C 235 -53.28 -0.49 18.44
CA PRO C 235 -52.16 -1.29 17.94
C PRO C 235 -51.40 -0.73 16.74
N ALA C 236 -51.90 -1.04 15.54
CA ALA C 236 -51.27 -0.58 14.31
C ALA C 236 -51.37 0.93 14.13
N HIS C 237 -52.14 1.58 14.99
CA HIS C 237 -52.32 3.04 14.92
C HIS C 237 -50.96 3.73 15.03
N ARG C 238 -50.33 3.96 13.89
CA ARG C 238 -49.02 4.60 13.82
C ARG C 238 -48.88 5.86 14.67
N PHE C 239 -47.62 6.27 14.84
CA PHE C 239 -47.21 7.40 15.66
C PHE C 239 -47.25 6.89 17.09
N ARG C 240 -46.08 6.62 17.65
CA ARG C 240 -45.95 6.07 18.98
C ARG C 240 -46.72 4.76 19.01
N ALA C 241 -46.31 3.86 18.13
CA ALA C 241 -46.94 2.55 18.04
C ALA C 241 -46.77 1.78 19.34
N PHE C 242 -47.68 0.86 19.59
CA PHE C 242 -47.63 0.04 20.80
C PHE C 242 -46.50 -0.99 20.74
N GLY C 243 -45.92 -1.31 21.89
CA GLY C 243 -44.87 -2.31 21.96
C GLY C 243 -43.50 -1.83 21.53
N GLY C 244 -42.64 -2.76 21.12
CA GLY C 244 -41.31 -2.38 20.71
C GLY C 244 -41.07 -2.51 19.22
N THR C 245 -40.24 -1.63 18.67
CA THR C 245 -39.94 -1.70 17.25
C THR C 245 -38.47 -2.12 17.11
N PRO C 246 -38.25 -3.38 16.71
CA PRO C 246 -36.92 -3.96 16.53
C PRO C 246 -35.93 -3.01 15.86
N GLY C 247 -36.35 -2.38 14.77
CA GLY C 247 -35.49 -1.45 14.07
C GLY C 247 -34.73 -0.57 15.04
N HIS C 248 -35.43 -0.01 16.02
CA HIS C 248 -34.78 0.86 17.00
C HIS C 248 -33.82 0.10 17.91
N TRP C 249 -34.18 -1.12 18.32
CA TRP C 249 -33.31 -1.90 19.20
C TRP C 249 -31.95 -2.01 18.55
N ILE C 250 -31.98 -2.38 17.27
CA ILE C 250 -30.76 -2.57 16.51
C ILE C 250 -29.96 -1.27 16.30
N GLU C 251 -30.65 -0.14 16.19
CA GLU C 251 -29.94 1.14 16.05
C GLU C 251 -29.22 1.43 17.37
N TRP C 252 -29.91 1.20 18.49
CA TRP C 252 -29.30 1.45 19.80
C TRP C 252 -28.01 0.67 19.92
N GLY C 253 -28.04 -0.56 19.43
CA GLY C 253 -26.87 -1.42 19.48
C GLY C 253 -25.68 -0.77 18.78
N ARG C 254 -25.89 -0.34 17.54
CA ARG C 254 -24.81 0.29 16.78
C ARG C 254 -24.28 1.53 17.49
N LEU C 255 -25.18 2.42 17.89
CA LEU C 255 -24.76 3.65 18.56
C LEU C 255 -23.94 3.40 19.83
N MET C 256 -24.23 2.31 20.54
CA MET C 256 -23.48 2.02 21.74
C MET C 256 -22.03 1.62 21.40
N LEU C 257 -21.85 0.95 20.26
CA LEU C 257 -20.51 0.55 19.85
C LEU C 257 -19.74 1.80 19.41
N HIS C 258 -20.45 2.76 18.83
CA HIS C 258 -19.80 4.00 18.43
C HIS C 258 -19.25 4.62 19.73
N ILE C 259 -20.02 4.55 20.81
CA ILE C 259 -19.59 5.08 22.10
C ILE C 259 -18.37 4.28 22.59
N HIS C 260 -18.45 2.97 22.38
CA HIS C 260 -17.42 2.02 22.75
C HIS C 260 -16.11 2.35 22.03
N ALA C 261 -16.19 2.55 20.72
CA ALA C 261 -15.00 2.86 19.93
C ALA C 261 -14.42 4.20 20.33
N ALA C 262 -15.30 5.15 20.66
CA ALA C 262 -14.87 6.48 21.07
C ALA C 262 -14.00 6.41 22.32
N LEU C 263 -14.42 5.59 23.29
CA LEU C 263 -13.67 5.44 24.52
C LEU C 263 -12.28 4.86 24.24
N GLU C 264 -12.23 3.83 23.39
CA GLU C 264 -10.95 3.23 23.05
C GLU C 264 -10.05 4.19 22.29
N ALA C 265 -10.65 4.98 21.41
CA ALA C 265 -9.90 5.95 20.61
C ALA C 265 -9.09 6.94 21.45
N ARG C 266 -9.39 7.03 22.74
CA ARG C 266 -8.63 7.94 23.60
C ARG C 266 -7.95 7.15 24.72
N CYS C 267 -7.61 5.90 24.41
CA CYS C 267 -6.93 4.99 25.32
C CYS C 267 -7.65 4.74 26.64
N GLU C 268 -8.98 4.65 26.57
CA GLU C 268 -9.78 4.39 27.76
C GLU C 268 -10.60 3.11 27.58
N GLN C 269 -10.47 2.19 28.53
CA GLN C 269 -11.20 0.92 28.44
C GLN C 269 -12.69 1.18 28.64
N PRO C 270 -13.52 0.83 27.64
CA PRO C 270 -14.96 1.05 27.72
C PRO C 270 -15.69 0.09 28.65
N PRO C 271 -16.80 0.57 29.24
CA PRO C 271 -17.61 -0.25 30.15
C PRO C 271 -17.99 -1.52 29.40
N ALA C 272 -17.90 -2.66 30.08
CA ALA C 272 -18.22 -3.93 29.45
C ALA C 272 -19.63 -3.99 28.87
N TRP C 273 -20.60 -3.41 29.58
CA TRP C 273 -22.00 -3.45 29.15
C TRP C 273 -22.34 -2.87 27.79
N LEU C 274 -21.54 -1.94 27.29
CA LEU C 274 -21.82 -1.36 25.98
C LEU C 274 -21.91 -2.47 24.93
N LEU C 275 -20.88 -3.31 24.88
CA LEU C 275 -20.83 -4.41 23.92
C LEU C 275 -21.84 -5.49 24.26
N GLU C 276 -21.89 -5.86 25.53
CA GLU C 276 -22.82 -6.89 26.00
C GLU C 276 -24.25 -6.56 25.60
N ASP C 277 -24.67 -5.33 25.82
CA ASP C 277 -26.04 -4.93 25.48
C ASP C 277 -26.27 -4.84 23.98
N ALA C 278 -25.25 -4.39 23.26
CA ALA C 278 -25.36 -4.28 21.80
C ALA C 278 -25.64 -5.68 21.28
N LYS C 279 -24.92 -6.67 21.79
CA LYS C 279 -25.12 -8.06 21.38
C LYS C 279 -26.53 -8.51 21.76
N GLY C 280 -26.98 -8.08 22.94
CA GLY C 280 -28.30 -8.46 23.41
C GLY C 280 -29.41 -7.92 22.52
N LEU C 281 -29.28 -6.64 22.13
CA LEU C 281 -30.25 -5.98 21.27
C LEU C 281 -30.29 -6.63 19.88
N PHE C 282 -29.13 -7.05 19.41
CA PHE C 282 -29.04 -7.71 18.11
C PHE C 282 -29.74 -9.06 18.18
N ASN C 283 -29.47 -9.82 19.24
CA ASN C 283 -30.09 -11.13 19.40
C ASN C 283 -31.62 -11.05 19.43
N ALA C 284 -32.14 -10.10 20.21
CA ALA C 284 -33.58 -9.93 20.32
C ALA C 284 -34.20 -9.59 18.97
N THR C 285 -33.54 -8.71 18.23
CA THR C 285 -34.04 -8.30 16.93
C THR C 285 -34.24 -9.48 16.00
N VAL C 286 -33.23 -10.34 15.90
CA VAL C 286 -33.35 -11.49 15.01
C VAL C 286 -34.31 -12.53 15.60
N ARG C 287 -34.31 -12.63 16.92
CA ARG C 287 -35.18 -13.59 17.61
C ARG C 287 -36.67 -13.29 17.46
N ASP C 288 -37.04 -12.01 17.55
CA ASP C 288 -38.44 -11.63 17.45
C ASP C 288 -38.92 -11.12 16.10
N ALA C 289 -38.12 -10.28 15.46
CA ALA C 289 -38.52 -9.66 14.20
C ALA C 289 -38.11 -10.30 12.88
N TRP C 290 -37.04 -11.08 12.86
CA TRP C 290 -36.62 -11.69 11.61
C TRP C 290 -37.40 -12.93 11.21
N ALA C 291 -37.94 -12.91 9.99
CA ALA C 291 -38.71 -14.02 9.46
C ALA C 291 -39.52 -14.71 10.56
N PRO C 292 -40.51 -14.01 11.13
CA PRO C 292 -41.29 -14.65 12.19
C PRO C 292 -42.72 -15.05 11.82
N ASP C 293 -43.15 -14.72 10.60
CA ASP C 293 -44.52 -15.04 10.21
C ASP C 293 -44.72 -15.80 8.91
N GLY C 294 -43.70 -16.54 8.47
CA GLY C 294 -43.85 -17.28 7.24
C GLY C 294 -43.04 -16.75 6.08
N ALA C 295 -42.54 -15.53 6.20
CA ALA C 295 -41.75 -14.91 5.14
C ALA C 295 -40.56 -14.17 5.74
N ASP C 296 -39.56 -13.88 4.92
CA ASP C 296 -38.39 -13.17 5.40
C ASP C 296 -38.69 -11.69 5.64
N GLY C 297 -37.80 -11.04 6.37
CA GLY C 297 -37.97 -9.63 6.66
C GLY C 297 -37.98 -9.33 8.15
N ILE C 298 -37.85 -8.05 8.48
CA ILE C 298 -37.87 -7.60 9.87
C ILE C 298 -39.19 -6.88 10.06
N VAL C 299 -40.06 -7.40 10.91
CA VAL C 299 -41.34 -6.76 11.14
C VAL C 299 -41.14 -5.40 11.81
N TYR C 300 -42.14 -4.54 11.70
CA TYR C 300 -42.04 -3.21 12.25
C TYR C 300 -42.28 -3.17 13.77
N THR C 301 -43.32 -3.84 14.22
CA THR C 301 -43.64 -3.83 15.64
C THR C 301 -43.89 -5.20 16.24
N VAL C 302 -43.52 -5.34 17.50
CA VAL C 302 -43.66 -6.58 18.24
C VAL C 302 -44.19 -6.31 19.65
N ASP C 303 -44.87 -7.28 20.26
CA ASP C 303 -45.38 -7.07 21.61
C ASP C 303 -44.39 -7.59 22.65
N TRP C 304 -44.75 -7.43 23.92
CA TRP C 304 -43.88 -7.82 25.02
C TRP C 304 -43.66 -9.32 25.21
N GLU C 305 -44.11 -10.11 24.26
CA GLU C 305 -43.92 -11.55 24.28
C GLU C 305 -43.18 -11.90 22.99
N GLY C 306 -42.71 -10.86 22.32
CA GLY C 306 -41.97 -11.04 21.08
C GLY C 306 -42.86 -11.32 19.88
N LYS C 307 -44.17 -11.34 20.08
CA LYS C 307 -45.10 -11.62 18.99
C LYS C 307 -45.29 -10.42 18.08
N PRO C 308 -45.22 -10.63 16.76
CA PRO C 308 -45.39 -9.52 15.82
C PRO C 308 -46.78 -8.88 15.93
N VAL C 309 -46.82 -7.55 15.89
CA VAL C 309 -48.08 -6.82 15.94
C VAL C 309 -48.21 -6.23 14.53
N VAL C 310 -47.43 -5.19 14.23
CA VAL C 310 -47.46 -4.61 12.89
C VAL C 310 -46.45 -5.41 12.05
N ARG C 311 -46.97 -6.22 11.13
CA ARG C 311 -46.14 -7.08 10.30
C ARG C 311 -45.52 -6.50 9.02
N GLU C 312 -45.89 -5.27 8.66
CA GLU C 312 -45.33 -4.68 7.46
C GLU C 312 -43.81 -4.53 7.57
N ARG C 313 -43.12 -4.72 6.45
CA ARG C 313 -41.67 -4.59 6.42
C ARG C 313 -41.27 -3.19 5.98
N VAL C 314 -40.96 -2.33 6.93
CA VAL C 314 -40.52 -0.98 6.60
C VAL C 314 -39.05 -1.10 6.18
N ARG C 315 -38.58 -0.13 5.41
CA ARG C 315 -37.22 -0.14 4.90
C ARG C 315 -36.10 0.03 5.92
N TRP C 316 -36.12 1.14 6.65
CA TRP C 316 -35.05 1.43 7.60
C TRP C 316 -34.68 0.39 8.66
N PRO C 317 -35.67 -0.35 9.21
CA PRO C 317 -35.30 -1.34 10.22
C PRO C 317 -34.22 -2.33 9.74
N ILE C 318 -34.42 -2.91 8.56
CA ILE C 318 -33.44 -3.88 8.06
C ILE C 318 -32.15 -3.18 7.62
N VAL C 319 -32.25 -1.94 7.14
CA VAL C 319 -31.07 -1.20 6.73
C VAL C 319 -30.18 -0.95 7.95
N GLU C 320 -30.80 -0.61 9.09
CA GLU C 320 -30.05 -0.36 10.31
C GLU C 320 -29.44 -1.66 10.83
N ALA C 321 -30.19 -2.75 10.65
CA ALA C 321 -29.75 -4.06 11.08
C ALA C 321 -28.41 -4.39 10.42
N MET C 322 -28.28 -4.03 9.14
CA MET C 322 -27.06 -4.28 8.41
C MET C 322 -25.92 -3.43 8.97
N GLY C 323 -26.22 -2.18 9.31
CA GLY C 323 -25.22 -1.30 9.87
C GLY C 323 -24.70 -1.83 11.21
N THR C 324 -25.61 -2.35 12.03
CA THR C 324 -25.22 -2.88 13.32
C THR C 324 -24.49 -4.22 13.17
N ALA C 325 -24.88 -5.01 12.17
CA ALA C 325 -24.19 -6.28 11.95
C ALA C 325 -22.71 -5.97 11.69
N TYR C 326 -22.46 -4.92 10.90
CA TYR C 326 -21.09 -4.51 10.61
C TYR C 326 -20.40 -4.03 11.87
N ALA C 327 -21.09 -3.21 12.65
CA ALA C 327 -20.54 -2.69 13.89
C ALA C 327 -20.13 -3.84 14.79
N LEU C 328 -21.06 -4.76 15.03
CA LEU C 328 -20.79 -5.91 15.88
C LEU C 328 -19.66 -6.76 15.31
N TYR C 329 -19.55 -6.82 14.00
CA TYR C 329 -18.48 -7.61 13.38
C TYR C 329 -17.11 -6.95 13.63
N THR C 330 -17.06 -5.62 13.45
CA THR C 330 -15.83 -4.87 13.63
C THR C 330 -15.30 -4.99 15.05
N VAL C 331 -16.21 -5.11 16.02
CA VAL C 331 -15.81 -5.23 17.42
C VAL C 331 -15.52 -6.66 17.86
N THR C 332 -16.41 -7.60 17.54
CA THR C 332 -16.24 -8.99 17.97
C THR C 332 -15.47 -9.91 17.03
N GLY C 333 -15.44 -9.60 15.75
CA GLY C 333 -14.74 -10.46 14.81
C GLY C 333 -15.57 -11.69 14.45
N ASP C 334 -16.71 -11.86 15.11
CA ASP C 334 -17.57 -13.01 14.84
C ASP C 334 -18.19 -12.96 13.44
N ARG C 335 -17.79 -13.89 12.59
CA ARG C 335 -18.27 -13.96 11.21
C ARG C 335 -19.78 -14.14 11.08
N GLN C 336 -20.44 -14.58 12.14
CA GLN C 336 -21.89 -14.76 12.10
C GLN C 336 -22.57 -13.44 11.75
N TYR C 337 -22.01 -12.33 12.24
CA TYR C 337 -22.57 -11.03 11.96
C TYR C 337 -22.46 -10.68 10.47
N GLU C 338 -21.38 -11.13 9.84
CA GLU C 338 -21.21 -10.87 8.43
C GLU C 338 -22.22 -11.72 7.65
N THR C 339 -22.49 -12.93 8.13
CA THR C 339 -23.46 -13.78 7.46
C THR C 339 -24.82 -13.10 7.47
N TRP C 340 -25.20 -12.51 8.60
CA TRP C 340 -26.49 -11.80 8.71
C TRP C 340 -26.50 -10.61 7.76
N TYR C 341 -25.40 -9.86 7.78
CA TYR C 341 -25.25 -8.71 6.91
C TYR C 341 -25.54 -9.17 5.48
N GLN C 342 -24.96 -10.29 5.09
CA GLN C 342 -25.14 -10.81 3.75
C GLN C 342 -26.56 -11.24 3.47
N THR C 343 -27.15 -12.01 4.39
CA THR C 343 -28.52 -12.46 4.17
C THR C 343 -29.47 -11.28 4.05
N TRP C 344 -29.15 -10.19 4.74
CA TRP C 344 -29.99 -9.00 4.67
C TRP C 344 -29.75 -8.23 3.37
N TRP C 345 -28.51 -8.22 2.90
CA TRP C 345 -28.25 -7.56 1.63
C TRP C 345 -29.01 -8.30 0.55
N GLU C 346 -29.09 -9.63 0.67
CA GLU C 346 -29.80 -10.44 -0.31
C GLU C 346 -31.28 -10.08 -0.31
N TYR C 347 -31.83 -9.92 0.89
CA TYR C 347 -33.23 -9.56 1.04
C TYR C 347 -33.48 -8.20 0.38
N CYS C 348 -32.60 -7.25 0.67
CA CYS C 348 -32.74 -5.90 0.15
C CYS C 348 -32.76 -5.73 -1.36
N ILE C 349 -31.76 -6.25 -2.07
CA ILE C 349 -31.77 -6.09 -3.52
C ILE C 349 -32.97 -6.81 -4.13
N LYS C 350 -33.44 -7.86 -3.46
CA LYS C 350 -34.57 -8.64 -3.95
C LYS C 350 -35.94 -7.98 -3.77
N TYR C 351 -36.13 -7.28 -2.65
CA TYR C 351 -37.43 -6.68 -2.39
C TYR C 351 -37.49 -5.18 -2.16
N LEU C 352 -36.38 -4.57 -1.76
CA LEU C 352 -36.40 -3.13 -1.46
C LEU C 352 -35.79 -2.18 -2.48
N MET C 353 -34.69 -2.57 -3.11
CA MET C 353 -34.07 -1.70 -4.08
C MET C 353 -34.93 -1.52 -5.32
N ASP C 354 -35.10 -0.27 -5.74
CA ASP C 354 -35.91 0.06 -6.90
C ASP C 354 -35.10 0.77 -7.97
N TYR C 355 -34.43 0.00 -8.81
CA TYR C 355 -33.62 0.55 -9.88
C TYR C 355 -34.53 1.15 -10.94
N GLU C 356 -35.75 0.66 -11.01
CA GLU C 356 -36.73 1.12 -11.99
C GLU C 356 -37.16 2.58 -11.79
N ASN C 357 -37.62 2.90 -10.60
CA ASN C 357 -38.09 4.26 -10.29
C ASN C 357 -37.15 5.06 -9.40
N GLY C 358 -36.06 4.45 -8.97
CA GLY C 358 -35.09 5.16 -8.15
C GLY C 358 -35.10 4.89 -6.65
N SER C 359 -33.91 4.86 -6.07
CA SER C 359 -33.74 4.64 -4.64
C SER C 359 -34.28 3.29 -4.18
N TRP C 360 -34.87 3.26 -2.98
CA TRP C 360 -35.43 2.03 -2.41
C TRP C 360 -36.90 2.23 -2.08
N TRP C 361 -37.66 1.15 -2.00
CA TRP C 361 -39.07 1.27 -1.63
C TRP C 361 -39.07 1.61 -0.14
N GLN C 362 -40.16 2.16 0.36
CA GLN C 362 -40.26 2.56 1.76
C GLN C 362 -40.84 1.48 2.67
N GLU C 363 -41.94 0.88 2.23
CA GLU C 363 -42.62 -0.16 3.02
C GLU C 363 -43.16 -1.27 2.12
N LEU C 364 -43.20 -2.48 2.66
CA LEU C 364 -43.71 -3.64 1.93
C LEU C 364 -44.72 -4.29 2.86
N ASP C 365 -45.66 -5.06 2.31
CA ASP C 365 -46.64 -5.71 3.17
C ASP C 365 -45.97 -6.95 3.79
N ALA C 366 -46.72 -7.73 4.55
CA ALA C 366 -46.20 -8.91 5.22
C ALA C 366 -45.75 -10.02 4.26
N ASP C 367 -46.06 -9.86 2.97
CA ASP C 367 -45.65 -10.83 1.96
C ASP C 367 -44.50 -10.26 1.15
N ASN C 368 -43.96 -9.15 1.61
CA ASN C 368 -42.85 -8.46 0.94
C ASN C 368 -43.24 -7.89 -0.43
N LYS C 369 -44.49 -7.46 -0.56
CA LYS C 369 -44.99 -6.87 -1.80
C LYS C 369 -45.04 -5.36 -1.61
N VAL C 370 -44.73 -4.62 -2.67
CA VAL C 370 -44.72 -3.16 -2.61
C VAL C 370 -46.09 -2.55 -2.27
N THR C 371 -46.07 -1.56 -1.38
CA THR C 371 -47.26 -0.85 -0.92
C THR C 371 -47.12 0.66 -1.20
N THR C 372 -48.22 1.40 -1.01
CA THR C 372 -48.25 2.85 -1.20
C THR C 372 -49.48 3.45 -0.53
N GLY C 377 -44.01 7.86 0.35
CA GLY C 377 -43.09 7.93 -0.77
C GLY C 377 -41.71 7.44 -0.43
N LYS C 378 -40.69 8.22 -0.79
CA LYS C 378 -39.30 7.88 -0.52
C LYS C 378 -38.59 9.11 0.05
N GLN C 379 -39.19 9.68 1.09
CA GLN C 379 -38.72 10.88 1.76
C GLN C 379 -37.37 10.83 2.43
N ASP C 380 -36.73 9.67 2.47
CA ASP C 380 -35.45 9.58 3.17
C ASP C 380 -34.35 8.80 2.46
N ILE C 381 -33.11 9.20 2.72
CA ILE C 381 -31.96 8.48 2.18
C ILE C 381 -30.90 8.46 3.30
N TYR C 382 -31.15 9.24 4.35
CA TYR C 382 -30.27 9.33 5.51
C TYR C 382 -29.95 7.96 6.11
N HIS C 383 -30.98 7.15 6.33
CA HIS C 383 -30.79 5.81 6.91
C HIS C 383 -29.82 4.95 6.07
N LEU C 384 -29.95 5.04 4.75
CA LEU C 384 -29.13 4.25 3.86
C LEU C 384 -27.62 4.35 4.07
N LEU C 385 -27.13 5.53 4.44
CA LEU C 385 -25.71 5.71 4.67
C LEU C 385 -25.17 4.73 5.73
N HIS C 386 -26.07 4.25 6.58
CA HIS C 386 -25.69 3.33 7.63
C HIS C 386 -25.34 1.92 7.15
N CYS C 387 -25.78 1.56 5.94
CA CYS C 387 -25.45 0.25 5.40
C CYS C 387 -24.55 0.41 4.16
N LEU C 388 -24.41 1.64 3.67
CA LEU C 388 -23.58 1.92 2.49
C LEU C 388 -22.24 2.57 2.80
N VAL C 389 -22.22 3.45 3.80
CA VAL C 389 -20.98 4.14 4.15
C VAL C 389 -20.32 3.60 5.43
N ILE C 390 -21.13 3.35 6.45
CA ILE C 390 -20.61 2.84 7.71
C ILE C 390 -19.71 1.62 7.58
N PRO C 391 -20.07 0.66 6.72
CA PRO C 391 -19.24 -0.54 6.54
C PRO C 391 -17.87 -0.28 5.88
N ARG C 392 -17.61 0.97 5.51
CA ARG C 392 -16.34 1.31 4.87
C ARG C 392 -15.41 2.10 5.78
N ILE C 393 -15.90 2.47 6.96
CA ILE C 393 -15.10 3.26 7.91
C ILE C 393 -15.09 2.66 9.31
N PRO C 394 -14.07 3.01 10.11
CA PRO C 394 -14.02 2.46 11.47
C PRO C 394 -15.15 3.06 12.29
N LEU C 395 -15.37 2.55 13.50
CA LEU C 395 -16.44 3.02 14.37
C LEU C 395 -16.17 4.35 15.06
N ALA C 396 -14.93 4.79 15.02
CA ALA C 396 -14.55 6.07 15.63
C ALA C 396 -13.49 6.71 14.74
N PRO C 397 -13.64 8.01 14.46
CA PRO C 397 -14.74 8.85 14.94
C PRO C 397 -16.01 8.49 14.18
N GLY C 398 -17.06 9.28 14.38
CA GLY C 398 -18.33 9.05 13.69
C GLY C 398 -18.21 9.13 12.18
N MET C 399 -19.30 8.82 11.48
CA MET C 399 -19.32 8.81 10.01
C MET C 399 -18.76 10.05 9.29
N ALA C 400 -19.44 11.18 9.39
CA ALA C 400 -18.98 12.38 8.71
C ALA C 400 -17.54 12.70 9.10
N PRO C 401 -17.23 12.75 10.41
CA PRO C 401 -15.85 13.04 10.81
C PRO C 401 -14.87 12.05 10.19
N ALA C 402 -15.27 10.78 10.13
CA ALA C 402 -14.42 9.73 9.57
C ALA C 402 -14.17 9.89 8.06
N VAL C 403 -15.22 10.18 7.30
CA VAL C 403 -15.05 10.36 5.86
C VAL C 403 -14.21 11.60 5.59
N ALA C 404 -14.41 12.65 6.38
CA ALA C 404 -13.65 13.88 6.22
C ALA C 404 -12.19 13.70 6.64
N ALA C 405 -11.93 12.80 7.59
CA ALA C 405 -10.55 12.54 8.01
C ALA C 405 -9.87 11.61 7.01
N GLY C 406 -10.59 11.28 5.94
CA GLY C 406 -10.06 10.40 4.91
C GLY C 406 -9.88 8.95 5.32
N LEU C 407 -10.83 8.38 6.05
CA LEU C 407 -10.70 7.00 6.52
C LEU C 407 -11.48 5.99 5.68
N LEU C 408 -12.12 6.48 4.62
CA LEU C 408 -12.88 5.63 3.72
C LEU C 408 -11.99 4.47 3.22
N ASP C 409 -12.48 3.25 3.39
CA ASP C 409 -11.76 2.04 2.98
C ASP C 409 -10.42 1.80 3.67
N ILE C 410 -10.09 2.58 4.69
CA ILE C 410 -8.81 2.39 5.35
C ILE C 410 -8.50 0.94 5.75
N ASN C 411 -9.52 0.18 6.13
CA ASN C 411 -9.33 -1.21 6.54
C ASN C 411 -9.62 -2.26 5.47
N ALA C 412 -9.88 -1.82 4.25
CA ALA C 412 -10.20 -2.76 3.18
C ALA C 412 -9.02 -3.04 2.23
N LYS C 413 -9.04 -4.23 1.64
CA LYS C 413 -8.00 -4.66 0.69
C LYS C 413 -8.68 -5.20 -0.55
N MET D 1 -1.32 -1.95 24.96
CA MET D 1 -0.31 -1.98 23.86
C MET D 1 -0.69 -2.92 22.73
N LYS D 2 -0.42 -2.47 21.50
CA LYS D 2 -0.68 -3.28 20.34
C LYS D 2 0.66 -3.59 19.69
N TRP D 3 1.02 -4.87 19.65
CA TRP D 3 2.27 -5.31 19.05
C TRP D 3 2.03 -6.12 17.76
N PHE D 4 1.14 -7.12 17.85
CA PHE D 4 0.85 -7.96 16.70
C PHE D 4 0.52 -7.12 15.48
N ASN D 5 1.03 -7.55 14.33
CA ASN D 5 0.77 -6.87 13.07
C ASN D 5 1.23 -5.42 12.99
N THR D 6 2.18 -5.03 13.83
CA THR D 6 2.72 -3.67 13.77
C THR D 6 4.13 -3.84 13.19
N LEU D 7 4.46 -3.05 12.18
CA LEU D 7 5.79 -3.16 11.57
C LEU D 7 6.93 -2.88 12.56
N SER D 8 6.66 -2.05 13.58
CA SER D 8 7.69 -1.73 14.56
C SER D 8 8.08 -2.95 15.39
N HIS D 9 7.09 -3.70 15.85
CA HIS D 9 7.34 -4.90 16.64
C HIS D 9 7.97 -5.98 15.79
N ASN D 10 7.45 -6.15 14.57
CA ASN D 10 7.98 -7.16 13.67
C ASN D 10 9.43 -6.89 13.29
N ARG D 11 9.84 -5.63 13.27
CA ARG D 11 11.22 -5.31 12.94
C ARG D 11 12.12 -5.71 14.11
N TRP D 12 11.58 -5.59 15.33
CA TRP D 12 12.35 -5.97 16.51
C TRP D 12 12.53 -7.48 16.47
N LEU D 13 11.49 -8.19 16.06
CA LEU D 13 11.54 -9.64 15.96
C LEU D 13 12.55 -10.08 14.92
N GLU D 14 12.51 -9.48 13.74
CA GLU D 14 13.45 -9.84 12.69
C GLU D 14 14.88 -9.64 13.16
N GLN D 15 15.13 -8.55 13.85
CA GLN D 15 16.48 -8.26 14.32
C GLN D 15 16.92 -9.31 15.34
N GLU D 16 15.99 -9.81 16.15
CA GLU D 16 16.32 -10.84 17.13
C GLU D 16 16.49 -12.18 16.40
N THR D 17 15.75 -12.34 15.31
CA THR D 17 15.82 -13.57 14.50
C THR D 17 17.21 -13.68 13.88
N ASP D 18 17.77 -12.56 13.43
CA ASP D 18 19.10 -12.56 12.84
C ASP D 18 20.15 -12.90 13.89
N ARG D 19 20.00 -12.36 15.09
CA ARG D 19 20.96 -12.64 16.16
C ARG D 19 20.93 -14.14 16.40
N ILE D 20 19.74 -14.74 16.27
CA ILE D 20 19.59 -16.18 16.46
C ILE D 20 20.17 -16.99 15.31
N PHE D 21 19.94 -16.58 14.06
CA PHE D 21 20.50 -17.31 12.93
C PHE D 21 22.01 -17.32 13.09
N ASP D 22 22.57 -16.16 13.42
CA ASP D 22 24.01 -16.02 13.61
C ASP D 22 24.54 -17.02 14.62
N PHE D 23 23.85 -17.14 15.76
CA PHE D 23 24.27 -18.05 16.82
C PHE D 23 24.39 -19.49 16.31
N GLY D 24 23.41 -19.90 15.51
CA GLY D 24 23.42 -21.25 14.98
C GLY D 24 24.53 -21.58 13.98
N LYS D 25 25.12 -20.57 13.34
CA LYS D 25 26.17 -20.80 12.34
C LYS D 25 27.29 -21.73 12.78
N ASN D 26 27.77 -21.56 14.01
CA ASN D 26 28.87 -22.37 14.54
C ASN D 26 28.59 -23.85 14.74
N SER D 27 27.34 -24.26 14.70
CA SER D 27 27.00 -25.67 14.90
C SER D 27 27.46 -26.56 13.74
N VAL D 28 27.82 -25.95 12.62
CA VAL D 28 28.27 -26.70 11.44
C VAL D 28 29.41 -27.69 11.73
N VAL D 29 29.19 -28.95 11.39
CA VAL D 29 30.18 -30.00 11.58
C VAL D 29 30.16 -30.89 10.35
N PRO D 30 31.26 -31.60 10.08
CA PRO D 30 31.35 -32.48 8.91
C PRO D 30 30.13 -33.38 8.69
N THR D 31 29.62 -33.97 9.76
CA THR D 31 28.50 -34.89 9.66
C THR D 31 27.09 -34.32 9.79
N GLY D 32 26.98 -33.03 10.08
CA GLY D 32 25.66 -32.43 10.21
C GLY D 32 25.73 -31.15 11.01
N PHE D 33 25.03 -31.12 12.14
CA PHE D 33 25.05 -29.95 13.00
C PHE D 33 25.36 -30.35 14.42
N GLY D 34 26.31 -29.64 15.03
CA GLY D 34 26.72 -29.95 16.38
C GLY D 34 25.83 -29.40 17.48
N TRP D 35 26.25 -29.66 18.72
CA TRP D 35 25.56 -29.23 19.93
C TRP D 35 26.29 -28.02 20.50
N LEU D 36 25.66 -26.84 20.42
CA LEU D 36 26.27 -25.61 20.92
C LEU D 36 26.15 -25.40 22.43
N GLY D 37 27.24 -24.92 23.04
CA GLY D 37 27.28 -24.68 24.47
C GLY D 37 26.80 -23.30 24.85
N ASN D 38 26.94 -22.96 26.14
CA ASN D 38 26.47 -21.67 26.65
C ASN D 38 27.14 -20.44 26.05
N LYS D 39 28.18 -20.66 25.25
CA LYS D 39 28.87 -19.53 24.62
C LYS D 39 28.93 -19.77 23.11
N GLY D 40 28.00 -20.56 22.59
CA GLY D 40 27.95 -20.84 21.17
C GLY D 40 29.13 -21.62 20.63
N GLN D 41 29.75 -22.42 21.50
CA GLN D 41 30.89 -23.22 21.08
C GLN D 41 30.44 -24.68 20.99
N ILE D 42 30.95 -25.38 20.00
CA ILE D 42 30.59 -26.78 19.83
C ILE D 42 31.04 -27.67 20.99
N LYS D 43 30.15 -28.54 21.44
CA LYS D 43 30.46 -29.48 22.50
C LYS D 43 30.69 -30.83 21.84
N GLU D 44 31.94 -31.07 21.45
CA GLU D 44 32.39 -32.28 20.78
C GLU D 44 31.78 -33.58 21.28
N GLU D 45 31.81 -33.79 22.59
CA GLU D 45 31.30 -35.01 23.21
C GLU D 45 29.84 -35.33 22.88
N MET D 46 29.04 -34.32 22.58
CA MET D 46 27.64 -34.55 22.28
C MET D 46 27.47 -35.17 20.90
N GLY D 47 28.40 -34.89 19.99
CA GLY D 47 28.34 -35.45 18.66
C GLY D 47 27.28 -34.83 17.76
N THR D 48 26.84 -35.59 16.75
CA THR D 48 25.83 -35.13 15.80
C THR D 48 24.50 -35.84 15.93
N HIS D 49 23.56 -35.22 16.64
CA HIS D 49 22.24 -35.82 16.83
C HIS D 49 21.36 -35.58 15.59
N LEU D 50 20.53 -36.57 15.28
CA LEU D 50 19.63 -36.47 14.14
C LEU D 50 18.65 -35.32 14.30
N TRP D 51 18.03 -35.19 15.48
CA TRP D 51 17.06 -34.13 15.70
C TRP D 51 17.65 -32.73 15.59
N ILE D 52 18.88 -32.53 16.05
CA ILE D 52 19.49 -31.22 15.94
C ILE D 52 19.80 -30.90 14.47
N THR D 53 20.31 -31.90 13.74
CA THR D 53 20.64 -31.72 12.34
C THR D 53 19.36 -31.46 11.54
N ALA D 54 18.30 -32.18 11.87
CA ALA D 54 17.03 -32.01 11.19
C ALA D 54 16.47 -30.62 11.48
N ARG D 55 16.58 -30.17 12.73
CA ARG D 55 16.08 -28.86 13.10
C ARG D 55 16.85 -27.73 12.43
N MET D 56 18.17 -27.83 12.39
CA MET D 56 18.97 -26.78 11.76
C MET D 56 18.64 -26.68 10.28
N LEU D 57 18.47 -27.83 9.62
CA LEU D 57 18.14 -27.83 8.19
C LEU D 57 16.86 -27.03 8.00
N HIS D 58 15.91 -27.25 8.90
CA HIS D 58 14.62 -26.56 8.90
C HIS D 58 14.80 -25.06 9.19
N VAL D 59 15.57 -24.74 10.23
CA VAL D 59 15.80 -23.35 10.59
C VAL D 59 16.41 -22.52 9.47
N TYR D 60 17.41 -23.07 8.79
CA TYR D 60 18.06 -22.32 7.72
C TYR D 60 17.34 -22.30 6.39
N SER D 61 16.27 -23.08 6.30
CA SER D 61 15.45 -23.07 5.09
C SER D 61 14.59 -21.82 5.21
N VAL D 62 14.24 -21.46 6.45
CA VAL D 62 13.44 -20.27 6.74
C VAL D 62 14.30 -19.02 6.58
N ALA D 63 15.57 -19.12 6.99
CA ALA D 63 16.50 -18.00 6.87
C ALA D 63 16.83 -17.74 5.40
N ALA D 64 16.88 -18.81 4.61
CA ALA D 64 17.18 -18.69 3.20
C ALA D 64 16.03 -17.94 2.53
N ALA D 65 14.80 -18.31 2.90
CA ALA D 65 13.62 -17.66 2.36
C ALA D 65 13.57 -16.18 2.76
N MET D 66 14.19 -15.82 3.88
CA MET D 66 14.20 -14.42 4.31
C MET D 66 15.30 -13.62 3.60
N GLY D 67 15.96 -14.26 2.64
CA GLY D 67 17.01 -13.61 1.87
C GLY D 67 18.35 -13.39 2.55
N ARG D 68 18.71 -14.28 3.46
CA ARG D 68 20.00 -14.15 4.16
C ARG D 68 21.09 -14.95 3.44
N PRO D 69 22.13 -14.27 2.95
CA PRO D 69 23.22 -14.99 2.26
C PRO D 69 23.92 -15.92 3.24
N GLY D 70 24.15 -17.15 2.83
CA GLY D 70 24.80 -18.12 3.68
C GLY D 70 23.85 -19.19 4.18
N ALA D 71 22.59 -18.82 4.35
CA ALA D 71 21.58 -19.75 4.82
C ALA D 71 21.37 -20.91 3.86
N TYR D 72 21.29 -20.63 2.56
CA TYR D 72 21.10 -21.67 1.57
C TYR D 72 22.24 -22.67 1.65
N SER D 73 23.45 -22.17 1.84
CA SER D 73 24.60 -23.05 1.94
C SER D 73 24.43 -23.97 3.16
N LEU D 74 23.85 -23.46 4.24
CA LEU D 74 23.64 -24.30 5.42
C LEU D 74 22.56 -25.33 5.12
N VAL D 75 21.59 -24.94 4.29
CA VAL D 75 20.52 -25.85 3.88
C VAL D 75 21.18 -26.96 3.07
N ASP D 76 22.10 -26.57 2.21
CA ASP D 76 22.83 -27.51 1.38
C ASP D 76 23.65 -28.46 2.27
N HIS D 77 24.30 -27.91 3.28
CA HIS D 77 25.08 -28.74 4.19
C HIS D 77 24.17 -29.74 4.91
N GLY D 78 22.99 -29.27 5.30
CA GLY D 78 22.05 -30.14 5.99
C GLY D 78 21.59 -31.29 5.11
N ILE D 79 21.29 -30.99 3.85
CA ILE D 79 20.84 -32.03 2.93
C ILE D 79 21.94 -33.04 2.65
N LYS D 80 23.19 -32.58 2.59
CA LYS D 80 24.31 -33.50 2.36
C LYS D 80 24.45 -34.37 3.59
N ALA D 81 24.24 -33.77 4.77
CA ALA D 81 24.36 -34.49 6.02
C ALA D 81 23.29 -35.57 6.15
N MET D 82 22.10 -35.29 5.62
CA MET D 82 21.00 -36.23 5.69
C MET D 82 21.19 -37.34 4.66
N ASN D 83 22.19 -37.19 3.80
CA ASN D 83 22.50 -38.18 2.79
C ASN D 83 23.86 -38.81 3.10
N GLY D 84 24.40 -38.48 4.27
CA GLY D 84 25.71 -39.02 4.65
C GLY D 84 25.71 -40.06 5.76
N ALA D 85 26.73 -39.98 6.61
CA ALA D 85 26.90 -40.91 7.72
C ALA D 85 25.69 -41.04 8.64
N LEU D 86 24.86 -40.00 8.72
CA LEU D 86 23.67 -40.07 9.55
C LEU D 86 22.67 -41.07 9.02
N ARG D 87 22.68 -41.28 7.71
CA ARG D 87 21.74 -42.23 7.11
C ARG D 87 22.23 -43.66 7.16
N ASP D 88 21.37 -44.55 7.65
CA ASP D 88 21.70 -45.97 7.72
C ASP D 88 21.32 -46.49 6.34
N LYS D 89 22.30 -46.55 5.45
CA LYS D 89 22.07 -47.00 4.09
C LYS D 89 21.94 -48.51 3.95
N LYS D 90 22.00 -49.21 5.07
CA LYS D 90 21.85 -50.66 5.04
C LYS D 90 20.43 -51.03 5.45
N TYR D 91 19.93 -50.42 6.52
CA TYR D 91 18.59 -50.70 7.01
C TYR D 91 17.61 -49.58 6.70
N GLY D 92 18.13 -48.36 6.52
CA GLY D 92 17.28 -47.24 6.22
C GLY D 92 17.11 -46.29 7.38
N GLY D 93 16.52 -45.13 7.12
CA GLY D 93 16.32 -44.15 8.17
C GLY D 93 17.65 -43.53 8.59
N TRP D 94 17.66 -42.90 9.76
CA TRP D 94 18.88 -42.26 10.24
C TRP D 94 19.22 -42.69 11.67
N TYR D 95 20.51 -42.77 11.96
CA TYR D 95 20.96 -43.11 13.30
C TYR D 95 20.58 -41.94 14.19
N ALA D 96 20.35 -42.22 15.48
CA ALA D 96 19.99 -41.18 16.42
C ALA D 96 21.15 -40.19 16.66
N CYS D 97 22.37 -40.72 16.61
CA CYS D 97 23.55 -39.89 16.82
C CYS D 97 24.81 -40.50 16.21
N VAL D 98 25.68 -39.64 15.71
CA VAL D 98 26.94 -40.06 15.11
C VAL D 98 27.98 -38.97 15.38
N ASN D 99 29.23 -39.27 15.04
CA ASN D 99 30.32 -38.32 15.15
C ASN D 99 31.38 -38.70 14.12
N ASP D 100 32.47 -37.94 14.06
CA ASP D 100 33.52 -38.19 13.09
C ASP D 100 34.22 -39.53 13.20
N GLU D 101 33.92 -40.28 14.25
CA GLU D 101 34.54 -41.58 14.44
C GLU D 101 33.58 -42.73 14.14
N GLY D 102 32.30 -42.43 14.00
CA GLY D 102 31.31 -43.45 13.71
C GLY D 102 29.94 -43.20 14.32
N VAL D 103 29.16 -44.27 14.49
CA VAL D 103 27.82 -44.18 15.07
C VAL D 103 27.84 -44.17 16.59
N VAL D 104 27.18 -43.17 17.19
CA VAL D 104 27.14 -43.08 18.63
C VAL D 104 25.90 -43.80 19.19
N ASP D 105 24.75 -43.56 18.55
CA ASP D 105 23.49 -44.17 18.95
C ASP D 105 22.83 -44.63 17.65
N ALA D 106 22.66 -45.94 17.50
CA ALA D 106 22.09 -46.53 16.30
C ALA D 106 20.58 -46.71 16.28
N SER D 107 19.91 -46.41 17.39
CA SER D 107 18.47 -46.58 17.44
C SER D 107 17.76 -45.66 16.45
N LYS D 108 16.59 -46.09 15.99
CA LYS D 108 15.79 -45.31 15.05
C LYS D 108 14.59 -44.75 15.84
N GLN D 109 14.65 -43.48 16.21
CA GLN D 109 13.59 -42.85 16.99
C GLN D 109 12.58 -42.04 16.19
N GLY D 110 11.30 -42.33 16.43
CA GLY D 110 10.23 -41.64 15.73
C GLY D 110 10.28 -40.12 15.72
N TYR D 111 10.29 -39.51 16.90
CA TYR D 111 10.30 -38.05 16.94
C TYR D 111 11.43 -37.46 16.12
N GLN D 112 12.60 -38.09 16.16
CA GLN D 112 13.75 -37.60 15.40
C GLN D 112 13.57 -37.82 13.89
N HIS D 113 12.77 -38.80 13.51
CA HIS D 113 12.53 -39.05 12.10
C HIS D 113 11.46 -38.11 11.58
N PHE D 114 10.55 -37.70 12.44
CA PHE D 114 9.52 -36.75 12.03
C PHE D 114 10.18 -35.38 11.90
N PHE D 115 11.25 -35.17 12.65
CA PHE D 115 11.98 -33.92 12.55
C PHE D 115 12.76 -33.95 11.25
N ALA D 116 13.11 -35.15 10.80
CA ALA D 116 13.83 -35.32 9.55
C ALA D 116 12.83 -35.00 8.43
N LEU D 117 11.59 -35.43 8.63
CA LEU D 117 10.53 -35.19 7.66
C LEU D 117 10.26 -33.69 7.59
N LEU D 118 10.29 -33.01 8.73
CA LEU D 118 10.06 -31.55 8.74
C LEU D 118 11.19 -30.85 8.02
N GLY D 119 12.42 -31.17 8.39
CA GLY D 119 13.56 -30.54 7.75
C GLY D 119 13.51 -30.70 6.25
N ALA D 120 13.13 -31.89 5.80
CA ALA D 120 13.04 -32.18 4.38
C ALA D 120 11.98 -31.34 3.68
N ALA D 121 10.78 -31.28 4.28
CA ALA D 121 9.68 -30.49 3.72
C ALA D 121 10.02 -29.00 3.66
N SER D 122 10.66 -28.49 4.70
CA SER D 122 11.03 -27.08 4.73
C SER D 122 12.14 -26.80 3.70
N ALA D 123 13.09 -27.72 3.61
CA ALA D 123 14.20 -27.55 2.65
C ALA D 123 13.65 -27.47 1.24
N VAL D 124 12.54 -28.16 1.01
CA VAL D 124 11.91 -28.16 -0.30
C VAL D 124 11.42 -26.79 -0.74
N THR D 125 11.06 -25.93 0.21
CA THR D 125 10.57 -24.60 -0.14
C THR D 125 11.69 -23.67 -0.63
N THR D 126 12.93 -24.12 -0.50
CA THR D 126 14.08 -23.33 -0.97
C THR D 126 14.34 -23.61 -2.44
N GLY D 127 13.79 -24.71 -2.95
CA GLY D 127 13.98 -25.05 -4.34
C GLY D 127 15.27 -25.84 -4.60
N HIS D 128 16.02 -26.12 -3.54
CA HIS D 128 17.27 -26.86 -3.64
C HIS D 128 17.02 -28.15 -4.44
N PRO D 129 17.83 -28.40 -5.48
CA PRO D 129 17.74 -29.57 -6.37
C PRO D 129 17.62 -30.94 -5.71
N GLU D 130 18.15 -31.08 -4.50
CA GLU D 130 18.11 -32.35 -3.78
C GLU D 130 16.99 -32.44 -2.74
N ALA D 131 16.37 -31.30 -2.42
CA ALA D 131 15.31 -31.28 -1.41
C ALA D 131 14.16 -32.25 -1.69
N ARG D 132 13.56 -32.16 -2.86
CA ARG D 132 12.44 -33.03 -3.21
C ARG D 132 12.86 -34.50 -3.11
N LYS D 133 14.12 -34.78 -3.45
CA LYS D 133 14.65 -36.13 -3.38
C LYS D 133 14.70 -36.60 -1.93
N LEU D 134 15.17 -35.72 -1.03
CA LEU D 134 15.28 -36.06 0.39
C LEU D 134 13.91 -36.28 1.01
N LEU D 135 12.96 -35.41 0.67
CA LEU D 135 11.62 -35.56 1.21
C LEU D 135 11.00 -36.90 0.76
N ASP D 136 11.12 -37.23 -0.53
CA ASP D 136 10.55 -38.47 -1.05
C ASP D 136 11.08 -39.70 -0.31
N TYR D 137 12.38 -39.71 -0.08
CA TYR D 137 13.01 -40.81 0.64
C TYR D 137 12.45 -40.85 2.07
N THR D 138 12.43 -39.68 2.71
CA THR D 138 11.94 -39.58 4.09
C THR D 138 10.52 -40.11 4.21
N ILE D 139 9.69 -39.78 3.24
CA ILE D 139 8.30 -40.25 3.24
C ILE D 139 8.24 -41.78 3.20
N GLU D 140 9.09 -42.39 2.38
CA GLU D 140 9.14 -43.85 2.27
C GLU D 140 9.50 -44.45 3.63
N ILE D 141 10.54 -43.91 4.25
CA ILE D 141 10.97 -44.41 5.55
C ILE D 141 9.88 -44.21 6.59
N ILE D 142 9.18 -43.08 6.53
CA ILE D 142 8.12 -42.80 7.49
C ILE D 142 6.93 -43.73 7.30
N GLU D 143 6.48 -43.89 6.06
CA GLU D 143 5.35 -44.75 5.79
C GLU D 143 5.64 -46.22 5.98
N LYS D 144 6.92 -46.56 6.05
CA LYS D 144 7.29 -47.95 6.23
C LYS D 144 7.49 -48.32 7.70
N TYR D 145 8.10 -47.44 8.48
CA TYR D 145 8.34 -47.75 9.89
C TYR D 145 7.70 -46.89 10.96
N PHE D 146 7.38 -45.64 10.67
CA PHE D 146 6.83 -44.78 11.71
C PHE D 146 5.35 -44.47 11.70
N TRP D 147 4.70 -44.58 10.55
CA TRP D 147 3.26 -44.35 10.50
C TRP D 147 2.58 -45.71 10.48
N SER D 148 2.02 -46.11 11.63
CA SER D 148 1.36 -47.40 11.70
C SER D 148 0.12 -47.47 10.83
N GLU D 149 0.10 -48.47 9.96
CA GLU D 149 -0.98 -48.70 9.03
C GLU D 149 -2.24 -49.12 9.79
N GLU D 150 -2.09 -50.09 10.68
CA GLU D 150 -3.22 -50.59 11.44
C GLU D 150 -3.67 -49.66 12.56
N GLU D 151 -2.73 -48.97 13.18
CA GLU D 151 -3.04 -48.05 14.27
C GLU D 151 -3.49 -46.67 13.78
N GLN D 152 -2.99 -46.27 12.62
CA GLN D 152 -3.29 -44.93 12.08
C GLN D 152 -2.84 -43.94 13.16
N MET D 153 -1.60 -44.14 13.61
CA MET D 153 -0.93 -43.33 14.62
C MET D 153 0.56 -43.55 14.40
N CYS D 154 1.39 -42.83 15.13
CA CYS D 154 2.84 -42.95 14.96
C CYS D 154 3.54 -43.85 15.95
N LEU D 155 4.43 -44.70 15.45
CA LEU D 155 5.19 -45.58 16.31
C LEU D 155 6.21 -44.75 17.07
N GLU D 156 6.80 -45.32 18.12
CA GLU D 156 7.76 -44.61 18.94
C GLU D 156 9.23 -44.75 18.55
N SER D 157 9.69 -45.99 18.40
CA SER D 157 11.08 -46.22 18.03
C SER D 157 11.35 -47.67 17.70
N TRP D 158 12.49 -47.90 17.06
CA TRP D 158 12.92 -49.24 16.69
C TRP D 158 14.41 -49.41 16.93
N ASP D 159 14.85 -50.67 16.89
CA ASP D 159 16.25 -51.00 17.04
C ASP D 159 16.86 -50.63 15.70
N GLU D 160 18.19 -50.61 15.62
CA GLU D 160 18.88 -50.25 14.40
C GLU D 160 18.38 -50.97 13.14
N ALA D 161 18.23 -52.30 13.22
CA ALA D 161 17.79 -53.09 12.07
C ALA D 161 16.28 -53.20 11.86
N PHE D 162 15.50 -52.37 12.56
CA PHE D 162 14.05 -52.42 12.43
C PHE D 162 13.53 -53.84 12.57
N SER D 163 13.91 -54.52 13.64
CA SER D 163 13.45 -55.89 13.87
C SER D 163 12.31 -55.89 14.88
N LYS D 164 12.34 -54.96 15.82
CA LYS D 164 11.28 -54.83 16.82
C LYS D 164 11.05 -53.38 17.22
N THR D 165 9.81 -52.94 17.15
CA THR D 165 9.48 -51.57 17.53
C THR D 165 9.15 -51.55 19.01
N GLU D 166 9.51 -50.45 19.69
CA GLU D 166 9.25 -50.32 21.11
C GLU D 166 7.79 -50.41 21.50
N GLU D 167 7.50 -51.19 22.53
CA GLU D 167 6.12 -51.37 23.00
C GLU D 167 5.67 -50.18 23.84
N TYR D 168 5.66 -49.02 23.21
CA TYR D 168 5.26 -47.78 23.86
C TYR D 168 4.77 -46.80 22.77
N ARG D 169 3.84 -45.93 23.14
CA ARG D 169 3.33 -44.92 22.21
C ARG D 169 3.40 -43.58 22.95
N GLY D 170 4.04 -42.58 22.33
CA GLY D 170 4.19 -41.29 22.97
C GLY D 170 3.55 -40.11 22.27
N GLY D 171 3.18 -39.09 23.04
CA GLY D 171 2.56 -37.92 22.47
C GLY D 171 3.49 -37.01 21.70
N ASN D 172 4.73 -36.89 22.18
CA ASN D 172 5.70 -36.03 21.52
C ASN D 172 6.06 -36.50 20.12
N ALA D 173 6.18 -37.81 19.92
CA ALA D 173 6.52 -38.35 18.61
C ALA D 173 5.35 -38.08 17.68
N ASN D 174 4.14 -38.27 18.19
CA ASN D 174 2.95 -38.01 17.38
C ASN D 174 2.73 -36.52 17.14
N MET D 175 3.07 -35.68 18.12
CA MET D 175 2.89 -34.25 17.92
C MET D 175 3.82 -33.70 16.84
N HIS D 176 5.08 -34.12 16.85
CA HIS D 176 6.02 -33.63 15.85
C HIS D 176 5.74 -34.22 14.49
N ALA D 177 4.99 -35.31 14.47
CA ALA D 177 4.62 -35.92 13.21
C ALA D 177 3.55 -34.97 12.67
N VAL D 178 2.66 -34.51 13.55
CA VAL D 178 1.60 -33.58 13.19
C VAL D 178 2.27 -32.34 12.59
N GLU D 179 3.30 -31.86 13.29
CA GLU D 179 4.05 -30.69 12.84
C GLU D 179 4.65 -30.88 11.44
N ALA D 180 5.32 -32.00 11.22
CA ALA D 180 5.95 -32.29 9.94
C ALA D 180 4.91 -32.54 8.84
N PHE D 181 3.79 -33.13 9.21
CA PHE D 181 2.73 -33.42 8.26
C PHE D 181 2.18 -32.13 7.64
N LEU D 182 2.08 -31.09 8.45
CA LEU D 182 1.56 -29.83 7.96
C LEU D 182 2.40 -29.28 6.81
N ILE D 183 3.71 -29.30 6.98
CA ILE D 183 4.59 -28.79 5.94
C ILE D 183 4.63 -29.72 4.73
N VAL D 184 4.61 -31.03 4.96
CA VAL D 184 4.61 -31.98 3.86
C VAL D 184 3.34 -31.75 3.03
N TYR D 185 2.26 -31.45 3.72
CA TYR D 185 0.99 -31.17 3.07
C TYR D 185 1.13 -29.91 2.22
N ASP D 186 1.82 -28.91 2.76
CA ASP D 186 2.02 -27.65 2.05
C ASP D 186 2.86 -27.78 0.79
N VAL D 187 3.82 -28.70 0.78
CA VAL D 187 4.67 -28.86 -0.41
C VAL D 187 4.24 -29.99 -1.33
N THR D 188 3.05 -30.55 -1.12
CA THR D 188 2.54 -31.62 -1.98
C THR D 188 1.06 -31.46 -2.26
N HIS D 189 0.36 -30.70 -1.41
CA HIS D 189 -1.08 -30.51 -1.52
C HIS D 189 -1.76 -31.86 -1.73
N ASP D 190 -1.31 -32.82 -0.93
CA ASP D 190 -1.84 -34.17 -0.92
C ASP D 190 -2.51 -34.28 0.46
N LYS D 191 -3.84 -34.13 0.49
CA LYS D 191 -4.60 -34.15 1.75
C LYS D 191 -4.31 -35.31 2.71
N LYS D 192 -3.74 -36.40 2.20
CA LYS D 192 -3.41 -37.55 3.04
C LYS D 192 -2.64 -37.09 4.28
N TRP D 193 -1.69 -36.18 4.08
CA TRP D 193 -0.89 -35.67 5.16
C TRP D 193 -1.66 -34.81 6.16
N LEU D 194 -2.67 -34.09 5.70
CA LEU D 194 -3.45 -33.26 6.62
C LEU D 194 -4.45 -34.17 7.34
N ASP D 195 -4.91 -35.20 6.64
CA ASP D 195 -5.86 -36.16 7.21
C ASP D 195 -5.20 -36.84 8.39
N ARG D 196 -3.96 -37.29 8.20
CA ARG D 196 -3.22 -37.96 9.26
C ARG D 196 -3.04 -37.01 10.44
N ALA D 197 -2.68 -35.77 10.14
CA ALA D 197 -2.47 -34.77 11.17
C ALA D 197 -3.70 -34.62 12.06
N ILE D 198 -4.86 -34.41 11.47
CA ILE D 198 -6.08 -34.23 12.23
C ILE D 198 -6.46 -35.53 12.96
N ARG D 199 -6.17 -36.66 12.34
CA ARG D 199 -6.44 -37.96 12.95
C ARG D 199 -5.64 -38.11 14.25
N VAL D 200 -4.35 -37.81 14.18
CA VAL D 200 -3.48 -37.92 15.35
C VAL D 200 -3.95 -37.03 16.49
N ALA D 201 -4.33 -35.80 16.14
CA ALA D 201 -4.80 -34.83 17.13
C ALA D 201 -6.16 -35.21 17.72
N SER D 202 -7.03 -35.80 16.91
CA SER D 202 -8.34 -36.18 17.42
C SER D 202 -8.16 -37.25 18.50
N VAL D 203 -7.23 -38.16 18.27
CA VAL D 203 -6.97 -39.24 19.21
C VAL D 203 -6.33 -38.78 20.52
N ILE D 204 -5.21 -38.07 20.42
CA ILE D 204 -4.48 -37.60 21.59
C ILE D 204 -5.03 -36.36 22.30
N ILE D 205 -5.50 -35.39 21.53
CA ILE D 205 -6.03 -34.19 22.14
C ILE D 205 -7.55 -34.22 22.30
N HIS D 206 -8.26 -34.44 21.21
CA HIS D 206 -9.72 -34.45 21.26
C HIS D 206 -10.38 -35.56 22.06
N ASP D 207 -9.75 -36.73 22.16
CA ASP D 207 -10.36 -37.82 22.91
C ASP D 207 -9.81 -38.02 24.32
N VAL D 208 -8.55 -37.65 24.55
CA VAL D 208 -7.96 -37.84 25.87
C VAL D 208 -7.71 -36.56 26.65
N ALA D 209 -6.94 -35.62 26.07
CA ALA D 209 -6.67 -34.37 26.77
C ALA D 209 -7.96 -33.64 27.14
N ARG D 210 -8.86 -33.54 26.17
CA ARG D 210 -10.15 -32.86 26.37
C ARG D 210 -10.92 -33.43 27.57
N ASN D 211 -10.75 -34.72 27.84
CA ASN D 211 -11.44 -35.36 28.95
C ASN D 211 -10.60 -35.35 30.22
N ASN D 212 -9.44 -34.71 30.14
CA ASN D 212 -8.53 -34.64 31.27
C ASN D 212 -8.21 -33.19 31.64
N HIS D 213 -9.24 -32.33 31.63
CA HIS D 213 -9.07 -30.92 31.96
C HIS D 213 -8.02 -30.29 31.06
N TYR D 214 -7.90 -30.84 29.86
CA TYR D 214 -6.95 -30.38 28.85
C TYR D 214 -5.50 -30.60 29.23
N ARG D 215 -5.29 -31.51 30.17
CA ARG D 215 -3.94 -31.84 30.55
C ARG D 215 -3.66 -33.01 29.63
N VAL D 216 -2.68 -32.85 28.74
CA VAL D 216 -2.33 -33.88 27.79
C VAL D 216 -1.60 -35.06 28.40
N ASN D 217 -2.11 -36.26 28.12
CA ASN D 217 -1.50 -37.50 28.58
C ASN D 217 -0.44 -37.87 27.54
N GLU D 218 0.79 -38.08 27.99
CA GLU D 218 1.89 -38.38 27.08
C GLU D 218 2.20 -39.85 26.85
N HIS D 219 2.03 -40.66 27.90
CA HIS D 219 2.36 -42.08 27.81
C HIS D 219 1.19 -43.01 27.53
N PHE D 220 1.41 -43.93 26.58
CA PHE D 220 0.38 -44.89 26.19
C PHE D 220 1.00 -46.27 25.98
N ASP D 221 0.16 -47.31 26.04
CA ASP D 221 0.65 -48.67 25.80
C ASP D 221 0.34 -48.99 24.34
N THR D 222 0.74 -50.17 23.89
CA THR D 222 0.54 -50.57 22.50
C THR D 222 -0.90 -50.51 21.99
N GLN D 223 -1.87 -50.57 22.89
CA GLN D 223 -3.28 -50.51 22.48
C GLN D 223 -3.75 -49.06 22.57
N TRP D 224 -2.80 -48.16 22.80
CA TRP D 224 -3.10 -46.74 22.92
C TRP D 224 -3.98 -46.39 24.14
N ASN D 225 -3.83 -47.18 25.21
CA ASN D 225 -4.55 -46.91 26.45
C ASN D 225 -3.59 -46.04 27.23
N PRO D 226 -4.10 -44.95 27.85
CA PRO D 226 -3.24 -44.05 28.62
C PRO D 226 -2.56 -44.75 29.80
N LEU D 227 -1.35 -44.31 30.12
CA LEU D 227 -0.59 -44.85 31.26
C LEU D 227 -0.27 -43.64 32.14
N PRO D 228 -1.31 -43.06 32.75
CA PRO D 228 -1.14 -41.88 33.60
C PRO D 228 -0.06 -41.99 34.66
N ASP D 229 0.11 -43.16 35.28
CA ASP D 229 1.12 -43.29 36.32
C ASP D 229 2.53 -43.60 35.84
N TYR D 230 2.72 -43.57 34.52
CA TYR D 230 4.04 -43.84 33.93
C TYR D 230 5.10 -42.99 34.62
N ASN D 231 6.12 -43.65 35.16
CA ASN D 231 7.24 -42.98 35.85
C ASN D 231 6.86 -42.21 37.11
N LYS D 232 5.73 -42.57 37.71
CA LYS D 232 5.27 -41.90 38.93
C LYS D 232 6.24 -42.15 40.08
N ASP D 233 6.94 -43.28 40.05
CA ASP D 233 7.90 -43.62 41.09
C ASP D 233 9.09 -42.66 41.08
N ASN D 234 9.36 -42.06 39.94
CA ASN D 234 10.47 -41.12 39.79
C ASN D 234 10.02 -39.91 38.98
N PRO D 235 9.09 -39.12 39.53
CA PRO D 235 8.55 -37.91 38.89
C PRO D 235 9.55 -36.83 38.52
N ALA D 236 10.71 -36.83 39.18
CA ALA D 236 11.73 -35.83 38.91
C ALA D 236 12.54 -36.13 37.66
N HIS D 237 12.62 -37.40 37.28
CA HIS D 237 13.38 -37.79 36.08
C HIS D 237 12.78 -37.14 34.85
N ARG D 238 13.63 -36.51 34.04
CA ARG D 238 13.15 -35.80 32.86
C ARG D 238 12.79 -36.61 31.62
N PHE D 239 13.38 -37.79 31.44
CA PHE D 239 13.03 -38.59 30.25
C PHE D 239 11.66 -39.24 30.46
N ARG D 240 10.72 -38.92 29.58
CA ARG D 240 9.36 -39.43 29.67
C ARG D 240 8.83 -39.14 31.06
N ALA D 241 9.05 -37.91 31.50
CA ALA D 241 8.63 -37.41 32.80
C ALA D 241 7.21 -37.77 33.15
N PHE D 242 6.95 -37.89 34.45
CA PHE D 242 5.63 -38.20 34.98
C PHE D 242 4.66 -37.04 34.77
N GLY D 243 3.40 -37.38 34.52
CA GLY D 243 2.38 -36.36 34.32
C GLY D 243 2.46 -35.62 32.99
N GLY D 244 1.89 -34.41 32.96
CA GLY D 244 1.91 -33.65 31.74
C GLY D 244 2.88 -32.48 31.75
N THR D 245 3.38 -32.11 30.58
CA THR D 245 4.29 -30.98 30.51
C THR D 245 3.55 -29.87 29.72
N PRO D 246 3.10 -28.82 30.43
CA PRO D 246 2.38 -27.68 29.84
C PRO D 246 2.96 -27.17 28.52
N GLY D 247 4.28 -27.26 28.38
CA GLY D 247 4.91 -26.82 27.14
C GLY D 247 4.30 -27.49 25.93
N HIS D 248 4.13 -28.80 25.99
CA HIS D 248 3.54 -29.56 24.89
C HIS D 248 2.06 -29.25 24.69
N TRP D 249 1.35 -29.00 25.77
CA TRP D 249 -0.08 -28.72 25.65
C TRP D 249 -0.25 -27.52 24.72
N ILE D 250 0.46 -26.44 25.04
CA ILE D 250 0.35 -25.23 24.27
C ILE D 250 0.85 -25.39 22.81
N GLU D 251 1.84 -26.26 22.59
CA GLU D 251 2.33 -26.50 21.22
C GLU D 251 1.20 -27.17 20.42
N TRP D 252 0.63 -28.22 21.00
CA TRP D 252 -0.47 -28.94 20.38
C TRP D 252 -1.58 -27.96 19.98
N GLY D 253 -1.73 -26.90 20.76
CA GLY D 253 -2.76 -25.92 20.48
C GLY D 253 -2.52 -25.16 19.20
N ARG D 254 -1.29 -24.71 19.00
CA ARG D 254 -0.96 -23.96 17.79
C ARG D 254 -1.06 -24.85 16.55
N LEU D 255 -0.58 -26.09 16.66
CA LEU D 255 -0.61 -27.01 15.54
C LEU D 255 -2.03 -27.28 15.05
N MET D 256 -2.99 -27.30 15.98
CA MET D 256 -4.37 -27.54 15.59
C MET D 256 -4.93 -26.33 14.86
N LEU D 257 -4.42 -25.14 15.21
CA LEU D 257 -4.87 -23.94 14.55
C LEU D 257 -4.28 -23.95 13.14
N HIS D 258 -3.05 -24.45 13.00
CA HIS D 258 -2.44 -24.54 11.67
C HIS D 258 -3.31 -25.44 10.80
N ILE D 259 -3.83 -26.52 11.38
CA ILE D 259 -4.69 -27.46 10.67
C ILE D 259 -5.99 -26.71 10.34
N HIS D 260 -6.49 -25.98 11.34
CA HIS D 260 -7.69 -25.18 11.22
C HIS D 260 -7.56 -24.20 10.05
N ALA D 261 -6.42 -23.52 9.98
CA ALA D 261 -6.17 -22.54 8.93
C ALA D 261 -6.05 -23.18 7.55
N ALA D 262 -5.47 -24.38 7.49
CA ALA D 262 -5.31 -25.08 6.22
C ALA D 262 -6.65 -25.49 5.60
N LEU D 263 -7.58 -25.95 6.42
CA LEU D 263 -8.88 -26.34 5.90
C LEU D 263 -9.61 -25.14 5.28
N GLU D 264 -9.60 -24.01 6.01
CA GLU D 264 -10.24 -22.80 5.53
C GLU D 264 -9.56 -22.29 4.27
N ALA D 265 -8.24 -22.42 4.22
CA ALA D 265 -7.49 -21.97 3.06
C ALA D 265 -7.98 -22.66 1.78
N ARG D 266 -8.55 -23.85 1.90
CA ARG D 266 -9.07 -24.55 0.73
C ARG D 266 -10.60 -24.58 0.76
N CYS D 267 -11.17 -23.51 1.31
CA CYS D 267 -12.61 -23.33 1.43
C CYS D 267 -13.35 -24.47 2.12
N GLU D 268 -12.71 -25.08 3.11
CA GLU D 268 -13.33 -26.17 3.84
C GLU D 268 -13.46 -25.82 5.31
N GLN D 269 -14.70 -25.68 5.78
CA GLN D 269 -14.96 -25.35 7.17
C GLN D 269 -14.27 -26.34 8.12
N PRO D 270 -13.51 -25.82 9.09
CA PRO D 270 -12.83 -26.72 10.01
C PRO D 270 -13.75 -27.23 11.11
N PRO D 271 -13.51 -28.45 11.61
CA PRO D 271 -14.38 -28.94 12.67
C PRO D 271 -14.17 -27.94 13.80
N ALA D 272 -15.24 -27.58 14.49
CA ALA D 272 -15.14 -26.59 15.57
C ALA D 272 -14.21 -27.02 16.70
N TRP D 273 -14.01 -28.32 16.89
CA TRP D 273 -13.17 -28.78 17.99
C TRP D 273 -11.69 -28.39 17.90
N LEU D 274 -11.20 -28.01 16.71
CA LEU D 274 -9.80 -27.61 16.60
C LEU D 274 -9.57 -26.34 17.42
N LEU D 275 -10.42 -25.34 17.23
CA LEU D 275 -10.33 -24.09 17.96
C LEU D 275 -10.69 -24.27 19.43
N GLU D 276 -11.72 -25.08 19.72
CA GLU D 276 -12.14 -25.32 21.09
C GLU D 276 -11.02 -25.94 21.92
N ASP D 277 -10.37 -26.96 21.34
CA ASP D 277 -9.29 -27.64 22.02
C ASP D 277 -8.04 -26.77 22.14
N ALA D 278 -7.80 -25.92 21.15
CA ALA D 278 -6.65 -25.03 21.21
C ALA D 278 -6.89 -24.04 22.35
N LYS D 279 -8.14 -23.60 22.49
CA LYS D 279 -8.47 -22.67 23.57
C LYS D 279 -8.29 -23.33 24.93
N GLY D 280 -8.74 -24.58 25.04
CA GLY D 280 -8.63 -25.29 26.31
C GLY D 280 -7.19 -25.56 26.73
N LEU D 281 -6.35 -25.94 25.77
CA LEU D 281 -4.96 -26.26 26.06
C LEU D 281 -4.23 -25.00 26.53
N PHE D 282 -4.50 -23.90 25.87
CA PHE D 282 -3.88 -22.63 26.25
C PHE D 282 -4.33 -22.30 27.67
N ASN D 283 -5.63 -22.47 27.92
CA ASN D 283 -6.22 -22.19 29.22
C ASN D 283 -5.66 -23.12 30.28
N ALA D 284 -5.53 -24.40 29.96
CA ALA D 284 -5.00 -25.36 30.91
C ALA D 284 -3.56 -24.95 31.27
N THR D 285 -2.77 -24.57 30.27
CA THR D 285 -1.38 -24.18 30.49
C THR D 285 -1.26 -22.97 31.43
N VAL D 286 -2.05 -21.93 31.17
CA VAL D 286 -2.03 -20.74 32.00
C VAL D 286 -2.52 -21.06 33.41
N ARG D 287 -3.60 -21.84 33.50
CA ARG D 287 -4.21 -22.25 34.75
C ARG D 287 -3.27 -23.00 35.70
N ASP D 288 -2.59 -24.03 35.19
CA ASP D 288 -1.69 -24.83 36.03
C ASP D 288 -0.21 -24.43 36.02
N ALA D 289 0.32 -24.03 34.87
CA ALA D 289 1.77 -23.74 34.80
C ALA D 289 2.31 -22.32 34.87
N TRP D 290 1.48 -21.30 34.72
CA TRP D 290 1.99 -19.95 34.78
C TRP D 290 2.03 -19.38 36.20
N ALA D 291 3.22 -18.99 36.63
CA ALA D 291 3.44 -18.40 37.96
C ALA D 291 2.61 -19.06 39.05
N PRO D 292 2.66 -20.40 39.15
CA PRO D 292 1.87 -21.12 40.16
C PRO D 292 2.56 -21.30 41.52
N ASP D 293 3.86 -21.07 41.56
CA ASP D 293 4.59 -21.27 42.80
C ASP D 293 5.24 -20.06 43.44
N GLY D 294 4.62 -18.89 43.30
CA GLY D 294 5.17 -17.69 43.91
C GLY D 294 6.14 -16.88 43.06
N ALA D 295 6.36 -17.32 41.83
CA ALA D 295 7.25 -16.61 40.92
C ALA D 295 6.71 -16.75 39.50
N ASP D 296 7.11 -15.87 38.61
CA ASP D 296 6.64 -15.95 37.24
C ASP D 296 7.35 -17.02 36.44
N GLY D 297 6.79 -17.36 35.28
CA GLY D 297 7.38 -18.37 34.42
C GLY D 297 6.46 -19.57 34.28
N ILE D 298 6.77 -20.43 33.32
CA ILE D 298 5.98 -21.64 33.07
C ILE D 298 6.75 -22.86 33.54
N VAL D 299 6.22 -23.55 34.57
CA VAL D 299 6.86 -24.74 35.13
C VAL D 299 6.94 -25.84 34.07
N TYR D 300 7.83 -26.82 34.27
CA TYR D 300 8.02 -27.88 33.30
C TYR D 300 6.95 -28.97 33.28
N THR D 301 6.66 -29.57 34.45
CA THR D 301 5.62 -30.59 34.52
C THR D 301 4.64 -30.36 35.66
N VAL D 302 3.49 -30.99 35.54
CA VAL D 302 2.41 -30.87 36.51
C VAL D 302 1.76 -32.24 36.64
N ASP D 303 1.18 -32.55 37.80
CA ASP D 303 0.53 -33.85 37.97
C ASP D 303 -0.91 -33.79 37.46
N TRP D 304 -1.69 -34.82 37.78
CA TRP D 304 -3.07 -34.87 37.32
C TRP D 304 -4.03 -34.01 38.12
N GLU D 305 -3.48 -33.24 39.06
CA GLU D 305 -4.30 -32.34 39.88
C GLU D 305 -3.98 -30.93 39.41
N GLY D 306 -2.96 -30.81 38.57
CA GLY D 306 -2.56 -29.51 38.07
C GLY D 306 -1.43 -28.90 38.89
N LYS D 307 -0.97 -29.64 39.90
CA LYS D 307 0.10 -29.17 40.78
C LYS D 307 1.49 -29.43 40.20
N PRO D 308 2.35 -28.40 40.18
CA PRO D 308 3.72 -28.46 39.66
C PRO D 308 4.58 -29.57 40.26
N VAL D 309 5.28 -30.30 39.39
CA VAL D 309 6.19 -31.35 39.82
C VAL D 309 7.62 -30.84 39.54
N VAL D 310 7.97 -30.70 38.26
CA VAL D 310 9.29 -30.16 37.92
C VAL D 310 9.09 -28.67 37.73
N ARG D 311 9.50 -27.88 38.72
CA ARG D 311 9.31 -26.43 38.71
C ARG D 311 10.34 -25.60 37.93
N GLU D 312 11.32 -26.26 37.32
CA GLU D 312 12.34 -25.56 36.54
C GLU D 312 11.68 -24.89 35.35
N ARG D 313 12.13 -23.69 35.00
CA ARG D 313 11.56 -22.99 33.85
C ARG D 313 12.46 -23.28 32.65
N VAL D 314 12.09 -24.28 31.87
CA VAL D 314 12.87 -24.61 30.68
C VAL D 314 12.51 -23.52 29.67
N ARG D 315 13.40 -23.24 28.72
CA ARG D 315 13.15 -22.19 27.75
C ARG D 315 12.02 -22.33 26.74
N TRP D 316 11.96 -23.44 26.03
CA TRP D 316 10.96 -23.63 24.99
C TRP D 316 9.48 -23.54 25.35
N PRO D 317 9.09 -24.00 26.55
CA PRO D 317 7.67 -23.91 26.91
C PRO D 317 7.07 -22.51 26.77
N ILE D 318 7.74 -21.51 27.34
CA ILE D 318 7.21 -20.15 27.27
C ILE D 318 7.40 -19.57 25.88
N VAL D 319 8.37 -20.11 25.14
CA VAL D 319 8.60 -19.66 23.77
C VAL D 319 7.40 -20.10 22.92
N GLU D 320 6.97 -21.35 23.10
CA GLU D 320 5.85 -21.91 22.37
C GLU D 320 4.55 -21.23 22.79
N ALA D 321 4.44 -20.94 24.08
CA ALA D 321 3.24 -20.27 24.61
C ALA D 321 2.98 -18.95 23.86
N MET D 322 4.05 -18.25 23.52
CA MET D 322 3.91 -16.98 22.81
C MET D 322 3.45 -17.26 21.38
N GLY D 323 3.97 -18.33 20.79
CA GLY D 323 3.58 -18.68 19.44
C GLY D 323 2.08 -18.97 19.41
N THR D 324 1.62 -19.76 20.38
CA THR D 324 0.22 -20.10 20.46
C THR D 324 -0.64 -18.88 20.75
N ALA D 325 -0.16 -18.01 21.64
CA ALA D 325 -0.89 -16.80 21.98
C ALA D 325 -1.18 -16.08 20.66
N TYR D 326 -0.14 -15.91 19.86
CA TYR D 326 -0.28 -15.27 18.55
C TYR D 326 -1.29 -16.01 17.67
N ALA D 327 -1.20 -17.34 17.65
CA ALA D 327 -2.10 -18.15 16.84
C ALA D 327 -3.56 -17.98 17.25
N LEU D 328 -3.82 -18.00 18.55
CA LEU D 328 -5.19 -17.84 19.02
C LEU D 328 -5.72 -16.43 18.75
N TYR D 329 -4.84 -15.44 18.90
CA TYR D 329 -5.24 -14.06 18.63
C TYR D 329 -5.63 -13.96 17.16
N THR D 330 -4.79 -14.50 16.30
CA THR D 330 -5.03 -14.45 14.87
C THR D 330 -6.38 -15.03 14.47
N VAL D 331 -6.82 -16.06 15.19
CA VAL D 331 -8.09 -16.69 14.87
C VAL D 331 -9.27 -16.00 15.55
N THR D 332 -9.12 -15.72 16.84
CA THR D 332 -10.20 -15.12 17.63
C THR D 332 -10.26 -13.60 17.69
N GLY D 333 -9.12 -12.93 17.53
CA GLY D 333 -9.13 -11.48 17.62
C GLY D 333 -9.22 -11.04 19.09
N ASP D 334 -9.43 -12.00 19.98
CA ASP D 334 -9.54 -11.71 21.40
C ASP D 334 -8.20 -11.19 21.91
N ARG D 335 -8.18 -9.89 22.21
CA ARG D 335 -6.99 -9.20 22.69
C ARG D 335 -6.33 -9.76 23.93
N GLN D 336 -7.06 -10.54 24.72
CA GLN D 336 -6.49 -11.11 25.94
C GLN D 336 -5.25 -11.93 25.59
N TYR D 337 -5.28 -12.56 24.42
CA TYR D 337 -4.17 -13.39 23.97
C TYR D 337 -2.90 -12.59 23.76
N GLU D 338 -3.05 -11.38 23.22
CA GLU D 338 -1.90 -10.52 22.98
C GLU D 338 -1.31 -10.09 24.32
N THR D 339 -2.16 -9.91 25.32
CA THR D 339 -1.68 -9.48 26.63
C THR D 339 -0.75 -10.54 27.21
N TRP D 340 -1.09 -11.80 26.99
CA TRP D 340 -0.26 -12.90 27.47
C TRP D 340 1.05 -12.91 26.68
N TYR D 341 0.92 -12.74 25.37
CA TYR D 341 2.07 -12.68 24.49
C TYR D 341 3.08 -11.65 25.03
N GLN D 342 2.59 -10.45 25.31
CA GLN D 342 3.44 -9.37 25.81
C GLN D 342 3.95 -9.67 27.20
N THR D 343 3.08 -10.20 28.05
CA THR D 343 3.49 -10.54 29.41
C THR D 343 4.68 -11.49 29.35
N TRP D 344 4.62 -12.44 28.42
CA TRP D 344 5.70 -13.40 28.26
C TRP D 344 6.95 -12.84 27.59
N TRP D 345 6.80 -11.83 26.73
CA TRP D 345 7.98 -11.23 26.12
C TRP D 345 8.73 -10.48 27.21
N GLU D 346 7.98 -9.88 28.11
CA GLU D 346 8.58 -9.14 29.22
C GLU D 346 9.42 -10.10 30.04
N TYR D 347 8.85 -11.27 30.31
CA TYR D 347 9.53 -12.30 31.08
C TYR D 347 10.78 -12.75 30.34
N CYS D 348 10.61 -13.11 29.08
CA CYS D 348 11.72 -13.60 28.26
C CYS D 348 12.95 -12.68 28.20
N ILE D 349 12.75 -11.39 27.97
CA ILE D 349 13.89 -10.49 27.90
C ILE D 349 14.52 -10.27 29.26
N LYS D 350 13.72 -10.39 30.30
CA LYS D 350 14.22 -10.18 31.65
C LYS D 350 15.00 -11.36 32.22
N TYR D 351 14.60 -12.57 31.86
CA TYR D 351 15.28 -13.76 32.40
C TYR D 351 15.92 -14.73 31.42
N LEU D 352 15.41 -14.81 30.19
CA LEU D 352 15.95 -15.78 29.26
C LEU D 352 16.98 -15.29 28.25
N MET D 353 16.69 -14.18 27.59
CA MET D 353 17.60 -13.64 26.59
C MET D 353 19.01 -13.41 27.12
N ASP D 354 20.00 -13.83 26.34
CA ASP D 354 21.39 -13.67 26.72
C ASP D 354 22.17 -12.91 25.65
N TYR D 355 22.25 -11.60 25.79
CA TYR D 355 22.98 -10.77 24.83
C TYR D 355 24.49 -10.85 25.05
N GLU D 356 24.87 -11.12 26.30
CA GLU D 356 26.27 -11.26 26.70
C GLU D 356 26.98 -12.44 26.01
N ASN D 357 26.48 -13.65 26.23
CA ASN D 357 27.09 -14.83 25.64
C ASN D 357 26.37 -15.33 24.40
N GLY D 358 25.24 -14.70 24.06
CA GLY D 358 24.51 -15.10 22.87
C GLY D 358 23.32 -16.00 23.08
N SER D 359 22.39 -15.93 22.13
CA SER D 359 21.15 -16.70 22.13
C SER D 359 20.35 -16.48 23.40
N TRP D 360 19.69 -17.53 23.89
CA TRP D 360 18.86 -17.46 25.10
C TRP D 360 19.34 -18.52 26.06
N TRP D 361 19.07 -18.33 27.35
CA TRP D 361 19.45 -19.33 28.35
C TRP D 361 18.50 -20.52 28.14
N GLN D 362 18.96 -21.73 28.49
CA GLN D 362 18.15 -22.93 28.31
C GLN D 362 17.21 -23.30 29.45
N GLU D 363 17.69 -23.21 30.70
CA GLU D 363 16.87 -23.58 31.84
C GLU D 363 17.15 -22.71 33.06
N LEU D 364 16.08 -22.38 33.79
CA LEU D 364 16.20 -21.54 34.98
C LEU D 364 15.63 -22.19 36.23
N ASP D 365 16.00 -21.60 37.36
CA ASP D 365 15.56 -22.00 38.70
C ASP D 365 14.06 -21.79 38.79
N ALA D 366 13.48 -22.19 39.92
CA ALA D 366 12.07 -21.96 40.14
C ALA D 366 11.99 -20.49 40.56
N ASP D 367 13.17 -19.89 40.73
CA ASP D 367 13.28 -18.47 41.10
C ASP D 367 13.82 -17.69 39.91
N ASN D 368 13.79 -18.33 38.75
CA ASN D 368 14.23 -17.74 37.50
C ASN D 368 15.70 -17.37 37.42
N LYS D 369 16.55 -18.07 38.17
CA LYS D 369 17.98 -17.84 38.18
C LYS D 369 18.61 -18.89 37.24
N VAL D 370 19.58 -18.47 36.43
CA VAL D 370 20.24 -19.39 35.50
C VAL D 370 20.84 -20.54 36.29
N THR D 371 20.66 -21.77 35.79
CA THR D 371 21.15 -22.95 36.49
C THR D 371 22.36 -23.65 35.86
N THR D 372 23.23 -24.17 36.73
CA THR D 372 24.44 -24.87 36.32
C THR D 372 24.14 -26.09 35.46
N GLY D 377 23.72 -26.94 27.24
CA GLY D 377 24.06 -25.56 26.90
C GLY D 377 22.92 -24.81 26.22
N LYS D 378 23.05 -24.63 24.91
CA LYS D 378 22.04 -23.91 24.12
C LYS D 378 22.00 -24.56 22.74
N GLN D 379 21.78 -25.87 22.73
CA GLN D 379 21.77 -26.64 21.49
C GLN D 379 20.60 -26.48 20.54
N ASP D 380 19.67 -25.58 20.85
CA ASP D 380 18.54 -25.41 19.95
C ASP D 380 18.19 -23.96 19.67
N ILE D 381 17.71 -23.70 18.46
CA ILE D 381 17.27 -22.36 18.07
C ILE D 381 15.95 -22.52 17.29
N TYR D 382 15.59 -23.76 17.05
CA TYR D 382 14.37 -24.12 16.32
C TYR D 382 13.06 -23.59 16.95
N HIS D 383 12.90 -23.74 18.26
CA HIS D 383 11.70 -23.26 18.95
C HIS D 383 11.53 -21.75 18.82
N LEU D 384 12.65 -21.02 18.83
CA LEU D 384 12.64 -19.57 18.74
C LEU D 384 11.95 -18.97 17.53
N LEU D 385 11.88 -19.71 16.43
CA LEU D 385 11.23 -19.20 15.23
C LEU D 385 9.71 -19.15 15.44
N HIS D 386 9.24 -19.93 16.42
CA HIS D 386 7.82 -19.98 16.71
C HIS D 386 7.33 -18.73 17.43
N CYS D 387 8.24 -17.98 18.03
CA CYS D 387 7.88 -16.72 18.70
C CYS D 387 8.53 -15.54 17.96
N LEU D 388 9.44 -15.84 17.03
CA LEU D 388 10.12 -14.80 16.25
C LEU D 388 9.60 -14.61 14.82
N VAL D 389 9.28 -15.71 14.15
CA VAL D 389 8.80 -15.65 12.77
C VAL D 389 7.28 -15.90 12.65
N ILE D 390 6.78 -16.87 13.39
CA ILE D 390 5.37 -17.21 13.34
C ILE D 390 4.46 -15.99 13.55
N PRO D 391 4.80 -15.12 14.51
CA PRO D 391 3.88 -13.98 14.66
C PRO D 391 3.96 -12.93 13.54
N ARG D 392 4.72 -13.22 12.49
CA ARG D 392 4.86 -12.31 11.35
C ARG D 392 4.18 -12.81 10.07
N ILE D 393 3.67 -14.05 10.13
CA ILE D 393 3.01 -14.66 8.98
C ILE D 393 1.66 -15.30 9.33
N PRO D 394 0.86 -15.61 8.30
CA PRO D 394 -0.45 -16.23 8.53
C PRO D 394 -0.28 -17.66 9.04
N LEU D 395 -1.36 -18.27 9.52
CA LEU D 395 -1.28 -19.63 10.02
C LEU D 395 -1.26 -20.63 8.85
N ALA D 396 -1.62 -20.15 7.67
CA ALA D 396 -1.62 -21.01 6.49
C ALA D 396 -1.00 -20.26 5.31
N PRO D 397 -0.06 -20.90 4.60
CA PRO D 397 0.40 -22.26 4.90
C PRO D 397 1.45 -22.21 6.00
N GLY D 398 2.11 -23.34 6.24
CA GLY D 398 3.13 -23.40 7.28
C GLY D 398 4.21 -22.34 7.15
N MET D 399 5.02 -22.22 8.20
CA MET D 399 6.09 -21.23 8.27
C MET D 399 7.02 -21.13 7.06
N ALA D 400 7.87 -22.13 6.84
CA ALA D 400 8.79 -22.08 5.69
C ALA D 400 8.02 -21.77 4.39
N PRO D 401 6.94 -22.52 4.12
CA PRO D 401 6.18 -22.25 2.88
C PRO D 401 5.65 -20.81 2.85
N ALA D 402 5.19 -20.32 4.00
CA ALA D 402 4.66 -18.97 4.09
C ALA D 402 5.74 -17.91 3.83
N VAL D 403 6.90 -18.06 4.45
CA VAL D 403 7.96 -17.09 4.24
C VAL D 403 8.47 -17.18 2.80
N ALA D 404 8.55 -18.39 2.27
CA ALA D 404 9.01 -18.59 0.90
C ALA D 404 8.02 -17.99 -0.11
N ALA D 405 6.73 -17.97 0.25
CA ALA D 405 5.73 -17.40 -0.65
C ALA D 405 5.76 -15.88 -0.53
N GLY D 406 6.62 -15.37 0.34
CA GLY D 406 6.72 -13.93 0.52
C GLY D 406 5.62 -13.31 1.36
N LEU D 407 5.04 -14.10 2.27
CA LEU D 407 3.95 -13.64 3.13
C LEU D 407 4.40 -12.97 4.42
N LEU D 408 5.69 -12.72 4.55
CA LEU D 408 6.22 -12.08 5.74
C LEU D 408 5.67 -10.65 5.88
N ASP D 409 5.05 -10.37 7.03
CA ASP D 409 4.46 -9.06 7.35
C ASP D 409 3.24 -8.63 6.54
N ILE D 410 2.69 -9.54 5.74
CA ILE D 410 1.56 -9.17 4.92
C ILE D 410 0.36 -8.59 5.67
N ASN D 411 0.25 -8.89 6.96
CA ASN D 411 -0.87 -8.36 7.75
C ASN D 411 -0.48 -7.20 8.67
N ALA D 412 0.78 -6.79 8.61
CA ALA D 412 1.27 -5.72 9.46
C ALA D 412 1.28 -4.35 8.80
N LYS D 413 1.17 -3.31 9.61
CA LYS D 413 1.17 -1.93 9.13
C LYS D 413 2.14 -1.12 9.99
N MET E 1 17.71 17.26 -1.55
CA MET E 1 17.87 16.09 -0.64
C MET E 1 16.61 15.97 0.21
N LYS E 2 15.92 14.84 0.08
CA LYS E 2 14.69 14.61 0.82
C LYS E 2 14.84 13.52 1.88
N TRP E 3 14.52 13.85 3.13
CA TRP E 3 14.63 12.91 4.23
C TRP E 3 13.25 12.65 4.86
N PHE E 4 12.56 13.74 5.18
CA PHE E 4 11.24 13.69 5.78
C PHE E 4 10.32 12.73 5.02
N ASN E 5 9.59 11.90 5.76
CA ASN E 5 8.65 10.97 5.15
C ASN E 5 9.22 9.94 4.15
N THR E 6 10.48 9.55 4.36
CA THR E 6 11.07 8.53 3.52
C THR E 6 11.47 7.41 4.48
N LEU E 7 11.09 6.18 4.14
CA LEU E 7 11.39 5.04 4.99
C LEU E 7 12.87 4.83 5.30
N SER E 8 13.75 5.16 4.37
CA SER E 8 15.18 4.96 4.61
C SER E 8 15.68 5.85 5.75
N HIS E 9 15.30 7.14 5.75
CA HIS E 9 15.72 8.04 6.81
C HIS E 9 15.08 7.57 8.13
N ASN E 10 13.78 7.29 8.07
CA ASN E 10 13.07 6.85 9.26
C ASN E 10 13.64 5.57 9.87
N ARG E 11 14.18 4.69 9.03
CA ARG E 11 14.78 3.46 9.54
C ARG E 11 16.05 3.83 10.31
N TRP E 12 16.75 4.85 9.82
CA TRP E 12 17.96 5.31 10.46
C TRP E 12 17.59 5.93 11.80
N LEU E 13 16.45 6.60 11.86
CA LEU E 13 16.00 7.22 13.10
C LEU E 13 15.67 6.15 14.13
N GLU E 14 14.94 5.11 13.72
CA GLU E 14 14.57 4.05 14.64
C GLU E 14 15.78 3.34 15.20
N GLN E 15 16.78 3.13 14.35
CA GLN E 15 17.98 2.44 14.78
C GLN E 15 18.70 3.29 15.84
N GLU E 16 18.68 4.60 15.68
CA GLU E 16 19.30 5.49 16.66
C GLU E 16 18.41 5.53 17.91
N THR E 17 17.09 5.43 17.69
CA THR E 17 16.16 5.43 18.80
C THR E 17 16.44 4.25 19.73
N ASP E 18 16.66 3.07 19.17
CA ASP E 18 16.95 1.87 19.95
C ASP E 18 18.24 2.01 20.75
N ARG E 19 19.27 2.58 20.12
CA ARG E 19 20.55 2.79 20.79
C ARG E 19 20.29 3.66 22.01
N ILE E 20 19.37 4.62 21.87
CA ILE E 20 19.02 5.52 22.96
C ILE E 20 18.20 4.80 24.03
N PHE E 21 17.16 4.05 23.61
CA PHE E 21 16.36 3.32 24.59
C PHE E 21 17.32 2.44 25.41
N ASP E 22 18.25 1.79 24.69
CA ASP E 22 19.23 0.92 25.31
C ASP E 22 20.00 1.67 26.40
N PHE E 23 20.48 2.86 26.07
CA PHE E 23 21.25 3.67 27.00
C PHE E 23 20.52 4.01 28.29
N GLY E 24 19.27 4.43 28.18
CA GLY E 24 18.51 4.79 29.38
C GLY E 24 18.13 3.66 30.32
N LYS E 25 18.32 2.41 29.89
CA LYS E 25 17.95 1.29 30.74
C LYS E 25 18.72 1.18 32.05
N ASN E 26 19.98 1.58 32.06
CA ASN E 26 20.81 1.50 33.27
C ASN E 26 20.42 2.51 34.36
N SER E 27 19.45 3.37 34.09
CA SER E 27 19.04 4.38 35.07
C SER E 27 18.09 3.83 36.14
N VAL E 28 17.60 2.60 35.96
CA VAL E 28 16.70 1.99 36.92
C VAL E 28 17.29 1.92 38.33
N VAL E 29 16.55 2.41 39.31
CA VAL E 29 16.97 2.37 40.71
C VAL E 29 15.74 2.06 41.54
N PRO E 30 15.93 1.58 42.78
CA PRO E 30 14.79 1.24 43.65
C PRO E 30 13.72 2.31 43.76
N THR E 31 14.13 3.57 43.90
CA THR E 31 13.19 4.67 44.04
C THR E 31 12.69 5.31 42.74
N GLY E 32 13.21 4.88 41.61
CA GLY E 32 12.78 5.46 40.34
C GLY E 32 13.83 5.33 39.25
N PHE E 33 14.31 6.44 38.73
CA PHE E 33 15.32 6.40 37.69
C PHE E 33 16.48 7.30 38.04
N GLY E 34 17.69 6.75 37.96
CA GLY E 34 18.89 7.48 38.31
C GLY E 34 19.39 8.47 37.29
N TRP E 35 20.52 9.09 37.64
CA TRP E 35 21.20 10.11 36.83
C TRP E 35 22.41 9.47 36.14
N LEU E 36 22.30 9.20 34.84
CA LEU E 36 23.40 8.57 34.10
C LEU E 36 24.58 9.47 33.77
N GLY E 37 25.78 8.93 33.99
CA GLY E 37 27.01 9.67 33.71
C GLY E 37 27.42 9.53 32.26
N ASN E 38 28.60 10.07 31.92
CA ASN E 38 29.12 10.05 30.56
C ASN E 38 29.33 8.68 29.92
N LYS E 39 29.45 7.65 30.74
CA LYS E 39 29.67 6.30 30.23
C LYS E 39 28.38 5.50 30.37
N GLY E 40 27.32 6.17 30.83
CA GLY E 40 26.05 5.49 30.99
C GLY E 40 25.87 4.86 32.35
N GLN E 41 26.78 5.16 33.27
CA GLN E 41 26.72 4.62 34.62
C GLN E 41 25.87 5.54 35.49
N ILE E 42 25.41 5.02 36.62
CA ILE E 42 24.59 5.81 37.54
C ILE E 42 25.47 6.62 38.50
N LYS E 43 25.19 7.91 38.61
CA LYS E 43 25.92 8.78 39.52
C LYS E 43 25.04 8.85 40.74
N GLU E 44 25.30 7.97 41.71
CA GLU E 44 24.49 7.90 42.91
C GLU E 44 24.35 9.17 43.74
N GLU E 45 25.40 9.98 43.80
CA GLU E 45 25.31 11.22 44.58
C GLU E 45 24.25 12.17 44.03
N MET E 46 23.80 11.91 42.80
CA MET E 46 22.77 12.76 42.19
C MET E 46 21.37 12.35 42.66
N GLY E 47 21.26 11.14 43.21
CA GLY E 47 19.99 10.65 43.71
C GLY E 47 18.92 10.36 42.67
N THR E 48 17.66 10.41 43.12
CA THR E 48 16.49 10.14 42.27
C THR E 48 15.65 11.39 42.09
N HIS E 49 15.87 12.13 41.01
CA HIS E 49 15.11 13.34 40.74
C HIS E 49 13.73 13.04 40.17
N LEU E 50 12.76 13.86 40.52
CA LEU E 50 11.40 13.69 40.03
C LEU E 50 11.33 13.89 38.51
N TRP E 51 11.88 15.00 38.03
CA TRP E 51 11.83 15.27 36.60
C TRP E 51 12.40 14.13 35.77
N ILE E 52 13.54 13.57 36.19
CA ILE E 52 14.15 12.44 35.46
C ILE E 52 13.27 11.19 35.53
N THR E 53 12.71 10.92 36.71
CA THR E 53 11.85 9.74 36.86
C THR E 53 10.62 9.92 35.97
N ALA E 54 10.03 11.12 35.98
CA ALA E 54 8.85 11.37 35.18
C ALA E 54 9.17 11.21 33.69
N ARG E 55 10.30 11.78 33.25
CA ARG E 55 10.69 11.69 31.84
C ARG E 55 10.91 10.25 31.37
N MET E 56 11.61 9.46 32.17
CA MET E 56 11.87 8.07 31.81
C MET E 56 10.55 7.30 31.68
N LEU E 57 9.61 7.58 32.57
CA LEU E 57 8.30 6.91 32.53
C LEU E 57 7.70 7.17 31.15
N HIS E 58 7.78 8.43 30.73
CA HIS E 58 7.28 8.87 29.45
C HIS E 58 8.04 8.25 28.27
N VAL E 59 9.36 8.21 28.37
CA VAL E 59 10.18 7.65 27.29
C VAL E 59 9.83 6.20 27.04
N TYR E 60 9.80 5.40 28.10
CA TYR E 60 9.51 3.99 27.95
C TYR E 60 8.08 3.65 27.62
N SER E 61 7.19 4.63 27.74
CA SER E 61 5.80 4.40 27.36
C SER E 61 5.84 4.39 25.84
N VAL E 62 6.69 5.24 25.26
CA VAL E 62 6.84 5.34 23.81
C VAL E 62 7.50 4.08 23.25
N ALA E 63 8.51 3.57 23.94
CA ALA E 63 9.21 2.36 23.52
C ALA E 63 8.28 1.13 23.59
N ALA E 64 7.41 1.10 24.60
CA ALA E 64 6.46 0.00 24.76
C ALA E 64 5.56 -0.04 23.54
N ALA E 65 5.07 1.12 23.14
CA ALA E 65 4.20 1.23 21.97
C ALA E 65 4.94 0.83 20.68
N MET E 66 6.26 0.96 20.67
CA MET E 66 7.03 0.57 19.49
C MET E 66 7.31 -0.93 19.45
N GLY E 67 6.82 -1.65 20.45
CA GLY E 67 7.00 -3.09 20.50
C GLY E 67 8.33 -3.61 21.00
N ARG E 68 8.97 -2.84 21.88
CA ARG E 68 10.27 -3.23 22.45
C ARG E 68 10.11 -3.99 23.77
N PRO E 69 10.36 -5.30 23.76
CA PRO E 69 10.23 -6.07 25.01
C PRO E 69 11.11 -5.47 26.10
N GLY E 70 10.52 -5.27 27.28
CA GLY E 70 11.26 -4.71 28.40
C GLY E 70 10.81 -3.31 28.75
N ALA E 71 10.41 -2.55 27.73
CA ALA E 71 9.95 -1.18 27.94
C ALA E 71 8.73 -1.09 28.85
N TYR E 72 7.77 -1.98 28.66
CA TYR E 72 6.56 -1.96 29.48
C TYR E 72 6.96 -2.14 30.95
N SER E 73 7.93 -3.01 31.20
CA SER E 73 8.39 -3.27 32.55
C SER E 73 8.99 -2.01 33.17
N LEU E 74 9.71 -1.22 32.37
CA LEU E 74 10.30 0.03 32.89
C LEU E 74 9.17 1.00 33.19
N VAL E 75 8.13 0.96 32.35
CA VAL E 75 6.96 1.81 32.55
C VAL E 75 6.29 1.40 33.85
N ASP E 76 6.26 0.10 34.12
CA ASP E 76 5.67 -0.42 35.35
C ASP E 76 6.50 0.07 36.52
N HIS E 77 7.83 0.02 36.36
CA HIS E 77 8.72 0.47 37.42
C HIS E 77 8.53 1.98 37.66
N GLY E 78 8.29 2.72 36.59
CA GLY E 78 8.09 4.14 36.72
C GLY E 78 6.82 4.45 37.48
N ILE E 79 5.76 3.70 37.18
CA ILE E 79 4.49 3.93 37.84
C ILE E 79 4.57 3.55 39.32
N LYS E 80 5.38 2.54 39.62
CA LYS E 80 5.50 2.14 41.01
C LYS E 80 6.38 3.12 41.78
N ALA E 81 7.29 3.79 41.08
CA ALA E 81 8.15 4.79 41.71
C ALA E 81 7.34 6.04 42.01
N MET E 82 6.34 6.32 41.18
CA MET E 82 5.48 7.48 41.35
C MET E 82 4.46 7.28 42.47
N ASN E 83 4.31 6.03 42.90
CA ASN E 83 3.38 5.68 43.98
C ASN E 83 4.19 5.33 45.23
N GLY E 84 5.49 5.60 45.18
CA GLY E 84 6.34 5.28 46.32
C GLY E 84 7.01 6.44 47.04
N ALA E 85 8.27 6.24 47.40
CA ALA E 85 9.07 7.23 48.12
C ALA E 85 9.08 8.63 47.52
N LEU E 86 8.92 8.73 46.21
CA LEU E 86 8.91 10.05 45.57
C LEU E 86 7.64 10.81 45.91
N ARG E 87 6.55 10.08 46.14
CA ARG E 87 5.27 10.71 46.45
C ARG E 87 5.15 11.10 47.93
N ASP E 88 4.82 12.36 48.17
CA ASP E 88 4.63 12.87 49.52
C ASP E 88 3.19 12.52 49.89
N LYS E 89 3.05 11.44 50.64
CA LYS E 89 1.73 10.98 51.03
C LYS E 89 1.06 11.78 52.14
N LYS E 90 1.82 12.66 52.78
CA LYS E 90 1.24 13.48 53.83
C LYS E 90 0.70 14.79 53.27
N TYR E 91 1.46 15.42 52.39
CA TYR E 91 1.05 16.70 51.82
C TYR E 91 0.58 16.60 50.37
N GLY E 92 0.98 15.53 49.67
CA GLY E 92 0.57 15.37 48.29
C GLY E 92 1.66 15.78 47.32
N GLY E 93 1.54 15.33 46.08
CA GLY E 93 2.53 15.67 45.07
C GLY E 93 3.77 14.80 45.24
N TRP E 94 4.90 15.26 44.68
CA TRP E 94 6.15 14.51 44.78
C TRP E 94 7.34 15.38 45.20
N TYR E 95 8.24 14.77 45.97
CA TYR E 95 9.44 15.46 46.41
C TYR E 95 10.28 15.72 45.18
N ALA E 96 11.08 16.78 45.20
CA ALA E 96 11.91 17.12 44.07
C ALA E 96 13.01 16.08 43.86
N CYS E 97 13.52 15.53 44.97
CA CYS E 97 14.59 14.54 44.90
C CYS E 97 14.71 13.68 46.16
N VAL E 98 14.92 12.39 45.96
CA VAL E 98 15.07 11.46 47.07
C VAL E 98 16.11 10.40 46.69
N ASN E 99 16.55 9.63 47.68
CA ASN E 99 17.50 8.55 47.46
C ASN E 99 17.17 7.41 48.41
N ASP E 100 18.05 6.43 48.53
CA ASP E 100 17.78 5.30 49.41
C ASP E 100 17.65 5.64 50.89
N GLU E 101 18.26 6.74 51.30
CA GLU E 101 18.18 7.13 52.70
C GLU E 101 16.99 8.01 53.03
N GLY E 102 16.34 8.56 52.02
CA GLY E 102 15.19 9.41 52.27
C GLY E 102 15.08 10.58 51.31
N VAL E 103 14.38 11.63 51.73
CA VAL E 103 14.17 12.81 50.90
C VAL E 103 15.41 13.70 50.85
N VAL E 104 15.82 14.05 49.63
CA VAL E 104 16.98 14.92 49.41
C VAL E 104 16.52 16.37 49.29
N ASP E 105 15.55 16.61 48.41
CA ASP E 105 14.99 17.94 48.21
C ASP E 105 13.48 17.78 48.31
N ALA E 106 12.89 18.42 49.33
CA ALA E 106 11.47 18.30 49.55
C ALA E 106 10.56 19.36 48.93
N SER E 107 11.12 20.26 48.14
CA SER E 107 10.31 21.30 47.51
C SER E 107 9.37 20.72 46.43
N LYS E 108 8.33 21.46 46.09
CA LYS E 108 7.38 21.02 45.07
C LYS E 108 7.53 21.90 43.84
N GLN E 109 8.34 21.45 42.88
CA GLN E 109 8.60 22.18 41.65
C GLN E 109 7.50 21.98 40.62
N GLY E 110 7.00 23.09 40.08
CA GLY E 110 5.94 23.02 39.10
C GLY E 110 6.32 22.27 37.82
N TYR E 111 7.42 22.67 37.19
CA TYR E 111 7.81 22.02 35.95
C TYR E 111 7.96 20.51 36.17
N GLN E 112 8.46 20.13 37.33
CA GLN E 112 8.64 18.71 37.62
C GLN E 112 7.28 18.01 37.79
N HIS E 113 6.31 18.70 38.36
CA HIS E 113 5.00 18.11 38.52
C HIS E 113 4.30 18.01 37.17
N PHE E 114 4.60 18.95 36.28
CA PHE E 114 4.00 18.88 34.94
C PHE E 114 4.64 17.73 34.15
N PHE E 115 5.90 17.42 34.47
CA PHE E 115 6.56 16.30 33.83
C PHE E 115 5.92 15.03 34.39
N ALA E 116 5.47 15.12 35.63
CA ALA E 116 4.79 13.98 36.26
C ALA E 116 3.45 13.81 35.53
N LEU E 117 2.86 14.92 35.11
CA LEU E 117 1.59 14.86 34.41
C LEU E 117 1.81 14.26 33.03
N LEU E 118 2.95 14.57 32.41
CA LEU E 118 3.27 14.04 31.09
C LEU E 118 3.51 12.53 31.15
N GLY E 119 4.35 12.12 32.10
CA GLY E 119 4.64 10.70 32.26
C GLY E 119 3.40 9.86 32.53
N ALA E 120 2.47 10.41 33.31
CA ALA E 120 1.26 9.69 33.64
C ALA E 120 0.39 9.56 32.39
N ALA E 121 0.17 10.69 31.71
CA ALA E 121 -0.64 10.70 30.50
C ALA E 121 -0.08 9.74 29.44
N SER E 122 1.23 9.71 29.27
CA SER E 122 1.86 8.84 28.29
C SER E 122 1.77 7.37 28.71
N ALA E 123 1.94 7.13 30.01
CA ALA E 123 1.86 5.77 30.53
C ALA E 123 0.46 5.22 30.27
N VAL E 124 -0.52 6.10 30.27
CA VAL E 124 -1.89 5.69 30.02
C VAL E 124 -2.05 5.06 28.64
N THR E 125 -1.23 5.48 27.67
CA THR E 125 -1.36 4.91 26.33
C THR E 125 -0.83 3.47 26.22
N THR E 126 -0.22 2.96 27.29
CA THR E 126 0.28 1.60 27.29
C THR E 126 -0.84 0.67 27.76
N GLY E 127 -1.87 1.26 28.35
CA GLY E 127 -2.98 0.47 28.85
C GLY E 127 -2.66 -0.17 30.20
N HIS E 128 -1.52 0.19 30.78
CA HIS E 128 -1.12 -0.34 32.08
C HIS E 128 -2.27 -0.07 33.03
N PRO E 129 -2.74 -1.10 33.77
CA PRO E 129 -3.85 -1.01 34.72
C PRO E 129 -3.76 0.03 35.84
N GLU E 130 -2.56 0.54 36.10
CA GLU E 130 -2.38 1.54 37.15
C GLU E 130 -2.16 2.94 36.61
N ALA E 131 -1.96 3.04 35.30
CA ALA E 131 -1.70 4.32 34.65
C ALA E 131 -2.83 5.34 34.82
N ARG E 132 -4.05 4.94 34.48
CA ARG E 132 -5.20 5.85 34.59
C ARG E 132 -5.33 6.41 36.01
N LYS E 133 -5.17 5.55 37.01
CA LYS E 133 -5.24 5.98 38.39
C LYS E 133 -4.14 6.99 38.73
N LEU E 134 -2.96 6.84 38.11
CA LEU E 134 -1.86 7.78 38.38
C LEU E 134 -2.13 9.12 37.71
N LEU E 135 -2.72 9.07 36.52
CA LEU E 135 -3.06 10.30 35.82
C LEU E 135 -4.07 11.06 36.66
N ASP E 136 -5.15 10.38 37.04
CA ASP E 136 -6.20 11.00 37.85
C ASP E 136 -5.70 11.67 39.11
N TYR E 137 -4.78 11.02 39.81
CA TYR E 137 -4.21 11.58 41.04
C TYR E 137 -3.40 12.83 40.69
N THR E 138 -2.57 12.72 39.65
CA THR E 138 -1.73 13.82 39.23
C THR E 138 -2.61 15.01 38.89
N ILE E 139 -3.70 14.75 38.18
CA ILE E 139 -4.62 15.82 37.82
C ILE E 139 -5.08 16.56 39.08
N GLU E 140 -5.51 15.82 40.10
CA GLU E 140 -5.95 16.44 41.34
C GLU E 140 -4.88 17.35 41.95
N ILE E 141 -3.63 16.88 41.98
CA ILE E 141 -2.55 17.68 42.53
C ILE E 141 -2.32 18.94 41.70
N ILE E 142 -2.28 18.78 40.38
CA ILE E 142 -2.07 19.92 39.50
C ILE E 142 -3.18 20.97 39.62
N GLU E 143 -4.42 20.51 39.63
CA GLU E 143 -5.56 21.44 39.72
C GLU E 143 -5.68 22.06 41.09
N LYS E 144 -4.95 21.53 42.04
CA LYS E 144 -5.01 22.05 43.40
C LYS E 144 -3.86 22.99 43.69
N TYR E 145 -2.66 22.66 43.23
CA TYR E 145 -1.51 23.49 43.53
C TYR E 145 -0.73 24.12 42.39
N PHE E 146 -0.86 23.61 41.18
CA PHE E 146 -0.07 24.18 40.10
C PHE E 146 -0.80 24.92 38.99
N TRP E 147 -2.11 24.75 38.89
CA TRP E 147 -2.88 25.48 37.90
C TRP E 147 -3.69 26.52 38.67
N SER E 148 -3.30 27.79 38.58
CA SER E 148 -4.00 28.84 39.29
C SER E 148 -5.36 29.12 38.68
N GLU E 149 -6.39 29.03 39.50
CA GLU E 149 -7.75 29.26 39.03
C GLU E 149 -7.95 30.74 38.70
N GLU E 150 -7.41 31.62 39.54
CA GLU E 150 -7.56 33.05 39.30
C GLU E 150 -6.60 33.60 38.23
N GLU E 151 -5.40 33.04 38.16
CA GLU E 151 -4.44 33.49 37.16
C GLU E 151 -4.68 32.80 35.81
N GLN E 152 -5.19 31.57 35.86
CA GLN E 152 -5.40 30.77 34.64
C GLN E 152 -4.03 30.69 33.96
N MET E 153 -3.03 30.33 34.76
CA MET E 153 -1.63 30.15 34.36
C MET E 153 -1.06 29.18 35.40
N CYS E 154 0.18 28.76 35.23
CA CYS E 154 0.78 27.80 36.17
C CYS E 154 1.74 28.43 37.17
N LEU E 155 1.61 28.01 38.42
CA LEU E 155 2.47 28.50 39.48
C LEU E 155 3.87 27.91 39.32
N GLU E 156 4.85 28.47 40.01
CA GLU E 156 6.23 27.99 39.89
C GLU E 156 6.61 26.90 40.89
N SER E 157 6.38 27.15 42.17
CA SER E 157 6.71 26.16 43.19
C SER E 157 6.14 26.44 44.57
N TRP E 158 6.27 25.44 45.43
CA TRP E 158 5.80 25.52 46.79
C TRP E 158 6.78 24.84 47.75
N ASP E 159 6.60 25.12 49.04
CA ASP E 159 7.42 24.50 50.07
C ASP E 159 6.83 23.10 50.20
N GLU E 160 7.54 22.22 50.89
CA GLU E 160 7.08 20.86 51.09
C GLU E 160 5.60 20.75 51.47
N ALA E 161 5.20 21.51 52.48
CA ALA E 161 3.83 21.47 52.98
C ALA E 161 2.80 22.31 52.23
N PHE E 162 3.17 22.83 51.07
CA PHE E 162 2.23 23.65 50.30
C PHE E 162 1.63 24.76 51.13
N SER E 163 2.46 25.51 51.85
CA SER E 163 1.95 26.61 52.67
C SER E 163 2.21 27.97 52.02
N LYS E 164 3.22 28.05 51.16
CA LYS E 164 3.53 29.29 50.47
C LYS E 164 4.05 29.03 49.07
N THR E 165 3.39 29.60 48.07
CA THR E 165 3.84 29.40 46.70
C THR E 165 4.89 30.47 46.39
N GLU E 166 5.87 30.12 45.55
CA GLU E 166 6.92 31.06 45.21
C GLU E 166 6.35 32.28 44.48
N GLU E 167 6.87 33.45 44.84
CA GLU E 167 6.41 34.69 44.22
C GLU E 167 7.21 34.94 42.95
N TYR E 168 7.01 34.03 42.00
CA TYR E 168 7.67 34.07 40.72
C TYR E 168 6.81 33.26 39.74
N ARG E 169 6.89 33.62 38.47
CA ARG E 169 6.16 32.93 37.43
C ARG E 169 7.15 32.76 36.26
N GLY E 170 7.34 31.52 35.83
CA GLY E 170 8.29 31.26 34.76
C GLY E 170 7.73 30.63 33.51
N GLY E 171 8.45 30.79 32.41
CA GLY E 171 8.02 30.23 31.14
C GLY E 171 8.19 28.73 31.03
N ASN E 172 9.28 28.20 31.53
CA ASN E 172 9.52 26.76 31.46
C ASN E 172 8.46 25.91 32.16
N ALA E 173 8.07 26.30 33.37
CA ALA E 173 7.05 25.54 34.08
C ALA E 173 5.76 25.52 33.26
N ASN E 174 5.36 26.69 32.77
CA ASN E 174 4.14 26.78 31.96
C ASN E 174 4.26 26.08 30.60
N MET E 175 5.46 26.03 30.03
CA MET E 175 5.66 25.38 28.74
C MET E 175 5.44 23.88 28.87
N HIS E 176 6.03 23.27 29.89
CA HIS E 176 5.89 21.85 30.10
C HIS E 176 4.47 21.50 30.54
N ALA E 177 3.74 22.50 31.00
CA ALA E 177 2.35 22.28 31.38
C ALA E 177 1.65 22.13 30.02
N VAL E 178 1.98 23.02 29.09
CA VAL E 178 1.38 22.94 27.75
C VAL E 178 1.66 21.55 27.18
N GLU E 179 2.93 21.18 27.14
CA GLU E 179 3.35 19.88 26.63
C GLU E 179 2.53 18.77 27.30
N ALA E 180 2.43 18.82 28.63
CA ALA E 180 1.70 17.83 29.39
C ALA E 180 0.19 17.88 29.11
N PHE E 181 -0.36 19.09 29.01
CA PHE E 181 -1.78 19.26 28.75
C PHE E 181 -2.20 18.61 27.42
N LEU E 182 -1.33 18.69 26.42
CA LEU E 182 -1.63 18.11 25.12
C LEU E 182 -1.93 16.62 25.19
N ILE E 183 -1.05 15.87 25.87
CA ILE E 183 -1.23 14.43 26.00
C ILE E 183 -2.41 14.08 26.89
N VAL E 184 -2.61 14.85 27.96
CA VAL E 184 -3.74 14.62 28.85
C VAL E 184 -5.00 14.80 28.01
N TYR E 185 -4.97 15.78 27.13
CA TYR E 185 -6.10 16.05 26.24
C TYR E 185 -6.34 14.84 25.34
N ASP E 186 -5.26 14.27 24.81
CA ASP E 186 -5.35 13.12 23.92
C ASP E 186 -5.90 11.84 24.57
N VAL E 187 -5.64 11.65 25.86
CA VAL E 187 -6.13 10.45 26.55
C VAL E 187 -7.37 10.71 27.40
N THR E 188 -8.00 11.88 27.25
CA THR E 188 -9.21 12.19 28.00
C THR E 188 -10.26 12.83 27.10
N HIS E 189 -9.78 13.52 26.06
CA HIS E 189 -10.64 14.25 25.15
C HIS E 189 -11.52 15.17 25.98
N ASP E 190 -10.90 15.73 27.01
CA ASP E 190 -11.58 16.70 27.87
C ASP E 190 -11.04 18.05 27.40
N LYS E 191 -11.84 18.73 26.59
CA LYS E 191 -11.53 20.04 26.01
C LYS E 191 -10.80 21.06 26.91
N LYS E 192 -11.00 20.99 28.23
CA LYS E 192 -10.36 21.95 29.11
C LYS E 192 -8.83 21.94 29.08
N TRP E 193 -8.24 20.78 28.83
CA TRP E 193 -6.79 20.69 28.78
C TRP E 193 -6.20 21.40 27.56
N LEU E 194 -6.88 21.31 26.42
CA LEU E 194 -6.41 21.98 25.22
C LEU E 194 -6.69 23.48 25.39
N ASP E 195 -7.79 23.79 26.07
CA ASP E 195 -8.18 25.18 26.33
C ASP E 195 -7.06 25.86 27.12
N ARG E 196 -6.60 25.17 28.16
CA ARG E 196 -5.56 25.70 29.01
C ARG E 196 -4.24 25.82 28.27
N ALA E 197 -3.97 24.84 27.40
CA ALA E 197 -2.75 24.84 26.61
C ALA E 197 -2.66 26.11 25.79
N ILE E 198 -3.68 26.37 24.98
CA ILE E 198 -3.67 27.55 24.14
C ILE E 198 -3.64 28.83 24.98
N ARG E 199 -4.32 28.82 26.11
CA ARG E 199 -4.34 29.98 27.01
C ARG E 199 -2.93 30.32 27.49
N VAL E 200 -2.22 29.33 28.01
CA VAL E 200 -0.87 29.58 28.49
C VAL E 200 -0.03 30.17 27.36
N ALA E 201 -0.16 29.63 26.16
CA ALA E 201 0.59 30.10 25.01
C ALA E 201 0.23 31.52 24.55
N SER E 202 -1.05 31.86 24.60
CA SER E 202 -1.47 33.19 24.18
C SER E 202 -0.88 34.26 25.09
N VAL E 203 -0.76 33.93 26.37
CA VAL E 203 -0.20 34.86 27.33
C VAL E 203 1.31 35.04 27.16
N ILE E 204 2.04 33.94 27.26
CA ILE E 204 3.49 33.97 27.15
C ILE E 204 4.08 34.18 25.75
N ILE E 205 3.50 33.54 24.74
CA ILE E 205 4.02 33.66 23.39
C ILE E 205 3.33 34.73 22.55
N HIS E 206 2.03 34.58 22.36
CA HIS E 206 1.26 35.53 21.56
C HIS E 206 1.25 36.97 22.06
N ASP E 207 1.18 37.16 23.38
CA ASP E 207 1.13 38.51 23.96
C ASP E 207 2.48 39.14 24.34
N VAL E 208 3.50 38.33 24.58
CA VAL E 208 4.79 38.88 24.98
C VAL E 208 5.93 38.61 24.02
N ALA E 209 6.23 37.35 23.76
CA ALA E 209 7.32 37.00 22.85
C ALA E 209 7.10 37.63 21.47
N ARG E 210 5.88 37.52 20.95
CA ARG E 210 5.54 38.07 19.64
C ARG E 210 5.82 39.56 19.61
N ASN E 211 5.61 40.20 20.75
CA ASN E 211 5.80 41.64 20.90
C ASN E 211 7.25 41.98 21.19
N ASN E 212 8.10 40.96 21.22
CA ASN E 212 9.51 41.15 21.55
C ASN E 212 10.45 40.48 20.54
N HIS E 213 10.17 40.65 19.25
CA HIS E 213 10.97 40.06 18.17
C HIS E 213 11.02 38.52 18.30
N TYR E 214 10.01 38.00 18.97
CA TYR E 214 9.89 36.56 19.20
C TYR E 214 10.96 36.02 20.13
N ARG E 215 11.51 36.90 20.96
CA ARG E 215 12.50 36.49 21.94
C ARG E 215 11.63 36.27 23.19
N VAL E 216 11.48 35.01 23.59
CA VAL E 216 10.65 34.69 24.73
C VAL E 216 11.18 35.18 26.07
N ASN E 217 10.30 35.86 26.81
CA ASN E 217 10.60 36.36 28.14
C ASN E 217 10.27 35.25 29.13
N GLU E 218 11.28 34.82 29.88
CA GLU E 218 11.15 33.72 30.85
C GLU E 218 10.65 34.09 32.25
N HIS E 219 11.15 35.19 32.78
CA HIS E 219 10.82 35.59 34.14
C HIS E 219 9.72 36.63 34.27
N PHE E 220 8.78 36.38 35.19
CA PHE E 220 7.66 37.28 35.45
C PHE E 220 7.44 37.40 36.95
N ASP E 221 6.74 38.46 37.37
CA ASP E 221 6.42 38.62 38.79
C ASP E 221 5.05 37.95 38.98
N THR E 222 4.54 37.95 40.22
CA THR E 222 3.26 37.30 40.49
C THR E 222 2.07 37.91 39.75
N GLN E 223 2.24 39.11 39.21
CA GLN E 223 1.17 39.77 38.47
C GLN E 223 1.32 39.43 37.00
N TRP E 224 2.33 38.63 36.71
CA TRP E 224 2.64 38.22 35.34
C TRP E 224 3.20 39.34 34.48
N ASN E 225 3.91 40.26 35.14
CA ASN E 225 4.57 41.36 34.44
C ASN E 225 5.99 40.88 34.18
N PRO E 226 6.51 41.07 32.97
CA PRO E 226 7.86 40.63 32.64
C PRO E 226 8.94 41.25 33.52
N LEU E 227 9.99 40.47 33.78
CA LEU E 227 11.14 40.92 34.57
C LEU E 227 12.34 40.66 33.68
N PRO E 228 12.41 41.36 32.54
CA PRO E 228 13.49 41.25 31.55
C PRO E 228 14.91 41.35 32.06
N ASP E 229 15.11 42.03 33.18
CA ASP E 229 16.45 42.19 33.73
C ASP E 229 16.75 41.20 34.84
N TYR E 230 15.87 40.21 35.00
CA TYR E 230 16.05 39.19 36.02
C TYR E 230 17.43 38.54 35.85
N ASN E 231 18.22 38.56 36.92
CA ASN E 231 19.56 37.97 36.92
C ASN E 231 20.53 38.65 35.95
N LYS E 232 20.23 39.88 35.56
CA LYS E 232 21.08 40.62 34.63
C LYS E 232 22.46 40.77 35.27
N ASP E 233 22.48 40.94 36.58
CA ASP E 233 23.71 41.12 37.33
C ASP E 233 24.64 39.91 37.27
N ASN E 234 24.06 38.72 37.12
CA ASN E 234 24.86 37.48 37.05
C ASN E 234 24.51 36.72 35.78
N PRO E 235 24.89 37.27 34.61
CA PRO E 235 24.65 36.72 33.26
C PRO E 235 24.93 35.23 33.05
N ALA E 236 26.10 34.77 33.50
CA ALA E 236 26.50 33.37 33.31
C ALA E 236 25.69 32.35 34.10
N HIS E 237 25.23 32.71 35.29
CA HIS E 237 24.45 31.80 36.13
C HIS E 237 23.40 31.07 35.30
N ARG E 238 23.49 29.74 35.25
CA ARG E 238 22.54 28.96 34.46
C ARG E 238 21.12 28.89 35.02
N PHE E 239 20.97 28.80 36.34
CA PHE E 239 19.62 28.74 36.92
C PHE E 239 18.89 30.05 36.67
N ARG E 240 17.73 29.96 36.01
CA ARG E 240 16.94 31.15 35.67
C ARG E 240 17.85 32.21 35.07
N ALA E 241 18.60 31.79 34.05
CA ALA E 241 19.54 32.65 33.37
C ALA E 241 18.92 33.93 32.83
N PHE E 242 19.73 34.97 32.74
CA PHE E 242 19.30 36.25 32.23
C PHE E 242 19.02 36.15 30.73
N GLY E 243 18.02 36.90 30.27
CA GLY E 243 17.67 36.91 28.87
C GLY E 243 16.85 35.75 28.33
N GLY E 244 16.93 35.53 27.03
CA GLY E 244 16.19 34.48 26.38
C GLY E 244 16.99 33.24 26.08
N THR E 245 16.31 32.10 26.05
CA THR E 245 16.94 30.81 25.77
C THR E 245 16.39 30.24 24.46
N PRO E 246 17.08 30.50 23.33
CA PRO E 246 16.65 30.01 22.02
C PRO E 246 16.05 28.60 22.02
N GLY E 247 16.64 27.71 22.81
CA GLY E 247 16.14 26.34 22.88
C GLY E 247 14.66 26.29 23.18
N HIS E 248 14.25 27.00 24.22
CA HIS E 248 12.86 27.05 24.61
C HIS E 248 11.98 27.69 23.52
N TRP E 249 12.50 28.74 22.90
CA TRP E 249 11.73 29.43 21.86
C TRP E 249 11.21 28.42 20.85
N ILE E 250 12.14 27.63 20.33
CA ILE E 250 11.81 26.65 19.32
C ILE E 250 10.91 25.54 19.85
N GLU E 251 10.98 25.26 21.15
CA GLU E 251 10.11 24.25 21.74
C GLU E 251 8.68 24.77 21.69
N TRP E 252 8.49 26.01 22.14
CA TRP E 252 7.17 26.63 22.12
C TRP E 252 6.54 26.54 20.74
N GLY E 253 7.36 26.68 19.70
CA GLY E 253 6.88 26.62 18.33
C GLY E 253 6.27 25.28 18.01
N ARG E 254 6.97 24.20 18.34
CA ARG E 254 6.46 22.87 18.06
C ARG E 254 5.18 22.63 18.85
N LEU E 255 5.23 22.92 20.15
CA LEU E 255 4.07 22.71 21.01
C LEU E 255 2.82 23.42 20.50
N MET E 256 3.00 24.62 19.93
CA MET E 256 1.86 25.37 19.42
C MET E 256 1.30 24.73 18.15
N LEU E 257 2.17 24.06 17.38
CA LEU E 257 1.70 23.41 16.16
C LEU E 257 0.95 22.15 16.56
N HIS E 258 1.34 21.55 17.68
CA HIS E 258 0.65 20.37 18.18
C HIS E 258 -0.77 20.79 18.55
N ILE E 259 -0.92 22.03 18.99
CA ILE E 259 -2.23 22.56 19.36
C ILE E 259 -2.99 22.80 18.07
N HIS E 260 -2.31 23.44 17.12
CA HIS E 260 -2.86 23.75 15.82
C HIS E 260 -3.38 22.48 15.14
N ALA E 261 -2.62 21.40 15.25
CA ALA E 261 -3.01 20.12 14.67
C ALA E 261 -4.18 19.49 15.43
N ALA E 262 -4.21 19.64 16.74
CA ALA E 262 -5.29 19.07 17.55
C ALA E 262 -6.63 19.70 17.15
N LEU E 263 -6.63 21.01 16.93
CA LEU E 263 -7.83 21.71 16.54
C LEU E 263 -8.32 21.24 15.17
N GLU E 264 -7.38 21.08 14.23
CA GLU E 264 -7.73 20.61 12.89
C GLU E 264 -8.23 19.17 12.95
N ALA E 265 -7.65 18.38 13.85
CA ALA E 265 -8.05 16.99 13.99
C ALA E 265 -9.52 16.86 14.38
N ARG E 266 -10.09 17.90 14.98
CA ARG E 266 -11.49 17.86 15.35
C ARG E 266 -12.33 18.78 14.45
N CYS E 267 -11.82 19.03 13.26
CA CYS E 267 -12.48 19.86 12.25
C CYS E 267 -12.77 21.29 12.72
N GLU E 268 -11.85 21.83 13.50
CA GLU E 268 -11.99 23.19 14.02
C GLU E 268 -10.85 24.06 13.49
N GLN E 269 -11.18 25.04 12.66
CA GLN E 269 -10.15 25.93 12.12
C GLN E 269 -9.41 26.63 13.24
N PRO E 270 -8.10 26.35 13.38
CA PRO E 270 -7.29 26.95 14.44
C PRO E 270 -6.99 28.44 14.22
N PRO E 271 -6.73 29.17 15.31
CA PRO E 271 -6.41 30.59 15.18
C PRO E 271 -5.12 30.68 14.38
N ALA E 272 -5.03 31.65 13.48
CA ALA E 272 -3.84 31.79 12.65
C ALA E 272 -2.57 32.10 13.44
N TRP E 273 -2.70 32.72 14.61
CA TRP E 273 -1.51 33.07 15.39
C TRP E 273 -0.67 31.88 15.84
N LEU E 274 -1.25 30.67 15.83
CA LEU E 274 -0.50 29.49 16.23
C LEU E 274 0.65 29.27 15.26
N LEU E 275 0.32 29.16 13.97
CA LEU E 275 1.31 28.97 12.93
C LEU E 275 2.20 30.21 12.78
N GLU E 276 1.59 31.39 12.84
CA GLU E 276 2.36 32.64 12.72
C GLU E 276 3.44 32.75 13.79
N ASP E 277 3.09 32.40 15.02
CA ASP E 277 4.03 32.49 16.12
C ASP E 277 5.10 31.41 16.08
N ALA E 278 4.72 30.22 15.63
CA ALA E 278 5.68 29.12 15.53
C ALA E 278 6.75 29.52 14.51
N LYS E 279 6.31 30.09 13.39
CA LYS E 279 7.25 30.53 12.36
C LYS E 279 8.21 31.56 12.92
N GLY E 280 7.65 32.55 13.62
CA GLY E 280 8.44 33.61 14.20
C GLY E 280 9.45 33.11 15.21
N LEU E 281 9.02 32.25 16.12
CA LEU E 281 9.89 31.71 17.14
C LEU E 281 11.03 30.96 16.48
N PHE E 282 10.73 30.23 15.41
CA PHE E 282 11.74 29.46 14.71
C PHE E 282 12.72 30.41 14.04
N ASN E 283 12.18 31.43 13.38
CA ASN E 283 13.01 32.42 12.69
C ASN E 283 13.95 33.10 13.67
N ALA E 284 13.39 33.51 14.82
CA ALA E 284 14.17 34.17 15.85
C ALA E 284 15.31 33.29 16.35
N THR E 285 15.05 31.98 16.44
CA THR E 285 16.07 31.06 16.93
C THR E 285 17.28 31.00 16.00
N VAL E 286 17.05 30.85 14.70
CA VAL E 286 18.15 30.79 13.77
C VAL E 286 18.78 32.17 13.65
N ARG E 287 17.95 33.21 13.65
CA ARG E 287 18.40 34.59 13.54
C ARG E 287 19.45 34.95 14.60
N ASP E 288 19.14 34.66 15.87
CA ASP E 288 20.06 35.00 16.94
C ASP E 288 20.97 33.88 17.43
N ALA E 289 20.44 32.66 17.53
CA ALA E 289 21.20 31.55 18.07
C ALA E 289 22.01 30.59 17.20
N TRP E 290 21.81 30.61 15.88
CA TRP E 290 22.57 29.70 15.04
C TRP E 290 23.86 30.32 14.47
N ALA E 291 24.98 29.66 14.78
CA ALA E 291 26.30 30.08 14.30
C ALA E 291 26.50 31.59 14.30
N PRO E 292 26.26 32.24 15.45
CA PRO E 292 26.43 33.69 15.54
C PRO E 292 27.83 34.16 15.92
N ASP E 293 28.65 33.25 16.44
CA ASP E 293 29.99 33.63 16.91
C ASP E 293 31.20 32.99 16.21
N GLY E 294 31.10 32.74 14.92
CA GLY E 294 32.22 32.16 14.21
C GLY E 294 32.28 30.64 14.14
N ALA E 295 31.23 29.96 14.60
CA ALA E 295 31.20 28.50 14.55
C ALA E 295 29.74 28.04 14.54
N ASP E 296 29.52 26.81 14.08
CA ASP E 296 28.16 26.27 14.03
C ASP E 296 27.66 25.98 15.44
N GLY E 297 26.37 25.70 15.55
CA GLY E 297 25.77 25.39 16.84
C GLY E 297 24.77 26.44 17.28
N ILE E 298 23.90 26.06 18.23
CA ILE E 298 22.89 26.97 18.75
C ILE E 298 23.29 27.38 20.17
N VAL E 299 23.66 28.64 20.35
CA VAL E 299 24.08 29.14 21.67
C VAL E 299 22.96 28.92 22.69
N TYR E 300 23.32 28.94 23.97
CA TYR E 300 22.34 28.71 25.03
C TYR E 300 21.44 29.91 25.36
N THR E 301 22.05 31.06 25.63
CA THR E 301 21.27 32.24 25.95
C THR E 301 21.64 33.45 25.08
N VAL E 302 20.68 34.35 24.94
CA VAL E 302 20.83 35.53 24.12
C VAL E 302 20.24 36.71 24.90
N ASP E 303 20.82 37.90 24.74
CA ASP E 303 20.31 39.08 25.44
C ASP E 303 19.12 39.68 24.68
N TRP E 304 18.61 40.82 25.13
CA TRP E 304 17.46 41.41 24.45
C TRP E 304 17.83 42.09 23.14
N GLU E 305 19.12 41.98 22.78
CA GLU E 305 19.61 42.54 21.53
C GLU E 305 19.84 41.39 20.55
N GLY E 306 19.67 40.17 21.04
CA GLY E 306 19.90 39.01 20.20
C GLY E 306 21.35 38.57 20.31
N LYS E 307 22.13 39.39 21.00
CA LYS E 307 23.55 39.14 21.20
C LYS E 307 23.73 38.01 22.21
N PRO E 308 24.53 36.99 21.85
CA PRO E 308 24.81 35.83 22.71
C PRO E 308 25.39 36.16 24.07
N VAL E 309 25.05 35.35 25.07
CA VAL E 309 25.54 35.49 26.44
C VAL E 309 26.22 34.17 26.79
N VAL E 310 25.43 33.12 27.01
CA VAL E 310 26.00 31.82 27.30
C VAL E 310 26.18 31.14 25.94
N ARG E 311 27.43 31.08 25.48
CA ARG E 311 27.74 30.50 24.17
C ARG E 311 28.04 29.00 24.11
N GLU E 312 27.89 28.31 25.24
CA GLU E 312 28.10 26.86 25.25
C GLU E 312 26.99 26.20 24.44
N ARG E 313 27.35 25.16 23.69
CA ARG E 313 26.34 24.44 22.91
C ARG E 313 25.78 23.30 23.76
N VAL E 314 24.60 23.51 24.32
CA VAL E 314 23.95 22.47 25.12
C VAL E 314 23.20 21.59 24.11
N ARG E 315 23.07 20.31 24.42
CA ARG E 315 22.44 19.35 23.52
C ARG E 315 20.96 19.53 23.14
N TRP E 316 20.09 19.75 24.11
CA TRP E 316 18.66 19.84 23.81
C TRP E 316 18.17 20.97 22.91
N PRO E 317 18.80 22.16 22.94
CA PRO E 317 18.29 23.20 22.06
C PRO E 317 18.28 22.81 20.58
N ILE E 318 19.41 22.30 20.07
CA ILE E 318 19.47 21.92 18.68
C ILE E 318 18.60 20.67 18.43
N VAL E 319 18.51 19.81 19.43
CA VAL E 319 17.68 18.63 19.31
C VAL E 319 16.22 19.07 19.12
N GLU E 320 15.79 20.04 19.93
CA GLU E 320 14.44 20.55 19.84
C GLU E 320 14.24 21.29 18.51
N ALA E 321 15.24 22.05 18.10
CA ALA E 321 15.17 22.79 16.84
C ALA E 321 14.79 21.84 15.69
N MET E 322 15.36 20.64 15.68
CA MET E 322 15.08 19.68 14.63
C MET E 322 13.63 19.20 14.65
N GLY E 323 13.05 19.08 15.83
CA GLY E 323 11.66 18.64 15.91
C GLY E 323 10.74 19.72 15.38
N THR E 324 11.04 20.95 15.75
CA THR E 324 10.23 22.08 15.31
C THR E 324 10.34 22.26 13.80
N ALA E 325 11.56 22.11 13.27
CA ALA E 325 11.76 22.24 11.84
C ALA E 325 10.83 21.23 11.15
N TYR E 326 10.75 20.02 11.71
CA TYR E 326 9.88 18.99 11.16
C TYR E 326 8.39 19.37 11.29
N ALA E 327 8.02 19.98 12.41
CA ALA E 327 6.64 20.37 12.64
C ALA E 327 6.25 21.45 11.63
N LEU E 328 7.13 22.43 11.45
CA LEU E 328 6.88 23.52 10.52
C LEU E 328 6.82 23.03 9.07
N TYR E 329 7.65 22.07 8.74
CA TYR E 329 7.62 21.53 7.39
C TYR E 329 6.31 20.79 7.21
N THR E 330 5.94 20.02 8.23
CA THR E 330 4.72 19.23 8.16
C THR E 330 3.47 20.05 7.86
N VAL E 331 3.38 21.25 8.42
CA VAL E 331 2.21 22.06 8.15
C VAL E 331 2.39 23.05 6.99
N THR E 332 3.62 23.53 6.76
CA THR E 332 3.85 24.48 5.66
C THR E 332 4.31 23.83 4.35
N GLY E 333 5.00 22.71 4.43
CA GLY E 333 5.47 22.06 3.22
C GLY E 333 6.66 22.78 2.63
N ASP E 334 7.13 23.80 3.34
CA ASP E 334 8.27 24.60 2.91
C ASP E 334 9.57 23.82 3.13
N ARG E 335 10.21 23.42 2.03
CA ARG E 335 11.46 22.65 2.09
C ARG E 335 12.60 23.25 2.90
N GLN E 336 12.62 24.57 3.06
CA GLN E 336 13.69 25.19 3.83
C GLN E 336 13.73 24.63 5.25
N TYR E 337 12.57 24.27 5.79
CA TYR E 337 12.53 23.73 7.14
C TYR E 337 13.26 22.40 7.15
N GLU E 338 13.16 21.68 6.03
CA GLU E 338 13.85 20.40 5.93
C GLU E 338 15.34 20.67 5.80
N THR E 339 15.71 21.71 5.05
CA THR E 339 17.11 22.05 4.86
C THR E 339 17.78 22.30 6.22
N TRP E 340 17.10 23.06 7.08
CA TRP E 340 17.63 23.35 8.41
C TRP E 340 17.75 22.04 9.18
N TYR E 341 16.74 21.19 9.03
CA TYR E 341 16.70 19.89 9.69
C TYR E 341 17.99 19.13 9.35
N GLN E 342 18.35 19.14 8.08
CA GLN E 342 19.52 18.43 7.60
C GLN E 342 20.84 19.00 8.07
N THR E 343 20.98 20.33 8.06
CA THR E 343 22.23 20.91 8.51
C THR E 343 22.41 20.70 10.00
N TRP E 344 21.30 20.58 10.73
CA TRP E 344 21.39 20.34 12.16
C TRP E 344 21.75 18.88 12.45
N TRP E 345 21.28 17.95 11.61
CA TRP E 345 21.62 16.55 11.79
C TRP E 345 23.12 16.42 11.47
N GLU E 346 23.55 17.09 10.41
CA GLU E 346 24.96 17.04 10.03
C GLU E 346 25.81 17.47 11.21
N TYR E 347 25.37 18.51 11.90
CA TYR E 347 26.09 19.02 13.06
C TYR E 347 26.05 18.01 14.20
N CYS E 348 24.86 17.50 14.50
CA CYS E 348 24.71 16.54 15.60
C CYS E 348 25.60 15.31 15.52
N ILE E 349 25.60 14.61 14.38
CA ILE E 349 26.43 13.42 14.28
C ILE E 349 27.91 13.76 14.29
N LYS E 350 28.22 14.99 13.95
CA LYS E 350 29.62 15.41 13.92
C LYS E 350 30.17 15.82 15.29
N TYR E 351 29.36 16.48 16.10
CA TYR E 351 29.81 16.95 17.41
C TYR E 351 29.08 16.43 18.64
N LEU E 352 27.84 15.98 18.48
CA LEU E 352 27.09 15.53 19.64
C LEU E 352 26.97 14.02 19.88
N MET E 353 26.63 13.26 18.84
CA MET E 353 26.48 11.82 19.00
C MET E 353 27.74 11.15 19.53
N ASP E 354 27.57 10.27 20.52
CA ASP E 354 28.71 9.56 21.11
C ASP E 354 28.54 8.05 20.99
N TYR E 355 29.07 7.50 19.90
CA TYR E 355 28.98 6.06 19.65
C TYR E 355 29.91 5.27 20.55
N GLU E 356 31.04 5.86 20.92
CA GLU E 356 31.99 5.17 21.77
C GLU E 356 31.52 4.98 23.22
N ASN E 357 31.06 6.06 23.86
CA ASN E 357 30.62 5.94 25.25
C ASN E 357 29.12 5.88 25.41
N GLY E 358 28.37 6.04 24.32
CA GLY E 358 26.92 5.96 24.41
C GLY E 358 26.18 7.28 24.36
N SER E 359 24.95 7.23 23.84
CA SER E 359 24.08 8.39 23.72
C SER E 359 24.73 9.57 22.99
N TRP E 360 24.47 10.78 23.48
CA TRP E 360 25.00 12.01 22.91
C TRP E 360 25.67 12.82 24.02
N TRP E 361 26.64 13.65 23.68
CA TRP E 361 27.29 14.49 24.68
C TRP E 361 26.22 15.49 25.15
N GLN E 362 26.36 15.98 26.37
CA GLN E 362 25.41 16.94 26.92
C GLN E 362 25.70 18.39 26.59
N GLU E 363 26.99 18.76 26.60
CA GLU E 363 27.37 20.15 26.35
C GLU E 363 28.76 20.34 25.74
N LEU E 364 28.87 21.29 24.82
CA LEU E 364 30.12 21.62 24.15
C LEU E 364 30.42 23.09 24.38
N ASP E 365 31.66 23.51 24.19
CA ASP E 365 31.98 24.92 24.36
C ASP E 365 31.62 25.69 23.09
N ALA E 366 32.01 26.96 23.04
CA ALA E 366 31.72 27.80 21.90
C ALA E 366 32.38 27.30 20.60
N ASP E 367 33.40 26.45 20.74
CA ASP E 367 34.09 25.89 19.57
C ASP E 367 33.66 24.45 19.29
N ASN E 368 32.54 24.05 19.86
CA ASN E 368 31.98 22.71 19.68
C ASN E 368 32.86 21.56 20.16
N LYS E 369 33.65 21.79 21.21
CA LYS E 369 34.50 20.75 21.78
C LYS E 369 33.80 20.24 23.03
N VAL E 370 33.92 18.93 23.29
CA VAL E 370 33.29 18.31 24.46
C VAL E 370 33.71 18.92 25.79
N THR E 371 32.73 19.10 26.68
CA THR E 371 32.96 19.67 28.01
C THR E 371 32.50 18.69 29.11
N THR E 372 33.10 18.82 30.29
CA THR E 372 32.75 17.95 31.42
C THR E 372 32.71 18.76 32.72
N GLY E 377 26.42 14.64 33.34
CA GLY E 377 26.79 13.62 32.37
C GLY E 377 25.84 13.53 31.19
N LYS E 378 25.02 12.47 31.15
CA LYS E 378 24.06 12.27 30.07
C LYS E 378 22.78 11.75 30.70
N GLN E 379 22.29 12.47 31.70
CA GLN E 379 21.10 12.13 32.47
C GLN E 379 19.75 12.23 31.76
N ASP E 380 19.74 12.53 30.48
CA ASP E 380 18.47 12.64 29.77
C ASP E 380 18.47 12.05 28.37
N ILE E 381 17.37 11.42 27.99
CA ILE E 381 17.21 10.87 26.64
C ILE E 381 15.83 11.34 26.15
N TYR E 382 15.09 11.97 27.05
CA TYR E 382 13.74 12.48 26.76
C TYR E 382 13.68 13.42 25.55
N HIS E 383 14.52 14.45 25.50
CA HIS E 383 14.55 15.39 24.37
C HIS E 383 14.79 14.67 23.04
N LEU E 384 15.71 13.71 23.06
CA LEU E 384 16.07 12.96 21.86
C LEU E 384 14.90 12.43 21.05
N LEU E 385 13.83 12.00 21.71
CA LEU E 385 12.68 11.46 20.99
C LEU E 385 12.01 12.53 20.10
N HIS E 386 12.29 13.80 20.39
CA HIS E 386 11.69 14.87 19.60
C HIS E 386 12.31 14.99 18.22
N CYS E 387 13.51 14.47 18.06
CA CYS E 387 14.18 14.50 16.75
C CYS E 387 14.33 13.08 16.19
N LEU E 388 13.82 12.09 16.93
CA LEU E 388 13.92 10.69 16.51
C LEU E 388 12.55 10.06 16.24
N VAL E 389 11.57 10.35 17.08
CA VAL E 389 10.24 9.79 16.92
C VAL E 389 9.27 10.79 16.28
N ILE E 390 9.32 12.04 16.75
CA ILE E 390 8.45 13.09 16.24
C ILE E 390 8.42 13.13 14.71
N PRO E 391 9.58 13.18 14.05
CA PRO E 391 9.55 13.24 12.59
C PRO E 391 9.05 11.98 11.85
N ARG E 392 8.54 11.01 12.61
CA ARG E 392 8.00 9.78 12.02
C ARG E 392 6.49 9.64 12.17
N ILE E 393 5.86 10.63 12.82
CA ILE E 393 4.42 10.62 13.08
C ILE E 393 3.75 11.97 12.82
N PRO E 394 2.41 11.99 12.70
CA PRO E 394 1.75 13.27 12.47
C PRO E 394 1.78 14.12 13.75
N LEU E 395 1.41 15.39 13.64
CA LEU E 395 1.43 16.28 14.79
C LEU E 395 0.25 16.06 15.75
N ALA E 396 -0.72 15.29 15.30
CA ALA E 396 -1.89 14.98 16.10
C ALA E 396 -2.31 13.54 15.85
N PRO E 397 -2.61 12.78 16.93
CA PRO E 397 -2.54 13.26 18.32
C PRO E 397 -1.08 13.37 18.74
N GLY E 398 -0.83 13.51 20.04
CA GLY E 398 0.52 13.62 20.55
C GLY E 398 1.38 12.39 20.32
N MET E 399 2.68 12.51 20.58
CA MET E 399 3.64 11.41 20.36
C MET E 399 3.23 10.02 20.87
N ALA E 400 3.23 9.82 22.19
CA ALA E 400 2.84 8.53 22.75
C ALA E 400 1.50 8.07 22.17
N PRO E 401 0.47 8.92 22.24
CA PRO E 401 -0.83 8.51 21.69
C PRO E 401 -0.74 8.17 20.19
N ALA E 402 0.12 8.88 19.46
CA ALA E 402 0.26 8.63 18.03
C ALA E 402 0.91 7.27 17.75
N VAL E 403 2.00 6.97 18.46
CA VAL E 403 2.69 5.69 18.27
C VAL E 403 1.77 4.57 18.74
N ALA E 404 1.07 4.79 19.86
CA ALA E 404 0.14 3.79 20.38
C ALA E 404 -0.96 3.48 19.37
N ALA E 405 -1.42 4.51 18.65
CA ALA E 405 -2.47 4.31 17.66
C ALA E 405 -1.89 3.72 16.37
N GLY E 406 -0.59 3.43 16.38
CA GLY E 406 0.05 2.85 15.21
C GLY E 406 0.28 3.77 14.03
N LEU E 407 0.47 5.07 14.28
CA LEU E 407 0.68 6.03 13.21
C LEU E 407 2.13 6.15 12.76
N LEU E 408 3.02 5.38 13.37
CA LEU E 408 4.44 5.42 13.03
C LEU E 408 4.64 5.20 11.52
N ASP E 409 5.32 6.15 10.88
CA ASP E 409 5.61 6.11 9.44
C ASP E 409 4.39 6.14 8.54
N ILE E 410 3.22 6.43 9.11
CA ILE E 410 2.00 6.46 8.31
C ILE E 410 2.17 7.29 7.05
N ASN E 411 2.91 8.40 7.14
CA ASN E 411 3.13 9.27 5.98
C ASN E 411 4.42 9.00 5.20
N ALA E 412 5.29 8.15 5.74
CA ALA E 412 6.54 7.85 5.09
C ALA E 412 6.34 6.87 3.94
N LYS E 413 7.33 6.80 3.06
CA LYS E 413 7.23 5.95 1.91
C LYS E 413 8.63 5.62 1.37
N MET F 1 13.49 -20.26 -4.56
CA MET F 1 13.95 -19.27 -3.54
C MET F 1 13.93 -17.88 -4.15
N LYS F 2 13.10 -17.00 -3.60
CA LYS F 2 12.97 -15.63 -4.10
C LYS F 2 13.57 -14.61 -3.16
N TRP F 3 14.47 -13.78 -3.69
CA TRP F 3 15.14 -12.73 -2.92
C TRP F 3 14.82 -11.36 -3.51
N PHE F 4 14.96 -11.25 -4.83
CA PHE F 4 14.67 -10.00 -5.52
C PHE F 4 13.30 -9.47 -5.16
N ASN F 5 13.20 -8.16 -4.99
CA ASN F 5 11.95 -7.50 -4.69
C ASN F 5 11.23 -7.95 -3.42
N THR F 6 11.99 -8.50 -2.48
CA THR F 6 11.42 -8.91 -1.20
C THR F 6 12.03 -7.99 -0.15
N LEU F 7 11.18 -7.34 0.64
CA LEU F 7 11.67 -6.42 1.66
C LEU F 7 12.62 -7.06 2.65
N SER F 8 12.45 -8.35 2.90
CA SER F 8 13.32 -9.04 3.86
C SER F 8 14.77 -9.09 3.37
N HIS F 9 14.95 -9.35 2.07
CA HIS F 9 16.28 -9.41 1.48
C HIS F 9 16.85 -8.00 1.38
N ASN F 10 16.00 -7.07 0.97
CA ASN F 10 16.42 -5.69 0.82
C ASN F 10 16.79 -5.05 2.14
N ARG F 11 16.24 -5.56 3.24
CA ARG F 11 16.58 -5.02 4.54
C ARG F 11 18.00 -5.50 4.85
N TRP F 12 18.31 -6.70 4.38
CA TRP F 12 19.63 -7.27 4.59
C TRP F 12 20.66 -6.49 3.79
N LEU F 13 20.31 -6.13 2.55
CA LEU F 13 21.20 -5.37 1.69
C LEU F 13 21.47 -4.00 2.28
N GLU F 14 20.45 -3.36 2.84
CA GLU F 14 20.65 -2.04 3.43
C GLU F 14 21.55 -2.12 4.66
N GLN F 15 21.35 -3.14 5.49
CA GLN F 15 22.17 -3.28 6.68
C GLN F 15 23.62 -3.45 6.28
N GLU F 16 23.86 -4.19 5.20
CA GLU F 16 25.22 -4.40 4.72
C GLU F 16 25.75 -3.08 4.12
N THR F 17 24.87 -2.34 3.47
CA THR F 17 25.24 -1.06 2.87
C THR F 17 25.75 -0.08 3.93
N ASP F 18 25.09 -0.04 5.09
CA ASP F 18 25.51 0.86 6.16
C ASP F 18 26.89 0.49 6.70
N ARG F 19 27.14 -0.81 6.84
CA ARG F 19 28.43 -1.28 7.34
C ARG F 19 29.51 -0.81 6.36
N ILE F 20 29.14 -0.71 5.09
CA ILE F 20 30.06 -0.27 4.05
C ILE F 20 30.27 1.26 4.09
N PHE F 21 29.20 2.03 4.27
CA PHE F 21 29.33 3.48 4.35
C PHE F 21 30.26 3.77 5.53
N ASP F 22 30.03 3.08 6.63
CA ASP F 22 30.85 3.27 7.83
C ASP F 22 32.32 3.07 7.49
N PHE F 23 32.63 1.95 6.85
CA PHE F 23 34.01 1.63 6.50
C PHE F 23 34.74 2.72 5.73
N GLY F 24 34.07 3.32 4.74
CA GLY F 24 34.71 4.36 3.95
C GLY F 24 34.89 5.72 4.60
N LYS F 25 34.20 5.96 5.71
CA LYS F 25 34.30 7.25 6.40
C LYS F 25 35.73 7.64 6.84
N ASN F 26 36.59 6.65 6.99
CA ASN F 26 37.97 6.92 7.39
C ASN F 26 38.84 7.45 6.26
N SER F 27 38.44 7.20 5.02
CA SER F 27 39.22 7.66 3.87
C SER F 27 39.40 9.17 3.82
N VAL F 28 38.57 9.90 4.57
CA VAL F 28 38.67 11.36 4.58
C VAL F 28 40.06 11.89 4.88
N VAL F 29 40.56 12.77 4.01
CA VAL F 29 41.86 13.39 4.19
C VAL F 29 41.76 14.83 3.69
N PRO F 30 42.67 15.70 4.16
CA PRO F 30 42.66 17.10 3.75
C PRO F 30 42.41 17.36 2.28
N THR F 31 43.11 16.65 1.40
CA THR F 31 42.97 16.83 -0.05
C THR F 31 41.90 16.01 -0.76
N GLY F 32 41.20 15.16 -0.03
CA GLY F 32 40.17 14.35 -0.64
C GLY F 32 39.92 13.08 0.15
N PHE F 33 39.95 11.94 -0.54
CA PHE F 33 39.75 10.65 0.09
C PHE F 33 40.99 9.77 -0.05
N GLY F 34 41.43 9.20 1.07
CA GLY F 34 42.61 8.35 1.06
C GLY F 34 42.38 6.93 0.62
N TRP F 35 43.44 6.13 0.71
CA TRP F 35 43.45 4.71 0.31
C TRP F 35 43.38 3.82 1.56
N LEU F 36 42.23 3.22 1.82
CA LEU F 36 42.03 2.36 2.99
C LEU F 36 42.65 0.96 2.92
N GLY F 37 43.32 0.56 4.01
CA GLY F 37 43.98 -0.73 4.08
C GLY F 37 43.06 -1.86 4.50
N ASN F 38 43.64 -3.00 4.87
CA ASN F 38 42.84 -4.17 5.27
C ASN F 38 42.10 -4.03 6.58
N LYS F 39 42.43 -3.02 7.36
CA LYS F 39 41.76 -2.80 8.63
C LYS F 39 41.01 -1.48 8.63
N GLY F 40 40.81 -0.91 7.44
CA GLY F 40 40.10 0.34 7.36
C GLY F 40 40.91 1.57 7.76
N GLN F 41 42.23 1.40 7.85
CA GLN F 41 43.11 2.50 8.21
C GLN F 41 43.67 3.09 6.92
N ILE F 42 43.98 4.38 6.91
CA ILE F 42 44.52 5.01 5.72
C ILE F 42 45.98 4.64 5.46
N LYS F 43 46.27 4.28 4.21
CA LYS F 43 47.63 3.95 3.79
C LYS F 43 48.12 5.23 3.12
N GLU F 44 48.69 6.12 3.93
CA GLU F 44 49.18 7.40 3.45
C GLU F 44 50.22 7.41 2.34
N GLU F 45 50.98 6.33 2.18
CA GLU F 45 51.99 6.29 1.13
C GLU F 45 51.33 6.29 -0.24
N MET F 46 50.05 5.93 -0.27
CA MET F 46 49.27 5.87 -1.51
C MET F 46 48.75 7.25 -1.91
N GLY F 47 48.73 8.18 -0.97
CA GLY F 47 48.27 9.51 -1.28
C GLY F 47 46.79 9.63 -1.63
N THR F 48 46.44 10.74 -2.29
CA THR F 48 45.07 11.03 -2.66
C THR F 48 44.83 10.86 -4.17
N HIS F 49 44.23 9.74 -4.55
CA HIS F 49 43.96 9.50 -5.96
C HIS F 49 42.67 10.16 -6.45
N LEU F 50 42.69 10.61 -7.69
CA LEU F 50 41.52 11.25 -8.29
C LEU F 50 40.36 10.28 -8.40
N TRP F 51 40.64 9.05 -8.84
CA TRP F 51 39.58 8.07 -9.01
C TRP F 51 38.90 7.69 -7.71
N ILE F 52 39.70 7.51 -6.66
CA ILE F 52 39.15 7.17 -5.36
C ILE F 52 38.34 8.35 -4.82
N THR F 53 38.87 9.57 -4.94
CA THR F 53 38.18 10.76 -4.45
C THR F 53 36.84 10.92 -5.19
N ALA F 54 36.88 10.73 -6.50
CA ALA F 54 35.68 10.87 -7.32
C ALA F 54 34.64 9.81 -6.91
N ARG F 55 35.10 8.58 -6.70
CA ARG F 55 34.18 7.50 -6.32
C ARG F 55 33.51 7.75 -4.98
N MET F 56 34.29 8.16 -3.98
CA MET F 56 33.72 8.42 -2.66
C MET F 56 32.64 9.51 -2.74
N LEU F 57 32.89 10.54 -3.55
CA LEU F 57 31.91 11.62 -3.71
C LEU F 57 30.60 11.01 -4.23
N HIS F 58 30.74 10.05 -5.14
CA HIS F 58 29.60 9.37 -5.72
C HIS F 58 28.87 8.52 -4.68
N VAL F 59 29.64 7.71 -3.96
CA VAL F 59 29.08 6.83 -2.94
C VAL F 59 28.28 7.59 -1.88
N TYR F 60 28.86 8.65 -1.33
CA TYR F 60 28.18 9.42 -0.30
C TYR F 60 27.05 10.31 -0.76
N SER F 61 26.89 10.46 -2.08
CA SER F 61 25.79 11.24 -2.61
C SER F 61 24.58 10.31 -2.49
N VAL F 62 24.82 9.02 -2.65
CA VAL F 62 23.77 8.00 -2.54
C VAL F 62 23.41 7.83 -1.06
N ALA F 63 24.41 7.83 -0.20
CA ALA F 63 24.19 7.69 1.24
C ALA F 63 23.35 8.86 1.77
N ALA F 64 23.63 10.05 1.27
CA ALA F 64 22.90 11.24 1.67
C ALA F 64 21.44 11.09 1.23
N ALA F 65 21.23 10.56 0.03
CA ALA F 65 19.88 10.35 -0.48
C ALA F 65 19.14 9.31 0.35
N MET F 66 19.89 8.44 1.02
CA MET F 66 19.29 7.40 1.85
C MET F 66 19.03 7.91 3.27
N GLY F 67 19.32 9.19 3.49
CA GLY F 67 19.06 9.82 4.78
C GLY F 67 19.98 9.52 5.94
N ARG F 68 21.26 9.26 5.63
CA ARG F 68 22.26 8.98 6.66
C ARG F 68 22.99 10.25 7.06
N PRO F 69 22.76 10.75 8.29
CA PRO F 69 23.44 11.96 8.74
C PRO F 69 24.95 11.80 8.60
N GLY F 70 25.60 12.80 8.00
CA GLY F 70 27.03 12.75 7.82
C GLY F 70 27.45 12.56 6.38
N ALA F 71 26.64 11.82 5.62
CA ALA F 71 26.94 11.56 4.21
C ALA F 71 27.06 12.86 3.45
N TYR F 72 26.11 13.76 3.68
CA TYR F 72 26.12 15.05 3.01
C TYR F 72 27.45 15.75 3.25
N SER F 73 27.93 15.71 4.49
CA SER F 73 29.20 16.34 4.82
C SER F 73 30.35 15.77 3.98
N LEU F 74 30.37 14.44 3.81
CA LEU F 74 31.43 13.84 3.00
C LEU F 74 31.26 14.32 1.57
N VAL F 75 30.01 14.46 1.13
CA VAL F 75 29.73 14.96 -0.21
C VAL F 75 30.33 16.36 -0.28
N ASP F 76 30.09 17.14 0.77
CA ASP F 76 30.62 18.50 0.82
C ASP F 76 32.14 18.44 0.77
N HIS F 77 32.73 17.53 1.53
CA HIS F 77 34.17 17.42 1.52
C HIS F 77 34.68 17.05 0.13
N GLY F 78 33.98 16.14 -0.53
CA GLY F 78 34.38 15.75 -1.86
C GLY F 78 34.38 16.93 -2.83
N ILE F 79 33.26 17.64 -2.90
CA ILE F 79 33.14 18.78 -3.80
C ILE F 79 34.26 19.78 -3.57
N LYS F 80 34.57 20.05 -2.31
CA LYS F 80 35.63 20.99 -2.00
C LYS F 80 36.99 20.45 -2.44
N ALA F 81 37.15 19.14 -2.32
CA ALA F 81 38.41 18.51 -2.71
C ALA F 81 38.57 18.57 -4.23
N MET F 82 37.47 18.46 -4.95
CA MET F 82 37.51 18.52 -6.41
C MET F 82 37.74 19.97 -6.86
N ASN F 83 37.73 20.88 -5.90
CA ASN F 83 37.95 22.30 -6.15
C ASN F 83 39.26 22.75 -5.54
N GLY F 84 40.01 21.82 -4.96
CA GLY F 84 41.28 22.17 -4.33
C GLY F 84 42.55 21.71 -5.02
N ALA F 85 43.48 21.19 -4.23
CA ALA F 85 44.76 20.72 -4.73
C ALA F 85 44.67 19.72 -5.89
N LEU F 86 43.62 18.90 -5.89
CA LEU F 86 43.44 17.93 -6.96
C LEU F 86 43.22 18.62 -8.32
N ARG F 87 42.54 19.77 -8.31
CA ARG F 87 42.29 20.47 -9.56
C ARG F 87 43.53 21.21 -10.07
N ASP F 88 43.79 21.10 -11.36
CA ASP F 88 44.93 21.76 -11.97
C ASP F 88 44.46 23.13 -12.45
N LYS F 89 44.58 24.12 -11.57
CA LYS F 89 44.15 25.48 -11.86
C LYS F 89 44.88 26.12 -13.03
N LYS F 90 45.93 25.48 -13.53
CA LYS F 90 46.68 26.05 -14.65
C LYS F 90 46.26 25.51 -16.02
N TYR F 91 46.34 24.19 -16.20
CA TYR F 91 46.00 23.58 -17.48
C TYR F 91 44.56 23.04 -17.52
N GLY F 92 44.01 22.73 -16.35
CA GLY F 92 42.64 22.22 -16.30
C GLY F 92 42.53 20.75 -15.93
N GLY F 93 41.35 20.35 -15.48
CA GLY F 93 41.13 18.97 -15.11
C GLY F 93 41.68 18.68 -13.72
N TRP F 94 42.05 17.42 -13.48
CA TRP F 94 42.58 17.04 -12.19
C TRP F 94 43.81 16.13 -12.28
N TYR F 95 44.73 16.28 -11.34
CA TYR F 95 45.93 15.46 -11.29
C TYR F 95 45.48 14.05 -10.91
N ALA F 96 46.18 13.05 -11.41
CA ALA F 96 45.84 11.67 -11.12
C ALA F 96 46.03 11.35 -9.63
N CYS F 97 47.02 12.00 -9.01
CA CYS F 97 47.29 11.76 -7.60
C CYS F 97 48.07 12.89 -6.94
N VAL F 98 47.75 13.15 -5.68
CA VAL F 98 48.41 14.20 -4.91
C VAL F 98 48.48 13.81 -3.43
N ASN F 99 49.11 14.65 -2.63
CA ASN F 99 49.23 14.44 -1.19
C ASN F 99 49.49 15.77 -0.50
N ASP F 100 50.10 15.73 0.69
CA ASP F 100 50.38 16.97 1.41
C ASP F 100 51.51 17.79 0.80
N GLU F 101 52.57 17.13 0.37
CA GLU F 101 53.70 17.82 -0.24
C GLU F 101 53.36 18.43 -1.59
N GLY F 102 52.44 17.81 -2.31
CA GLY F 102 52.07 18.35 -3.61
C GLY F 102 51.54 17.30 -4.58
N VAL F 103 51.85 17.46 -5.86
CA VAL F 103 51.40 16.53 -6.89
C VAL F 103 52.27 15.28 -6.95
N VAL F 104 51.62 14.13 -6.87
CA VAL F 104 52.31 12.85 -6.93
C VAL F 104 52.38 12.35 -8.37
N ASP F 105 51.28 12.53 -9.09
CA ASP F 105 51.15 12.12 -10.49
C ASP F 105 50.37 13.22 -11.18
N ALA F 106 50.99 13.89 -12.14
CA ALA F 106 50.34 14.99 -12.85
C ALA F 106 49.65 14.61 -14.16
N SER F 107 49.64 13.32 -14.50
CA SER F 107 49.00 12.92 -15.74
C SER F 107 47.47 13.12 -15.69
N LYS F 108 46.88 13.32 -16.85
CA LYS F 108 45.44 13.52 -16.97
C LYS F 108 44.81 12.28 -17.62
N GLN F 109 44.30 11.38 -16.79
CA GLN F 109 43.70 10.14 -17.27
C GLN F 109 42.19 10.17 -17.49
N GLY F 110 41.78 9.77 -18.68
CA GLY F 110 40.37 9.78 -19.01
C GLY F 110 39.43 9.04 -18.05
N TYR F 111 39.73 7.77 -17.78
CA TYR F 111 38.87 7.00 -16.91
C TYR F 111 38.67 7.71 -15.57
N GLN F 112 39.72 8.35 -15.05
CA GLN F 112 39.58 9.04 -13.78
C GLN F 112 38.77 10.33 -13.92
N HIS F 113 38.88 10.98 -15.07
CA HIS F 113 38.11 12.19 -15.29
C HIS F 113 36.65 11.83 -15.46
N PHE F 114 36.37 10.66 -16.03
CA PHE F 114 34.99 10.23 -16.20
C PHE F 114 34.37 9.88 -14.85
N PHE F 115 35.21 9.42 -13.92
CA PHE F 115 34.70 9.13 -12.60
C PHE F 115 34.40 10.48 -11.94
N ALA F 116 35.21 11.48 -12.29
CA ALA F 116 35.00 12.82 -11.76
C ALA F 116 33.63 13.30 -12.25
N LEU F 117 33.30 12.97 -13.49
CA LEU F 117 32.03 13.36 -14.07
C LEU F 117 30.92 12.64 -13.35
N LEU F 118 31.13 11.37 -13.02
CA LEU F 118 30.11 10.60 -12.32
C LEU F 118 29.88 11.19 -10.94
N GLY F 119 30.98 11.43 -10.24
CA GLY F 119 30.91 12.00 -8.90
C GLY F 119 30.15 13.31 -8.87
N ALA F 120 30.42 14.18 -9.84
CA ALA F 120 29.75 15.47 -9.92
C ALA F 120 28.27 15.30 -10.22
N ALA F 121 27.95 14.44 -11.18
CA ALA F 121 26.56 14.20 -11.57
C ALA F 121 25.76 13.62 -10.39
N SER F 122 26.41 12.78 -9.60
CA SER F 122 25.73 12.19 -8.45
C SER F 122 25.60 13.20 -7.31
N ALA F 123 26.55 14.12 -7.21
CA ALA F 123 26.52 15.14 -6.17
C ALA F 123 25.34 16.07 -6.44
N VAL F 124 25.06 16.31 -7.72
CA VAL F 124 23.96 17.16 -8.10
C VAL F 124 22.63 16.68 -7.52
N THR F 125 22.45 15.38 -7.38
CA THR F 125 21.20 14.86 -6.85
C THR F 125 21.01 15.14 -5.35
N THR F 126 22.07 15.56 -4.67
CA THR F 126 21.98 15.87 -3.23
C THR F 126 21.46 17.29 -3.08
N GLY F 127 21.56 18.07 -4.15
CA GLY F 127 21.10 19.45 -4.11
C GLY F 127 22.16 20.40 -3.57
N HIS F 128 23.33 19.88 -3.22
CA HIS F 128 24.44 20.70 -2.71
C HIS F 128 24.58 21.91 -3.61
N PRO F 129 24.68 23.11 -3.02
CA PRO F 129 24.81 24.35 -3.80
C PRO F 129 25.98 24.48 -4.78
N GLU F 130 27.03 23.68 -4.58
CA GLU F 130 28.20 23.76 -5.46
C GLU F 130 28.28 22.61 -6.46
N ALA F 131 27.35 21.66 -6.37
CA ALA F 131 27.36 20.50 -7.26
C ALA F 131 27.16 20.83 -8.74
N ARG F 132 26.14 21.62 -9.05
CA ARG F 132 25.88 21.99 -10.43
C ARG F 132 27.11 22.68 -11.02
N LYS F 133 27.71 23.57 -10.24
CA LYS F 133 28.90 24.31 -10.65
C LYS F 133 30.04 23.37 -11.00
N LEU F 134 30.19 22.31 -10.20
CA LEU F 134 31.25 21.32 -10.42
C LEU F 134 30.97 20.46 -11.64
N LEU F 135 29.68 20.20 -11.90
CA LEU F 135 29.30 19.40 -13.05
C LEU F 135 29.58 20.17 -14.34
N ASP F 136 29.13 21.42 -14.38
CA ASP F 136 29.34 22.25 -15.56
C ASP F 136 30.82 22.32 -15.92
N TYR F 137 31.65 22.44 -14.90
CA TYR F 137 33.09 22.52 -15.10
C TYR F 137 33.62 21.20 -15.66
N THR F 138 33.25 20.10 -15.03
CA THR F 138 33.70 18.77 -15.47
C THR F 138 33.30 18.54 -16.92
N ILE F 139 32.10 18.98 -17.29
CA ILE F 139 31.61 18.85 -18.66
C ILE F 139 32.53 19.61 -19.63
N GLU F 140 32.93 20.84 -19.27
CA GLU F 140 33.81 21.64 -20.12
C GLU F 140 35.10 20.86 -20.36
N ILE F 141 35.69 20.36 -19.28
CA ILE F 141 36.93 19.60 -19.36
C ILE F 141 36.75 18.36 -20.22
N ILE F 142 35.68 17.61 -19.95
CA ILE F 142 35.41 16.40 -20.70
C ILE F 142 35.22 16.69 -22.19
N GLU F 143 34.34 17.62 -22.51
CA GLU F 143 34.08 17.93 -23.91
C GLU F 143 35.28 18.55 -24.61
N LYS F 144 36.23 19.02 -23.84
CA LYS F 144 37.40 19.64 -24.42
C LYS F 144 38.56 18.68 -24.68
N TYR F 145 38.84 17.78 -23.74
CA TYR F 145 39.97 16.88 -23.91
C TYR F 145 39.72 15.37 -23.85
N PHE F 146 38.52 14.94 -23.46
CA PHE F 146 38.29 13.52 -23.34
C PHE F 146 37.24 12.90 -24.25
N TRP F 147 36.30 13.70 -24.73
CA TRP F 147 35.31 13.20 -25.67
C TRP F 147 35.78 13.73 -27.03
N SER F 148 36.27 12.83 -27.88
CA SER F 148 36.77 13.25 -29.19
C SER F 148 35.69 13.56 -30.21
N GLU F 149 35.81 14.72 -30.83
CA GLU F 149 34.86 15.18 -31.84
C GLU F 149 34.85 14.31 -33.09
N GLU F 150 36.02 14.20 -33.71
CA GLU F 150 36.15 13.42 -34.93
C GLU F 150 35.98 11.93 -34.70
N GLU F 151 36.36 11.45 -33.53
CA GLU F 151 36.25 10.04 -33.21
C GLU F 151 34.87 9.65 -32.68
N GLN F 152 34.22 10.57 -31.97
CA GLN F 152 32.93 10.31 -31.35
C GLN F 152 33.12 9.09 -30.46
N MET F 153 34.21 9.13 -29.69
CA MET F 153 34.62 8.11 -28.73
C MET F 153 35.46 8.87 -27.70
N CYS F 154 35.90 8.20 -26.64
CA CYS F 154 36.68 8.88 -25.60
C CYS F 154 38.18 8.65 -25.69
N LEU F 155 38.95 9.66 -25.32
CA LEU F 155 40.41 9.54 -25.34
C LEU F 155 40.87 8.82 -24.08
N GLU F 156 42.14 8.43 -24.05
CA GLU F 156 42.70 7.68 -22.92
C GLU F 156 43.40 8.51 -21.85
N SER F 157 44.32 9.37 -22.27
CA SER F 157 45.05 10.20 -21.33
C SER F 157 45.85 11.25 -22.05
N TRP F 158 46.32 12.22 -21.28
CA TRP F 158 47.12 13.32 -21.78
C TRP F 158 48.21 13.62 -20.76
N ASP F 159 49.24 14.32 -21.20
CA ASP F 159 50.30 14.71 -20.29
C ASP F 159 49.67 15.83 -19.47
N GLU F 160 50.34 16.25 -18.41
CA GLU F 160 49.84 17.30 -17.54
C GLU F 160 49.29 18.55 -18.23
N ALA F 161 50.03 19.09 -19.21
CA ALA F 161 49.62 20.30 -19.91
C ALA F 161 48.72 20.10 -21.13
N PHE F 162 48.20 18.89 -21.31
CA PHE F 162 47.32 18.62 -22.44
C PHE F 162 47.99 19.01 -23.76
N SER F 163 49.25 18.62 -23.93
CA SER F 163 49.94 18.95 -25.17
C SER F 163 49.89 17.74 -26.10
N LYS F 164 49.91 16.54 -25.52
CA LYS F 164 49.85 15.31 -26.31
C LYS F 164 48.99 14.22 -25.67
N THR F 165 48.07 13.66 -26.46
CA THR F 165 47.19 12.60 -25.97
C THR F 165 47.84 11.26 -26.29
N GLU F 166 47.68 10.28 -25.40
CA GLU F 166 48.26 8.95 -25.61
C GLU F 166 47.69 8.28 -26.87
N GLU F 167 48.58 7.66 -27.63
CA GLU F 167 48.18 6.98 -28.86
C GLU F 167 47.69 5.58 -28.56
N TYR F 168 46.60 5.52 -27.80
CA TYR F 168 45.97 4.27 -27.39
C TYR F 168 44.52 4.60 -27.07
N ARG F 169 43.65 3.62 -27.21
CA ARG F 169 42.23 3.80 -26.90
C ARG F 169 41.85 2.53 -26.12
N GLY F 170 41.23 2.73 -24.95
CA GLY F 170 40.85 1.59 -24.13
C GLY F 170 39.36 1.52 -23.80
N GLY F 171 38.88 0.30 -23.65
CA GLY F 171 37.47 0.10 -23.34
C GLY F 171 37.07 0.61 -21.97
N ASN F 172 37.94 0.43 -20.98
CA ASN F 172 37.63 0.84 -19.62
C ASN F 172 37.32 2.33 -19.47
N ALA F 173 38.14 3.19 -20.06
CA ALA F 173 37.88 4.61 -19.96
C ALA F 173 36.52 4.87 -20.62
N ASN F 174 36.28 4.24 -21.77
CA ASN F 174 35.02 4.43 -22.46
C ASN F 174 33.84 3.82 -21.71
N MET F 175 34.08 2.77 -20.93
CA MET F 175 32.99 2.17 -20.20
C MET F 175 32.50 3.09 -19.08
N HIS F 176 33.43 3.73 -18.39
CA HIS F 176 33.06 4.63 -17.31
C HIS F 176 32.52 5.95 -17.83
N ALA F 177 32.83 6.24 -19.10
CA ALA F 177 32.30 7.43 -19.71
C ALA F 177 30.81 7.12 -19.86
N VAL F 178 30.49 5.91 -20.33
CA VAL F 178 29.10 5.49 -20.51
C VAL F 178 28.39 5.59 -19.16
N GLU F 179 29.02 5.00 -18.15
CA GLU F 179 28.48 5.01 -16.80
C GLU F 179 28.17 6.45 -16.39
N ALA F 180 29.16 7.33 -16.53
CA ALA F 180 29.01 8.74 -16.17
C ALA F 180 27.98 9.47 -17.01
N PHE F 181 27.97 9.20 -18.31
CA PHE F 181 27.03 9.85 -19.22
C PHE F 181 25.57 9.57 -18.81
N LEU F 182 25.29 8.36 -18.33
CA LEU F 182 23.94 8.01 -17.94
C LEU F 182 23.39 8.93 -16.86
N ILE F 183 24.19 9.17 -15.83
CA ILE F 183 23.79 10.04 -14.73
C ILE F 183 23.72 11.50 -15.17
N VAL F 184 24.67 11.94 -16.00
CA VAL F 184 24.66 13.31 -16.50
C VAL F 184 23.36 13.50 -17.28
N TYR F 185 22.95 12.45 -17.99
CA TYR F 185 21.72 12.47 -18.76
C TYR F 185 20.53 12.62 -17.82
N ASP F 186 20.56 11.87 -16.72
CA ASP F 186 19.48 11.91 -15.74
C ASP F 186 19.30 13.30 -15.12
N VAL F 187 20.40 14.01 -14.88
CA VAL F 187 20.30 15.34 -14.28
C VAL F 187 20.34 16.52 -15.24
N THR F 188 20.09 16.29 -16.52
CA THR F 188 20.08 17.39 -17.49
C THR F 188 19.02 17.14 -18.56
N HIS F 189 18.64 15.88 -18.72
CA HIS F 189 17.68 15.46 -19.73
C HIS F 189 18.00 16.12 -21.06
N ASP F 190 19.28 15.98 -21.41
CA ASP F 190 19.85 16.47 -22.66
C ASP F 190 20.29 15.18 -23.34
N LYS F 191 19.45 14.67 -24.24
CA LYS F 191 19.73 13.41 -24.94
C LYS F 191 21.17 13.20 -25.42
N LYS F 192 21.89 14.30 -25.65
CA LYS F 192 23.27 14.21 -26.12
C LYS F 192 24.10 13.20 -25.34
N TRP F 193 23.97 13.24 -24.02
CA TRP F 193 24.73 12.33 -23.16
C TRP F 193 24.28 10.87 -23.29
N LEU F 194 23.01 10.65 -23.62
CA LEU F 194 22.53 9.28 -23.79
C LEU F 194 22.94 8.82 -25.17
N ASP F 195 23.01 9.78 -26.11
CA ASP F 195 23.41 9.48 -27.47
C ASP F 195 24.86 9.05 -27.50
N ARG F 196 25.68 9.75 -26.73
CA ARG F 196 27.09 9.41 -26.66
C ARG F 196 27.28 8.04 -26.02
N ALA F 197 26.55 7.79 -24.94
CA ALA F 197 26.62 6.50 -24.24
C ALA F 197 26.32 5.31 -25.15
N ILE F 198 25.19 5.37 -25.85
CA ILE F 198 24.81 4.28 -26.73
C ILE F 198 25.81 4.15 -27.87
N ARG F 199 26.36 5.29 -28.28
CA ARG F 199 27.35 5.33 -29.37
C ARG F 199 28.62 4.56 -29.03
N VAL F 200 29.27 4.89 -27.91
CA VAL F 200 30.50 4.18 -27.58
C VAL F 200 30.20 2.71 -27.37
N ALA F 201 28.97 2.42 -26.92
CA ALA F 201 28.56 1.06 -26.67
C ALA F 201 28.33 0.29 -27.97
N SER F 202 27.86 0.97 -29.00
CA SER F 202 27.63 0.30 -30.26
C SER F 202 28.98 -0.04 -30.88
N VAL F 203 29.95 0.84 -30.68
CA VAL F 203 31.28 0.61 -31.23
C VAL F 203 32.06 -0.50 -30.52
N ILE F 204 32.25 -0.37 -29.20
CA ILE F 204 33.01 -1.34 -28.43
C ILE F 204 32.33 -2.68 -28.14
N ILE F 205 31.02 -2.66 -27.95
CA ILE F 205 30.29 -3.89 -27.66
C ILE F 205 29.51 -4.43 -28.84
N HIS F 206 28.60 -3.63 -29.40
CA HIS F 206 27.80 -4.11 -30.50
C HIS F 206 28.58 -4.47 -31.75
N ASP F 207 29.66 -3.77 -32.04
CA ASP F 207 30.44 -4.06 -33.25
C ASP F 207 31.63 -4.98 -33.09
N VAL F 208 32.31 -4.91 -31.94
CA VAL F 208 33.49 -5.75 -31.75
C VAL F 208 33.31 -6.93 -30.80
N ALA F 209 32.81 -6.68 -29.58
CA ALA F 209 32.62 -7.76 -28.62
C ALA F 209 31.61 -8.78 -29.17
N ARG F 210 30.52 -8.28 -29.72
CA ARG F 210 29.48 -9.12 -30.28
C ARG F 210 29.98 -10.14 -31.30
N ASN F 211 31.00 -9.80 -32.08
CA ASN F 211 31.49 -10.78 -33.05
C ASN F 211 32.76 -11.48 -32.57
N ASN F 212 33.01 -11.39 -31.27
CA ASN F 212 34.17 -12.03 -30.66
C ASN F 212 33.68 -12.91 -29.50
N HIS F 213 32.55 -13.59 -29.73
CA HIS F 213 31.95 -14.47 -28.71
C HIS F 213 31.66 -13.70 -27.42
N TYR F 214 31.39 -12.41 -27.59
CA TYR F 214 31.09 -11.53 -26.48
C TYR F 214 32.25 -11.34 -25.51
N ARG F 215 33.45 -11.68 -25.97
CA ARG F 215 34.62 -11.47 -25.15
C ARG F 215 35.01 -10.06 -25.59
N VAL F 216 34.97 -9.12 -24.65
CA VAL F 216 35.27 -7.72 -24.99
C VAL F 216 36.74 -7.44 -25.22
N ASN F 217 37.04 -6.81 -26.36
CA ASN F 217 38.41 -6.43 -26.70
C ASN F 217 38.63 -5.08 -26.04
N GLU F 218 39.66 -5.02 -25.20
CA GLU F 218 39.95 -3.81 -24.45
C GLU F 218 40.91 -2.81 -25.07
N HIS F 219 41.88 -3.31 -25.84
CA HIS F 219 42.90 -2.46 -26.43
C HIS F 219 42.71 -2.15 -27.91
N PHE F 220 42.83 -0.88 -28.25
CA PHE F 220 42.67 -0.43 -29.63
C PHE F 220 43.74 0.60 -29.95
N ASP F 221 44.05 0.75 -31.24
CA ASP F 221 45.03 1.76 -31.67
C ASP F 221 44.25 3.05 -31.94
N THR F 222 44.97 4.10 -32.30
CA THR F 222 44.36 5.41 -32.56
C THR F 222 43.23 5.40 -33.60
N GLN F 223 43.22 4.42 -34.48
CA GLN F 223 42.18 4.32 -35.51
C GLN F 223 41.08 3.39 -35.03
N TRP F 224 41.12 3.08 -33.74
CA TRP F 224 40.15 2.20 -33.12
C TRP F 224 40.16 0.77 -33.68
N ASN F 225 41.33 0.33 -34.13
CA ASN F 225 41.50 -1.02 -34.64
C ASN F 225 41.90 -1.80 -33.39
N PRO F 226 41.28 -2.96 -33.17
CA PRO F 226 41.63 -3.75 -31.99
C PRO F 226 43.05 -4.31 -32.02
N LEU F 227 43.67 -4.34 -30.86
CA LEU F 227 45.02 -4.88 -30.71
C LEU F 227 44.88 -6.06 -29.74
N PRO F 228 44.36 -7.17 -30.25
CA PRO F 228 44.12 -8.42 -29.50
C PRO F 228 45.34 -9.01 -28.81
N ASP F 229 46.53 -8.74 -29.35
CA ASP F 229 47.75 -9.28 -28.78
C ASP F 229 48.47 -8.34 -27.84
N TYR F 230 47.81 -7.24 -27.46
CA TYR F 230 48.40 -6.26 -26.56
C TYR F 230 48.83 -6.97 -25.27
N ASN F 231 50.10 -6.80 -24.89
CA ASN F 231 50.63 -7.42 -23.68
C ASN F 231 50.63 -8.95 -23.69
N LYS F 232 50.55 -9.53 -24.88
CA LYS F 232 50.53 -10.98 -25.00
C LYS F 232 51.77 -11.64 -24.41
N ASP F 233 52.92 -10.99 -24.55
CA ASP F 233 54.17 -11.54 -24.05
C ASP F 233 54.38 -11.33 -22.54
N ASN F 234 53.31 -10.90 -21.86
CA ASN F 234 53.34 -10.68 -20.42
C ASN F 234 51.89 -10.77 -19.91
N PRO F 235 51.25 -11.92 -20.15
CA PRO F 235 49.86 -12.19 -19.75
C PRO F 235 49.54 -11.87 -18.28
N ALA F 236 50.54 -11.97 -17.42
CA ALA F 236 50.36 -11.72 -15.99
C ALA F 236 50.21 -10.26 -15.58
N HIS F 237 50.92 -9.35 -16.25
CA HIS F 237 50.83 -7.94 -15.89
C HIS F 237 49.40 -7.48 -15.72
N ARG F 238 49.12 -6.81 -14.60
CA ARG F 238 47.78 -6.32 -14.34
C ARG F 238 47.41 -5.13 -15.21
N PHE F 239 48.22 -4.08 -15.21
CA PHE F 239 47.91 -2.88 -16.00
C PHE F 239 47.76 -3.21 -17.48
N ARG F 240 46.58 -2.93 -18.02
CA ARG F 240 46.28 -3.22 -19.42
C ARG F 240 46.65 -4.66 -19.71
N ALA F 241 46.11 -5.57 -18.91
CA ALA F 241 46.38 -7.00 -19.04
C ALA F 241 45.93 -7.57 -20.36
N PHE F 242 46.67 -8.57 -20.82
CA PHE F 242 46.35 -9.24 -22.07
C PHE F 242 44.99 -9.93 -21.98
N GLY F 243 44.32 -10.04 -23.13
CA GLY F 243 43.03 -10.71 -23.17
C GLY F 243 41.82 -9.94 -22.68
N GLY F 244 40.80 -10.69 -22.27
CA GLY F 244 39.57 -10.07 -21.80
C GLY F 244 39.39 -10.17 -20.30
N THR F 245 38.68 -9.20 -19.74
CA THR F 245 38.40 -9.17 -18.31
C THR F 245 36.90 -9.36 -18.14
N PRO F 246 36.47 -10.59 -17.82
CA PRO F 246 35.04 -10.89 -17.63
C PRO F 246 34.31 -9.88 -16.75
N GLY F 247 34.99 -9.37 -15.74
CA GLY F 247 34.38 -8.40 -14.86
C GLY F 247 33.86 -7.20 -15.63
N HIS F 248 34.63 -6.78 -16.64
CA HIS F 248 34.23 -5.65 -17.46
C HIS F 248 33.10 -6.02 -18.40
N TRP F 249 33.13 -7.24 -18.92
CA TRP F 249 32.08 -7.69 -19.83
C TRP F 249 30.75 -7.55 -19.11
N ILE F 250 30.71 -8.08 -17.89
CA ILE F 250 29.50 -8.07 -17.10
C ILE F 250 29.06 -6.64 -16.77
N GLU F 251 30.01 -5.73 -16.59
CA GLU F 251 29.66 -4.35 -16.29
C GLU F 251 28.98 -3.71 -17.49
N TRP F 252 29.57 -3.89 -18.66
CA TRP F 252 29.02 -3.34 -19.90
C TRP F 252 27.57 -3.75 -20.11
N GLY F 253 27.25 -4.97 -19.68
CA GLY F 253 25.90 -5.48 -19.84
C GLY F 253 24.88 -4.70 -19.05
N ARG F 254 25.17 -4.44 -17.78
CA ARG F 254 24.25 -3.68 -16.95
C ARG F 254 24.10 -2.28 -17.51
N LEU F 255 25.23 -1.62 -17.81
CA LEU F 255 25.18 -0.26 -18.35
C LEU F 255 24.30 -0.16 -19.59
N MET F 256 24.38 -1.16 -20.47
CA MET F 256 23.55 -1.14 -21.66
C MET F 256 22.09 -1.33 -21.30
N LEU F 257 21.83 -1.94 -20.15
CA LEU F 257 20.45 -2.13 -19.73
C LEU F 257 19.95 -0.81 -19.13
N HIS F 258 20.86 -0.05 -18.55
CA HIS F 258 20.49 1.25 -18.00
C HIS F 258 20.08 2.15 -19.18
N ILE F 259 20.79 2.01 -20.29
CA ILE F 259 20.48 2.78 -21.49
C ILE F 259 19.09 2.36 -21.97
N HIS F 260 18.92 1.05 -22.12
CA HIS F 260 17.67 0.44 -22.54
C HIS F 260 16.50 0.96 -21.71
N ALA F 261 16.69 1.02 -20.39
CA ALA F 261 15.64 1.51 -19.48
C ALA F 261 15.40 3.00 -19.69
N ALA F 262 16.47 3.73 -20.00
CA ALA F 262 16.37 5.17 -20.21
C ALA F 262 15.52 5.47 -21.45
N LEU F 263 15.64 4.65 -22.49
CA LEU F 263 14.86 4.87 -23.69
C LEU F 263 13.38 4.56 -23.45
N GLU F 264 13.10 3.51 -22.70
CA GLU F 264 11.71 3.14 -22.40
C GLU F 264 11.06 4.20 -21.52
N ALA F 265 11.82 4.71 -20.55
CA ALA F 265 11.30 5.74 -19.66
C ALA F 265 10.71 6.90 -20.43
N ARG F 266 11.29 7.23 -21.57
CA ARG F 266 10.79 8.33 -22.39
C ARG F 266 9.97 7.87 -23.61
N CYS F 267 9.31 6.72 -23.44
CA CYS F 267 8.45 6.15 -24.47
C CYS F 267 9.13 5.94 -25.82
N GLU F 268 10.36 5.42 -25.79
CA GLU F 268 11.09 5.17 -27.01
C GLU F 268 11.57 3.72 -27.04
N GLN F 269 11.01 2.92 -27.95
CA GLN F 269 11.40 1.51 -28.06
C GLN F 269 12.91 1.40 -28.20
N PRO F 270 13.58 0.80 -27.21
CA PRO F 270 15.03 0.67 -27.30
C PRO F 270 15.49 -0.30 -28.37
N PRO F 271 16.63 -0.02 -29.01
CA PRO F 271 17.14 -0.91 -30.06
C PRO F 271 17.30 -2.27 -29.37
N ALA F 272 16.84 -3.33 -30.02
CA ALA F 272 16.92 -4.67 -29.45
C ALA F 272 18.33 -5.16 -29.13
N TRP F 273 19.35 -4.64 -29.82
CA TRP F 273 20.70 -5.13 -29.55
C TRP F 273 21.20 -4.85 -28.13
N LEU F 274 20.59 -3.88 -27.43
CA LEU F 274 21.01 -3.57 -26.07
C LEU F 274 20.80 -4.77 -25.16
N LEU F 275 19.59 -5.34 -25.22
CA LEU F 275 19.28 -6.51 -24.41
C LEU F 275 20.05 -7.73 -24.91
N GLU F 276 20.06 -7.93 -26.23
CA GLU F 276 20.77 -9.07 -26.82
C GLU F 276 22.23 -9.13 -26.39
N ASP F 277 22.90 -7.98 -26.47
CA ASP F 277 24.31 -7.94 -26.11
C ASP F 277 24.51 -8.09 -24.63
N ALA F 278 23.57 -7.59 -23.84
CA ALA F 278 23.68 -7.70 -22.38
C ALA F 278 23.62 -9.18 -22.03
N LYS F 279 22.71 -9.91 -22.69
CA LYS F 279 22.59 -11.35 -22.45
C LYS F 279 23.88 -12.06 -22.85
N GLY F 280 24.38 -11.75 -24.05
CA GLY F 280 25.60 -12.38 -24.53
C GLY F 280 26.79 -12.19 -23.59
N LEU F 281 27.00 -10.94 -23.16
CA LEU F 281 28.09 -10.61 -22.26
C LEU F 281 27.95 -11.37 -20.96
N PHE F 282 26.73 -11.42 -20.42
CA PHE F 282 26.50 -12.13 -19.17
C PHE F 282 26.81 -13.60 -19.38
N ASN F 283 26.30 -14.16 -20.48
CA ASN F 283 26.51 -15.56 -20.81
C ASN F 283 28.00 -15.88 -21.03
N ALA F 284 28.70 -14.99 -21.72
CA ALA F 284 30.11 -15.20 -21.96
C ALA F 284 30.88 -15.22 -20.65
N THR F 285 30.44 -14.41 -19.68
CA THR F 285 31.11 -14.33 -18.39
C THR F 285 30.99 -15.63 -17.59
N VAL F 286 29.79 -16.19 -17.50
CA VAL F 286 29.62 -17.43 -16.77
C VAL F 286 30.30 -18.55 -17.55
N ARG F 287 30.21 -18.49 -18.88
CA ARG F 287 30.82 -19.48 -19.77
C ARG F 287 32.32 -19.66 -19.59
N ASP F 288 33.07 -18.57 -19.58
CA ASP F 288 34.53 -18.67 -19.43
C ASP F 288 35.11 -18.38 -18.04
N ALA F 289 34.52 -17.42 -17.35
CA ALA F 289 35.04 -16.98 -16.06
C ALA F 289 34.52 -17.56 -14.77
N TRP F 290 33.38 -18.25 -14.80
CA TRP F 290 32.85 -18.80 -13.55
C TRP F 290 33.26 -20.24 -13.28
N ALA F 291 33.92 -20.44 -12.14
CA ALA F 291 34.38 -21.77 -11.71
C ALA F 291 34.97 -22.60 -12.85
N PRO F 292 35.87 -22.00 -13.64
CA PRO F 292 36.48 -22.72 -14.76
C PRO F 292 37.70 -23.58 -14.44
N ASP F 293 38.31 -23.39 -13.26
CA ASP F 293 39.52 -24.14 -12.91
C ASP F 293 39.47 -25.07 -11.70
N GLY F 294 38.34 -25.73 -11.46
CA GLY F 294 38.26 -26.65 -10.33
C GLY F 294 37.83 -26.03 -9.00
N ALA F 295 37.44 -24.76 -9.01
CA ALA F 295 37.00 -24.07 -7.81
C ALA F 295 36.06 -22.94 -8.21
N ASP F 296 35.25 -22.47 -7.27
CA ASP F 296 34.31 -21.40 -7.53
C ASP F 296 34.94 -20.01 -7.59
N GLY F 297 34.19 -19.05 -8.15
CA GLY F 297 34.67 -17.69 -8.29
C GLY F 297 34.79 -17.23 -9.73
N ILE F 298 34.93 -15.92 -9.92
CA ILE F 298 35.07 -15.36 -11.27
C ILE F 298 36.54 -15.00 -11.48
N VAL F 299 37.21 -15.70 -12.38
CA VAL F 299 38.63 -15.44 -12.66
C VAL F 299 38.79 -14.01 -13.16
N TYR F 300 40.02 -13.51 -13.23
CA TYR F 300 40.24 -12.13 -13.64
C TYR F 300 40.30 -11.93 -15.15
N THR F 301 41.13 -12.70 -15.84
CA THR F 301 41.25 -12.57 -17.29
C THR F 301 41.26 -13.93 -17.98
N VAL F 302 40.91 -13.92 -19.27
CA VAL F 302 40.89 -15.13 -20.08
C VAL F 302 41.40 -14.77 -21.48
N ASP F 303 41.95 -15.74 -22.20
CA ASP F 303 42.45 -15.45 -23.54
C ASP F 303 41.33 -15.41 -24.57
N TRP F 304 41.71 -15.36 -25.83
CA TRP F 304 40.73 -15.29 -26.90
C TRP F 304 40.14 -16.65 -27.20
N GLU F 305 40.49 -17.62 -26.35
CA GLU F 305 39.98 -18.97 -26.47
C GLU F 305 38.99 -19.17 -25.32
N GLY F 306 39.01 -18.23 -24.38
CA GLY F 306 38.15 -18.32 -23.23
C GLY F 306 38.87 -19.00 -22.09
N LYS F 307 40.16 -19.25 -22.29
CA LYS F 307 40.98 -19.92 -21.30
C LYS F 307 41.56 -18.94 -20.29
N PRO F 308 41.34 -19.20 -18.99
CA PRO F 308 41.83 -18.35 -17.90
C PRO F 308 43.33 -18.04 -17.93
N VAL F 309 43.68 -16.77 -17.74
CA VAL F 309 45.08 -16.35 -17.71
C VAL F 309 45.38 -16.01 -16.25
N VAL F 310 44.82 -14.91 -15.76
CA VAL F 310 45.01 -14.52 -14.38
C VAL F 310 43.83 -15.14 -13.61
N ARG F 311 44.14 -16.13 -12.77
CA ARG F 311 43.10 -16.83 -12.04
C ARG F 311 42.70 -16.31 -10.67
N GLU F 312 43.36 -15.25 -10.20
CA GLU F 312 43.00 -14.67 -8.91
C GLU F 312 41.57 -14.13 -9.00
N ARG F 313 40.80 -14.30 -7.94
CA ARG F 313 39.43 -13.81 -7.94
C ARG F 313 39.42 -12.44 -7.27
N VAL F 314 39.38 -11.38 -8.07
CA VAL F 314 39.33 -10.03 -7.53
C VAL F 314 37.89 -9.80 -7.07
N ARG F 315 37.70 -8.96 -6.04
CA ARG F 315 36.37 -8.72 -5.52
C ARG F 315 35.32 -8.10 -6.46
N TRP F 316 35.69 -7.05 -7.18
CA TRP F 316 34.70 -6.37 -8.01
C TRP F 316 34.01 -7.12 -9.15
N PRO F 317 34.70 -8.06 -9.81
CA PRO F 317 34.01 -8.76 -10.90
C PRO F 317 32.74 -9.51 -10.50
N ILE F 318 32.80 -10.28 -9.41
CA ILE F 318 31.63 -11.01 -9.00
C ILE F 318 30.58 -10.05 -8.43
N VAL F 319 31.06 -8.93 -7.88
CA VAL F 319 30.16 -7.92 -7.34
C VAL F 319 29.33 -7.36 -8.50
N GLU F 320 29.99 -7.03 -9.60
CA GLU F 320 29.31 -6.49 -10.78
C GLU F 320 28.41 -7.54 -11.40
N ALA F 321 28.89 -8.78 -11.47
CA ALA F 321 28.09 -9.87 -12.02
C ALA F 321 26.72 -9.94 -11.34
N MET F 322 26.70 -9.66 -10.04
CA MET F 322 25.44 -9.69 -9.30
C MET F 322 24.54 -8.53 -9.70
N GLY F 323 25.13 -7.36 -9.88
CA GLY F 323 24.34 -6.20 -10.29
C GLY F 323 23.69 -6.47 -11.63
N THR F 324 24.48 -7.01 -12.55
CA THR F 324 23.99 -7.32 -13.88
C THR F 324 22.93 -8.42 -13.82
N ALA F 325 23.15 -9.41 -12.96
CA ALA F 325 22.18 -10.49 -12.80
C ALA F 325 20.84 -9.86 -12.43
N TYR F 326 20.89 -8.84 -11.57
CA TYR F 326 19.68 -8.13 -11.18
C TYR F 326 19.07 -7.40 -12.37
N ALA F 327 19.91 -6.69 -13.12
CA ALA F 327 19.44 -5.95 -14.29
C ALA F 327 18.74 -6.85 -15.30
N LEU F 328 19.41 -7.94 -15.70
CA LEU F 328 18.82 -8.86 -16.67
C LEU F 328 17.51 -9.44 -16.16
N TYR F 329 17.49 -9.81 -14.89
CA TYR F 329 16.28 -10.36 -14.30
C TYR F 329 15.16 -9.33 -14.38
N THR F 330 15.49 -8.08 -14.06
CA THR F 330 14.52 -7.00 -14.05
C THR F 330 13.87 -6.76 -15.40
N VAL F 331 14.65 -6.92 -16.47
CA VAL F 331 14.15 -6.71 -17.83
C VAL F 331 13.49 -7.95 -18.41
N THR F 332 14.12 -9.12 -18.25
CA THR F 332 13.62 -10.36 -18.81
C THR F 332 12.71 -11.16 -17.90
N GLY F 333 12.88 -11.05 -16.59
CA GLY F 333 12.05 -11.79 -15.67
C GLY F 333 12.50 -13.25 -15.55
N ASP F 334 13.57 -13.59 -16.26
CA ASP F 334 14.12 -14.95 -16.23
C ASP F 334 14.69 -15.23 -14.85
N ARG F 335 14.07 -16.17 -14.13
CA ARG F 335 14.49 -16.53 -12.77
C ARG F 335 15.93 -17.06 -12.69
N GLN F 336 16.44 -17.56 -13.81
CA GLN F 336 17.80 -18.09 -13.83
C GLN F 336 18.79 -17.01 -13.40
N TYR F 337 18.48 -15.77 -13.72
CA TYR F 337 19.35 -14.67 -13.36
C TYR F 337 19.41 -14.50 -11.85
N GLU F 338 18.29 -14.78 -11.20
CA GLU F 338 18.22 -14.69 -9.75
C GLU F 338 19.05 -15.81 -9.12
N THR F 339 18.96 -17.02 -9.70
CA THR F 339 19.73 -18.15 -9.19
C THR F 339 21.23 -17.82 -9.21
N TRP F 340 21.68 -17.17 -10.28
CA TRP F 340 23.10 -16.80 -10.34
C TRP F 340 23.38 -15.76 -9.27
N TYR F 341 22.46 -14.83 -9.11
CA TYR F 341 22.59 -13.80 -8.10
C TYR F 341 22.79 -14.44 -6.72
N GLN F 342 21.99 -15.46 -6.43
CA GLN F 342 22.05 -16.17 -5.15
C GLN F 342 23.30 -17.01 -5.02
N THR F 343 23.67 -17.68 -6.11
CA THR F 343 24.87 -18.50 -6.11
C THR F 343 26.05 -17.61 -5.74
N TRP F 344 26.10 -16.43 -6.36
CA TRP F 344 27.17 -15.49 -6.11
C TRP F 344 27.16 -14.86 -4.70
N TRP F 345 25.98 -14.62 -4.14
CA TRP F 345 25.90 -14.05 -2.78
C TRP F 345 26.37 -15.10 -1.79
N GLU F 346 26.10 -16.37 -2.08
CA GLU F 346 26.53 -17.45 -1.21
C GLU F 346 28.04 -17.50 -1.17
N TYR F 347 28.64 -17.31 -2.34
CA TYR F 347 30.08 -17.31 -2.51
C TYR F 347 30.67 -16.09 -1.80
N CYS F 348 30.07 -14.93 -2.03
CA CYS F 348 30.57 -13.69 -1.44
C CYS F 348 30.62 -13.68 0.08
N ILE F 349 29.54 -14.07 0.75
CA ILE F 349 29.54 -14.06 2.20
C ILE F 349 30.50 -15.09 2.77
N LYS F 350 30.78 -16.12 1.99
CA LYS F 350 31.67 -17.17 2.46
C LYS F 350 33.15 -16.85 2.34
N TYR F 351 33.56 -16.27 1.21
CA TYR F 351 34.97 -15.95 1.01
C TYR F 351 35.37 -14.48 0.89
N LEU F 352 34.41 -13.60 0.63
CA LEU F 352 34.75 -12.18 0.45
C LEU F 352 34.43 -11.23 1.60
N MET F 353 33.26 -11.37 2.20
CA MET F 353 32.88 -10.47 3.28
C MET F 353 33.76 -10.58 4.52
N ASP F 354 34.25 -9.45 5.01
CA ASP F 354 35.12 -9.46 6.19
C ASP F 354 34.46 -8.72 7.35
N TYR F 355 33.72 -9.46 8.18
CA TYR F 355 33.07 -8.88 9.34
C TYR F 355 34.08 -8.57 10.43
N GLU F 356 35.20 -9.27 10.41
CA GLU F 356 36.23 -9.07 11.43
C GLU F 356 37.03 -7.78 11.26
N ASN F 357 37.60 -7.56 10.08
CA ASN F 357 38.39 -6.37 9.82
C ASN F 357 37.61 -5.27 9.13
N GLY F 358 36.42 -5.60 8.63
CA GLY F 358 35.60 -4.60 7.96
C GLY F 358 35.55 -4.70 6.44
N SER F 359 34.44 -4.26 5.87
CA SER F 359 34.24 -4.28 4.43
C SER F 359 34.39 -5.69 3.87
N TRP F 360 34.93 -5.81 2.66
CA TRP F 360 35.14 -7.09 1.98
C TRP F 360 36.63 -7.21 1.61
N TRP F 361 37.12 -8.43 1.43
CA TRP F 361 38.51 -8.60 1.03
C TRP F 361 38.64 -8.10 -0.42
N GLN F 362 39.85 -7.78 -0.85
CA GLN F 362 40.05 -7.27 -2.21
C GLN F 362 40.39 -8.33 -3.25
N GLU F 363 41.18 -9.33 -2.89
CA GLU F 363 41.58 -10.34 -3.85
C GLU F 363 41.94 -11.68 -3.20
N LEU F 364 41.53 -12.77 -3.85
CA LEU F 364 41.81 -14.12 -3.36
C LEU F 364 42.57 -14.87 -4.45
N ASP F 365 43.32 -15.90 -4.06
CA ASP F 365 44.02 -16.68 -5.07
C ASP F 365 43.02 -17.61 -5.76
N ALA F 366 43.51 -18.47 -6.65
CA ALA F 366 42.62 -19.38 -7.36
C ALA F 366 41.88 -20.39 -6.49
N ASP F 367 42.27 -20.51 -5.23
CA ASP F 367 41.61 -21.44 -4.32
C ASP F 367 40.69 -20.71 -3.35
N ASN F 368 40.47 -19.44 -3.64
CA ASN F 368 39.60 -18.58 -2.83
C ASN F 368 40.10 -18.29 -1.42
N LYS F 369 41.42 -18.27 -1.25
CA LYS F 369 42.05 -17.95 0.03
C LYS F 369 42.56 -16.52 -0.08
N VAL F 370 42.45 -15.78 1.01
CA VAL F 370 42.90 -14.38 1.02
C VAL F 370 44.39 -14.22 0.76
N THR F 371 44.74 -13.16 0.04
CA THR F 371 46.12 -12.84 -0.29
C THR F 371 46.35 -11.37 0.02
N THR F 372 47.57 -11.01 0.38
CA THR F 372 47.90 -9.62 0.71
C THR F 372 49.14 -9.16 -0.05
N GLY F 377 45.04 -3.01 -0.39
CA GLY F 377 44.13 -3.03 0.74
C GLY F 377 42.66 -3.16 0.38
N LYS F 378 41.84 -2.26 0.92
CA LYS F 378 40.41 -2.24 0.67
C LYS F 378 40.04 -0.80 0.35
N GLN F 379 40.69 -0.29 -0.69
CA GLN F 379 40.51 1.09 -1.12
C GLN F 379 39.21 1.45 -1.84
N ASP F 380 38.34 0.48 -2.09
CA ASP F 380 37.10 0.79 -2.78
C ASP F 380 35.83 0.24 -2.14
N ILE F 381 34.74 0.99 -2.27
CA ILE F 381 33.44 0.56 -1.78
C ILE F 381 32.43 0.93 -2.85
N TYR F 382 32.90 1.66 -3.86
CA TYR F 382 32.08 2.12 -4.97
C TYR F 382 31.37 0.98 -5.72
N HIS F 383 32.11 -0.09 -6.03
CA HIS F 383 31.56 -1.25 -6.74
C HIS F 383 30.45 -1.93 -5.93
N LEU F 384 30.62 -1.96 -4.62
CA LEU F 384 29.68 -2.60 -3.71
C LEU F 384 28.23 -2.09 -3.78
N LEU F 385 28.02 -0.85 -4.19
CA LEU F 385 26.67 -0.31 -4.28
C LEU F 385 25.91 -0.95 -5.43
N HIS F 386 26.67 -1.49 -6.40
CA HIS F 386 26.05 -2.13 -7.56
C HIS F 386 25.40 -3.48 -7.22
N CYS F 387 25.77 -4.04 -6.08
CA CYS F 387 25.16 -5.30 -5.65
C CYS F 387 24.40 -5.11 -4.33
N LEU F 388 24.45 -3.89 -3.78
CA LEU F 388 23.75 -3.57 -2.52
C LEU F 388 22.56 -2.61 -2.72
N VAL F 389 22.73 -1.61 -3.58
CA VAL F 389 21.67 -0.64 -3.83
C VAL F 389 20.93 -0.88 -5.14
N ILE F 390 21.67 -1.14 -6.21
CA ILE F 390 21.06 -1.39 -7.51
C ILE F 390 19.89 -2.38 -7.49
N PRO F 391 20.03 -3.49 -6.74
CA PRO F 391 18.94 -4.47 -6.69
C PRO F 391 17.66 -3.94 -5.98
N ARG F 392 17.73 -2.73 -5.45
CA ARG F 392 16.60 -2.15 -4.73
C ARG F 392 15.83 -1.09 -5.52
N ILE F 393 16.40 -0.67 -6.65
CA ILE F 393 15.77 0.37 -7.46
C ILE F 393 15.65 -0.03 -8.92
N PRO F 394 14.78 0.67 -9.66
CA PRO F 394 14.59 0.38 -11.08
C PRO F 394 15.86 0.75 -11.87
N LEU F 395 15.96 0.27 -13.11
CA LEU F 395 17.13 0.55 -13.92
C LEU F 395 17.15 1.98 -14.45
N ALA F 396 16.03 2.67 -14.31
CA ALA F 396 15.93 4.06 -14.74
C ALA F 396 15.09 4.84 -13.74
N PRO F 397 15.56 6.03 -13.32
CA PRO F 397 16.84 6.59 -13.78
C PRO F 397 18.00 5.94 -13.04
N GLY F 398 19.19 6.50 -13.20
CA GLY F 398 20.37 5.96 -12.54
C GLY F 398 20.28 5.88 -11.03
N MET F 399 21.25 5.22 -10.41
CA MET F 399 21.26 5.01 -8.96
C MET F 399 21.05 6.26 -8.11
N ALA F 400 21.98 7.20 -8.12
CA ALA F 400 21.83 8.39 -7.31
C ALA F 400 20.47 9.06 -7.61
N PRO F 401 20.17 9.30 -8.89
CA PRO F 401 18.86 9.93 -9.18
C PRO F 401 17.67 9.11 -8.65
N ALA F 402 17.68 7.80 -8.85
CA ALA F 402 16.58 6.97 -8.38
C ALA F 402 16.43 6.99 -6.86
N VAL F 403 17.54 6.89 -6.14
CA VAL F 403 17.48 6.91 -4.68
C VAL F 403 17.03 8.30 -4.23
N ALA F 404 17.53 9.32 -4.94
CA ALA F 404 17.18 10.71 -4.63
C ALA F 404 15.71 11.00 -4.93
N ALA F 405 15.13 10.28 -5.89
CA ALA F 405 13.73 10.50 -6.24
C ALA F 405 12.84 9.67 -5.32
N GLY F 406 13.45 8.95 -4.37
CA GLY F 406 12.69 8.13 -3.45
C GLY F 406 12.18 6.81 -3.99
N LEU F 407 12.91 6.21 -4.94
CA LEU F 407 12.51 4.94 -5.57
C LEU F 407 13.04 3.69 -4.89
N LEU F 408 13.74 3.86 -3.78
CA LEU F 408 14.30 2.74 -3.03
C LEU F 408 13.17 1.77 -2.61
N ASP F 409 13.28 0.51 -3.03
CA ASP F 409 12.28 -0.53 -2.73
C ASP F 409 10.93 -0.34 -3.42
N ILE F 410 10.83 0.61 -4.34
CA ILE F 410 9.57 0.86 -5.02
C ILE F 410 8.87 -0.40 -5.53
N ASN F 411 9.66 -1.41 -5.87
CA ASN F 411 9.10 -2.66 -6.40
C ASN F 411 9.08 -3.84 -5.42
N ALA F 412 9.60 -3.65 -4.21
CA ALA F 412 9.65 -4.72 -3.23
C ALA F 412 8.37 -4.86 -2.40
N LYS F 413 8.20 -6.05 -1.81
CA LYS F 413 7.04 -6.35 -0.96
C LYS F 413 7.53 -7.18 0.22
#